data_7NIL
#
_entry.id   7NIL
#
_cell.length_a   1.00
_cell.length_b   1.00
_cell.length_c   1.00
_cell.angle_alpha   90.00
_cell.angle_beta   90.00
_cell.angle_gamma   90.00
#
_symmetry.space_group_name_H-M   'P 1'
#
loop_
_entity.id
_entity.type
_entity.pdbx_description
1 polymer 'Polymerase acidic protein'
2 polymer 'RNA-directed RNA polymerase catalytic subunit'
3 polymer 'Polymerase basic protein 2,Immunoglobulin G-binding protein A'
4 polymer "RNA (5'-R(P*GP*GP*CP*CP*UP*GP*CP*U)-3')"
5 polymer "RNA (5'-R(P*AP*GP*UP*AP*GP*AP*AP*AP*CP*AP*AP*GP*GP*CP*C)-3')"
6 polymer 'Nanobody8190 core'
#
loop_
_entity_poly.entity_id
_entity_poly.type
_entity_poly.pdbx_seq_one_letter_code
_entity_poly.pdbx_strand_id
1 'polypeptide(L)'
;MEDFVRQCFNPMIVELAEKAMKEYGEDLKIETNKFAAICTHLEVCFMYSDFHFINERGESIIVESGDPNALLKHRFEIIE
GRDRTMAWTVVNSICNTTGAEKPKFLPDLYDYKENRFIEIGVTRREVHIYYLEKANKIKSEKTHIHIFSFTGEEMATKAD
YTLDEESRARIKTRLFTIRQEMASRGLWDSFRQSERGEETIEERFEITGTMRRLADQSLPPNFSSLENFRAYVDGFEPNG
YIEGKLSQMSKEVNARIEPFLKTTPRPLRLPDGPPCSQRSKFLLMDALKLSIEDPSHEGEGIPLYDAIKCMRTFFGWKEP
NVVKPHEKGINPNYLLAWKQVLAELQDIENEEKIPKTKNMKKTSQLKWALGENMAPEKVDFDDCKDVSDLKQYDSDEPEL
RSLASWIQSEFNKACELTDSSWIELDEIGEDVAPIEHIASMRRNYFTAEVSHCRATEYIMKGVYINTALLNASCAAMDDF
QLIPMISKCRTKEGRRKTNLYGFIIKGRSHLRNDTDVVNFVSMEFSLTDPRLEPHKWEKYCVLEIGDMLLRSAIGQVSRP
MFLYVRTNGTSKIKMKWGMEMRRCLLQSLQQIESMIEAESSVKEKDMTKEFFENKSETWPIGESPKGVEEGSIGKVCRTL
LAKSVFNSLYASPQLEGFSAESRKLLLIVQALRDNLEPGTFDLGGLYEAIEECLINDPWVLLNASWFNSFLTHALR
;
A
2 'polypeptide(L)'
;MDVNPTLLFLKVPAQNAISTTFPYTGDPPYSHGTGTGYTMDTVNRTHQYSEKGRWTTNTETGAPQLNPIDGPLPEDNEPS
GYAQTDCVLEAMAFLEESHPGIFENSCLETMEVVQQTRVDKLTQGRQTYDWTLNRNQPAATALANTIEVFRSNGLTANES
GRLIDFLKDVMESMDKEEMEITTHFQRKRRVRDNMTKKMVTQRTIGKKKQRLNKRSYLIRALTLNTMTKDAERGKLKRRA
IATPGMQIRGFVYFVETLARSICEKLEQSGLPVGGNEKKAKLANVVRKMMTNSQDTELSFTITGDNTKWNENQNPRMFLA
MITYITRNQPEWFRNVLSIAPIMFSNKMARLGKGYMFESKSMKLRTQIPAEMLASIDLKYFNDSTRKKIEKIRPLLIDGT
ASLSPGMMMGMFNMLSTVLGVSILNLGQKRYTKTTYWWDGLQSSDDFALIVNAPNHEGIQAGVDRFYRTCKLLGINMSKK
KSYINRTGTFEFTSFFYRYGFVANFSMELPSFGVSGINESADMSIGVTVIKNNMINNDLGPATAQMALQLFIKDYRYTYR
CHRGDTQIQTRRSFEIKKLWEQTRSKAGLLVSDGGPNLYNIRNLHIPEVCLKWELMDEDYQGRLCNPLNPFVSHKEIESV
NNAVMMPAHGPAKNMEYDAVATTHSWIPKRNRSILNTSQRGILEDEQMYQKCCNLFEKFFPSSSYRRPVGISSMVEAMVS
RARIDARIDFESGRIKKEEFAEIMKICSTIEELRRQK
;
B
3 'polypeptide(L)'
;MERIKELRDLMSQSRTREILTKTTVDHMAIIKKYTSGRQEKNPALRMKWMMAMKYPITADKRIMEMIPERNEQGQTLWSK
TNDAGSDRVMVSPLAVTWWNRNGPTTSAVHYPKIYKTYFEKVERLKHGTFGPVHFRNQVKIRRRVDINPGHADLSAKEAQ
DVIMEVVFPNEVGARILTSESQLTITKEKKEELQDCKISPLMVAYMLERELVRKTRFLPVAGGTSSVYIEVLHLTQGTCW
EQMYTPGGEVRNDDVDQSLIIAARNIVRRATVSADPLASLLEMCHSTQIGGIRMVDILRQNPTEEQAVDICKAAMGLRIS
SSFSFGGFTFKRTSGSSVKREEEVLTGNLQTLKIRVHEGYEEFTMVGRRATAILRKATRRLIQLIVSGRDEQSIAEAIIV
AMVFSQEDCMIKAVRGDLNFVNRANQRLNPMHQLLRHFQKDAKVLFQNWGIEPIDNVMGMIGILPDMTPSTEMSMRGVRV
SKMGVDEYSSTERVVVSIDRFLRVRDQRGNVLLSPEEVSETQGTEKLTITYSSSMMWEVNGPESVLVNTYQWIIRNWETV
KIQWSQNPTMLYNKMEFEPFQSLVPKAARGQYSGFVRTLFQQMRDVLGTFDTVQIIKLLPFAAAPPKQSRMQFSSLTVNV
RGSGMRILVRGNSPVFNYNKATKRLTVLGKDAGALTEDPDEGTAGVESAVLRGFLILGKEDRRYGPALSINELSNLAKGE
KANVLIGQGDVVLVMKRKRDSSILTDSQTATKRIRMAINENLYFQGELKTAALAQHDEAVDNKFNKEQQNAFYEILHLPN
LNEEQRNAFIQSLKDDPSQSANLLAEAKKLNDAQAPKVDNKFNKEQQNAFYEILHLPNLNEEQRNAFIQSLKADPSQSAN
LLAEAKKLNGAQAPKVDANSAGKST
;
C
4 'polyribonucleotide' GGCCUGCUUUUGCUAUU E
5 'polyribonucleotide' AGUAGAAACAAGGCC D
6 'polypeptide(L)'
;QVQLQESGGGLVQAGGSLRLSCAASGRSLSDYTMGWFRQAPGKEREFVTAITSDGVYANYADSVKGRFTISRDNAKNTAY
LQMNSLKPEDTAVYYCAGKTRRSMLMTTGYDYWGQGTQVTVSSHHHHHHEPEA
;
F
#
# COMPACT_ATOMS: atom_id res chain seq x y z
N THR A 200 43.09 -17.78 21.62
CA THR A 200 42.24 -18.82 21.07
C THR A 200 41.02 -18.96 21.96
N ILE A 201 39.89 -19.29 21.35
CA ILE A 201 38.65 -19.48 22.07
C ILE A 201 37.70 -20.27 21.18
N GLU A 202 36.84 -21.07 21.81
CA GLU A 202 35.84 -21.86 21.11
C GLU A 202 34.46 -21.39 21.57
N GLU A 203 33.59 -21.09 20.61
CA GLU A 203 32.25 -20.62 20.94
C GLU A 203 31.39 -21.80 21.39
N ARG A 204 30.70 -21.63 22.51
CA ARG A 204 29.93 -22.70 23.13
C ARG A 204 28.48 -22.25 23.26
N PHE A 205 27.58 -22.95 22.57
CA PHE A 205 26.15 -22.69 22.64
C PHE A 205 25.48 -24.03 22.98
N GLU A 206 25.35 -24.29 24.28
CA GLU A 206 24.92 -25.59 24.78
C GLU A 206 23.44 -25.55 25.15
N ILE A 207 22.69 -26.52 24.63
CA ILE A 207 21.30 -26.70 25.02
C ILE A 207 21.26 -27.59 26.25
N THR A 208 20.70 -27.07 27.34
CA THR A 208 20.65 -27.81 28.59
C THR A 208 19.50 -27.28 29.43
N GLY A 209 19.15 -28.05 30.46
CA GLY A 209 18.07 -27.64 31.33
C GLY A 209 16.71 -27.76 30.63
N THR A 210 15.80 -26.87 31.04
CA THR A 210 14.44 -26.93 30.51
C THR A 210 14.44 -26.88 28.99
N MET A 211 15.26 -26.00 28.41
CA MET A 211 15.25 -25.85 26.95
C MET A 211 15.64 -27.14 26.25
N ARG A 212 16.39 -28.02 26.91
CA ARG A 212 16.68 -29.32 26.31
C ARG A 212 15.43 -30.20 26.29
N ARG A 213 14.66 -30.21 27.37
CA ARG A 213 13.45 -31.02 27.41
C ARG A 213 12.46 -30.58 26.34
N LEU A 214 12.33 -29.27 26.14
CA LEU A 214 11.50 -28.78 25.04
C LEU A 214 11.98 -29.34 23.71
N ALA A 215 13.29 -29.44 23.52
CA ALA A 215 13.82 -30.01 22.29
C ALA A 215 13.44 -31.48 22.16
N ASP A 216 13.29 -32.18 23.28
CA ASP A 216 12.88 -33.58 23.25
C ASP A 216 11.39 -33.74 22.95
N GLN A 217 10.61 -32.67 23.00
CA GLN A 217 9.18 -32.72 22.74
C GLN A 217 8.81 -32.02 21.42
N SER A 218 9.80 -31.77 20.56
CA SER A 218 9.57 -31.12 19.27
C SER A 218 10.13 -31.97 18.15
N LEU A 219 10.00 -33.28 18.27
CA LEU A 219 10.48 -34.26 17.31
C LEU A 219 9.31 -35.00 16.67
N PRO A 220 9.58 -35.77 15.61
CA PRO A 220 8.53 -36.61 15.03
C PRO A 220 7.97 -37.56 16.08
N PRO A 221 6.83 -38.21 15.80
CA PRO A 221 6.14 -38.95 16.86
C PRO A 221 6.98 -40.07 17.48
N ASN A 222 7.81 -40.74 16.69
CA ASN A 222 8.53 -41.93 17.14
C ASN A 222 10.00 -41.65 17.44
N PHE A 223 10.30 -40.47 17.99
CA PHE A 223 11.66 -40.13 18.42
C PHE A 223 11.62 -39.72 19.89
N SER A 224 12.71 -40.01 20.59
CA SER A 224 12.78 -39.80 22.03
C SER A 224 13.71 -38.68 22.46
N SER A 225 14.70 -38.31 21.67
CA SER A 225 15.65 -37.29 22.07
C SER A 225 16.19 -36.59 20.83
N LEU A 226 16.60 -35.33 21.01
CA LEU A 226 17.19 -34.59 19.90
C LEU A 226 18.48 -35.24 19.43
N GLU A 227 19.24 -35.84 20.34
CA GLU A 227 20.45 -36.56 19.95
C GLU A 227 20.12 -37.66 18.96
N ASN A 228 19.12 -38.49 19.28
CA ASN A 228 18.78 -39.61 18.41
C ASN A 228 18.26 -39.11 17.07
N PHE A 229 17.43 -38.07 17.07
CA PHE A 229 16.89 -37.56 15.82
C PHE A 229 17.99 -36.98 14.94
N ARG A 230 18.93 -36.24 15.53
CA ARG A 230 20.04 -35.71 14.74
C ARG A 230 20.92 -36.84 14.20
N ALA A 231 21.15 -37.87 15.00
CA ALA A 231 21.91 -39.02 14.51
C ALA A 231 21.20 -39.67 13.33
N TYR A 232 19.88 -39.84 13.44
CA TYR A 232 19.11 -40.42 12.33
C TYR A 232 19.19 -39.55 11.09
N VAL A 233 19.09 -38.23 11.26
CA VAL A 233 19.16 -37.33 10.10
C VAL A 233 20.53 -37.44 9.45
N ASP A 234 21.59 -37.42 10.25
CA ASP A 234 22.94 -37.54 9.70
C ASP A 234 23.13 -38.86 8.97
N GLY A 235 22.55 -39.94 9.49
CA GLY A 235 22.62 -41.23 8.84
C GLY A 235 21.60 -41.45 7.75
N PHE A 236 20.70 -40.50 7.53
CA PHE A 236 19.67 -40.65 6.52
C PHE A 236 20.24 -40.39 5.13
N GLU A 237 19.83 -41.22 4.17
CA GLU A 237 20.18 -41.04 2.78
C GLU A 237 18.96 -41.38 1.93
N PRO A 238 18.79 -40.75 0.77
CA PRO A 238 17.59 -41.02 -0.04
C PRO A 238 17.60 -42.44 -0.59
N ASN A 239 16.52 -43.16 -0.33
CA ASN A 239 16.36 -44.53 -0.79
C ASN A 239 14.96 -44.74 -1.35
N GLY A 240 14.47 -43.78 -2.14
CA GLY A 240 13.17 -43.90 -2.76
C GLY A 240 12.03 -44.05 -1.77
N TYR A 241 11.86 -43.06 -0.89
CA TYR A 241 10.78 -43.07 0.08
C TYR A 241 9.56 -42.29 -0.39
N ILE A 242 9.74 -41.27 -1.22
CA ILE A 242 8.60 -40.55 -1.77
C ILE A 242 7.79 -41.47 -2.69
N GLU A 243 8.48 -42.31 -3.47
CA GLU A 243 7.79 -43.20 -4.39
C GLU A 243 6.93 -44.21 -3.62
N GLY A 244 7.45 -44.76 -2.53
CA GLY A 244 6.69 -45.73 -1.77
C GLY A 244 5.39 -45.16 -1.24
N LYS A 245 5.46 -43.98 -0.63
CA LYS A 245 4.25 -43.38 -0.08
C LYS A 245 3.32 -42.89 -1.19
N LEU A 246 3.87 -42.44 -2.32
CA LEU A 246 3.02 -42.08 -3.45
C LEU A 246 2.24 -43.28 -3.95
N SER A 247 2.89 -44.45 -4.03
CA SER A 247 2.20 -45.66 -4.43
C SER A 247 1.18 -46.08 -3.38
N GLN A 248 1.52 -45.97 -2.09
CA GLN A 248 0.61 -46.39 -1.04
C GLN A 248 -0.52 -45.40 -0.82
N MET A 249 -0.29 -44.11 -1.10
CA MET A 249 -1.32 -43.11 -0.88
C MET A 249 -2.55 -43.39 -1.73
N SER A 250 -3.72 -43.11 -1.18
CA SER A 250 -4.96 -43.37 -1.89
C SER A 250 -5.01 -42.57 -3.19
N LYS A 251 -5.57 -43.19 -4.23
CA LYS A 251 -5.65 -42.56 -5.53
C LYS A 251 -6.73 -41.48 -5.61
N GLU A 252 -7.63 -41.42 -4.63
CA GLU A 252 -8.62 -40.35 -4.60
C GLU A 252 -7.98 -38.98 -4.38
N VAL A 253 -6.73 -38.94 -3.94
CA VAL A 253 -5.99 -37.68 -3.80
C VAL A 253 -5.44 -37.33 -5.18
N ASN A 254 -6.19 -36.53 -5.93
CA ASN A 254 -5.82 -36.20 -7.31
C ASN A 254 -6.18 -34.75 -7.58
N ALA A 255 -5.65 -34.24 -8.68
CA ALA A 255 -5.89 -32.88 -9.16
C ALA A 255 -6.41 -32.91 -10.58
N ARG A 256 -7.43 -33.74 -10.82
CA ARG A 256 -7.94 -33.92 -12.17
C ARG A 256 -8.40 -32.59 -12.75
N ILE A 257 -8.09 -32.40 -14.03
CA ILE A 257 -8.39 -31.15 -14.72
C ILE A 257 -9.75 -31.29 -15.40
N GLU A 258 -10.67 -30.39 -15.05
CA GLU A 258 -11.98 -30.36 -15.69
C GLU A 258 -11.93 -29.41 -16.88
N PRO A 259 -12.17 -29.87 -18.11
CA PRO A 259 -12.12 -28.96 -19.26
C PRO A 259 -13.11 -27.82 -19.11
N PHE A 260 -12.69 -26.64 -19.57
CA PHE A 260 -13.51 -25.43 -19.53
C PHE A 260 -13.92 -25.09 -20.95
N LEU A 261 -15.20 -25.27 -21.27
CA LEU A 261 -15.74 -25.07 -22.59
C LEU A 261 -16.72 -23.91 -22.59
N LYS A 262 -17.29 -23.62 -23.76
CA LYS A 262 -18.25 -22.53 -23.87
C LYS A 262 -19.50 -22.80 -23.04
N THR A 263 -19.92 -24.06 -22.95
CA THR A 263 -21.13 -24.43 -22.23
C THR A 263 -20.90 -24.65 -20.75
N THR A 264 -19.66 -24.55 -20.27
CA THR A 264 -19.35 -24.83 -18.88
C THR A 264 -19.79 -23.69 -17.96
N PRO A 265 -19.35 -22.44 -18.21
CA PRO A 265 -19.65 -21.37 -17.25
C PRO A 265 -21.14 -21.05 -17.21
N ARG A 266 -21.68 -20.94 -16.01
CA ARG A 266 -23.07 -20.58 -15.78
C ARG A 266 -23.17 -19.15 -15.25
N PRO A 267 -24.29 -18.47 -15.49
CA PRO A 267 -24.42 -17.10 -15.00
C PRO A 267 -24.37 -17.03 -13.48
N LEU A 268 -23.74 -15.98 -12.97
CA LEU A 268 -23.66 -15.78 -11.52
C LEU A 268 -25.04 -15.48 -10.96
N ARG A 269 -25.41 -16.16 -9.89
CA ARG A 269 -26.70 -15.94 -9.26
C ARG A 269 -26.66 -14.72 -8.38
N LEU A 270 -27.70 -13.88 -8.49
CA LEU A 270 -27.76 -12.68 -7.66
C LEU A 270 -28.69 -12.91 -6.47
N PRO A 271 -28.41 -12.30 -5.32
CA PRO A 271 -29.29 -12.50 -4.16
C PRO A 271 -30.67 -11.90 -4.40
N ASP A 272 -31.65 -12.48 -3.73
CA ASP A 272 -33.03 -12.05 -3.81
C ASP A 272 -33.48 -11.48 -2.48
N GLY A 273 -34.30 -10.44 -2.54
CA GLY A 273 -34.79 -9.77 -1.35
C GLY A 273 -35.36 -8.40 -1.68
N PRO A 274 -35.53 -7.56 -0.67
CA PRO A 274 -36.04 -6.22 -0.92
C PRO A 274 -35.08 -5.45 -1.82
N PRO A 275 -35.59 -4.54 -2.63
CA PRO A 275 -34.72 -3.81 -3.56
C PRO A 275 -33.59 -3.09 -2.84
N CYS A 276 -32.54 -2.80 -3.60
CA CYS A 276 -31.38 -2.13 -3.06
C CYS A 276 -31.62 -0.64 -2.91
N SER A 277 -31.10 -0.06 -1.84
CA SER A 277 -31.31 1.34 -1.51
C SER A 277 -30.08 2.18 -1.88
N GLN A 278 -30.21 3.49 -1.69
CA GLN A 278 -29.13 4.42 -1.99
C GLN A 278 -28.20 4.53 -0.80
N ARG A 279 -26.89 4.53 -1.07
CA ARG A 279 -25.88 4.60 -0.01
C ARG A 279 -24.97 5.82 -0.12
N SER A 280 -25.04 6.58 -1.22
CA SER A 280 -24.13 7.70 -1.41
C SER A 280 -24.31 8.75 -0.31
N LYS A 281 -23.28 9.55 -0.09
CA LYS A 281 -23.33 10.64 0.89
C LYS A 281 -23.96 11.90 0.33
N PHE A 282 -24.32 11.91 -0.96
CA PHE A 282 -24.97 13.05 -1.56
C PHE A 282 -25.70 12.59 -2.81
N LEU A 283 -26.66 13.40 -3.25
CA LEU A 283 -27.40 13.09 -4.47
C LEU A 283 -26.47 13.21 -5.67
N LEU A 284 -26.57 12.23 -6.58
CA LEU A 284 -25.74 12.20 -7.77
C LEU A 284 -26.53 12.51 -9.03
N MET A 285 -27.63 11.80 -9.26
CA MET A 285 -28.43 12.00 -10.46
C MET A 285 -29.55 13.02 -10.28
N ASP A 286 -29.96 13.29 -9.04
CA ASP A 286 -31.10 14.14 -8.75
C ASP A 286 -30.70 15.46 -8.10
N ALA A 287 -29.46 15.90 -8.31
CA ALA A 287 -28.99 17.13 -7.71
C ALA A 287 -29.54 18.34 -8.46
N LEU A 288 -29.67 19.45 -7.74
CA LEU A 288 -30.09 20.72 -8.32
C LEU A 288 -29.11 21.80 -7.88
N LYS A 289 -28.93 22.79 -8.74
CA LYS A 289 -27.88 23.80 -8.57
C LYS A 289 -28.49 25.19 -8.56
N LEU A 290 -28.22 25.95 -7.50
CA LEU A 290 -28.55 27.37 -7.43
C LEU A 290 -27.26 28.15 -7.62
N SER A 291 -27.27 29.13 -8.52
CA SER A 291 -26.04 29.74 -9.01
C SER A 291 -26.10 31.25 -8.91
N ILE A 292 -24.91 31.86 -8.99
CA ILE A 292 -24.76 33.30 -8.90
C ILE A 292 -24.00 33.90 -10.08
N GLU A 293 -23.19 33.12 -10.78
CA GLU A 293 -22.41 33.62 -11.92
C GLU A 293 -21.32 34.59 -11.46
N ASP A 294 -20.64 34.26 -10.37
CA ASP A 294 -19.56 35.06 -9.83
C ASP A 294 -18.25 34.72 -10.51
N PRO A 295 -17.25 35.60 -10.42
CA PRO A 295 -15.94 35.33 -11.04
C PRO A 295 -14.94 34.61 -10.14
N SER A 296 -15.34 34.15 -8.96
CA SER A 296 -14.41 33.53 -8.04
C SER A 296 -14.03 32.13 -8.48
N HIS A 297 -12.87 31.68 -8.03
CA HIS A 297 -12.37 30.35 -8.35
C HIS A 297 -12.82 29.34 -7.29
N GLU A 298 -12.46 28.07 -7.50
CA GLU A 298 -12.97 26.98 -6.67
C GLU A 298 -12.78 27.29 -5.19
N GLY A 299 -11.53 27.39 -4.74
CA GLY A 299 -11.27 27.66 -3.33
C GLY A 299 -11.49 29.10 -2.94
N GLU A 300 -11.45 30.01 -3.92
CA GLU A 300 -11.61 31.43 -3.63
C GLU A 300 -13.03 31.72 -3.16
N GLY A 301 -13.16 32.51 -2.10
CA GLY A 301 -14.44 32.96 -1.60
C GLY A 301 -14.68 32.49 -0.17
N ILE A 302 -15.83 32.87 0.34
CA ILE A 302 -16.27 32.51 1.69
C ILE A 302 -17.54 31.67 1.55
N PRO A 303 -17.64 30.51 2.21
CA PRO A 303 -18.77 29.61 1.91
C PRO A 303 -20.14 30.18 2.24
N LEU A 304 -20.33 30.70 3.45
CA LEU A 304 -21.68 31.05 3.88
C LEU A 304 -22.27 32.16 3.03
N TYR A 305 -21.48 33.19 2.72
CA TYR A 305 -22.00 34.29 1.92
C TYR A 305 -22.37 33.81 0.52
N ASP A 306 -21.52 32.97 -0.08
CA ASP A 306 -21.84 32.43 -1.39
C ASP A 306 -23.13 31.61 -1.36
N ALA A 307 -23.30 30.79 -0.33
CA ALA A 307 -24.51 29.98 -0.22
C ALA A 307 -25.75 30.85 -0.09
N ILE A 308 -25.67 31.88 0.78
CA ILE A 308 -26.83 32.75 0.96
C ILE A 308 -27.14 33.50 -0.33
N LYS A 309 -26.11 34.00 -1.02
CA LYS A 309 -26.33 34.71 -2.27
C LYS A 309 -26.96 33.80 -3.32
N CYS A 310 -26.49 32.56 -3.41
CA CYS A 310 -27.08 31.62 -4.35
C CYS A 310 -28.54 31.34 -4.01
N MET A 311 -28.84 31.17 -2.71
CA MET A 311 -30.20 30.83 -2.32
C MET A 311 -31.15 32.00 -2.53
N ARG A 312 -30.67 33.24 -2.35
CA ARG A 312 -31.50 34.40 -2.64
C ARG A 312 -31.82 34.55 -4.12
N THR A 313 -31.06 33.88 -5.00
CA THR A 313 -31.32 33.94 -6.43
C THR A 313 -32.59 33.20 -6.82
N PHE A 314 -33.15 32.39 -5.93
CA PHE A 314 -34.35 31.60 -6.21
C PHE A 314 -35.53 32.21 -5.47
N PHE A 315 -36.66 32.34 -6.17
CA PHE A 315 -37.89 32.85 -5.59
C PHE A 315 -39.00 31.83 -5.78
N GLY A 316 -39.86 31.71 -4.78
CA GLY A 316 -40.94 30.74 -4.81
C GLY A 316 -40.97 29.85 -3.59
N TRP A 317 -40.28 30.27 -2.53
CA TRP A 317 -40.24 29.50 -1.31
C TRP A 317 -41.65 29.29 -0.75
N LYS A 318 -41.91 28.08 -0.28
CA LYS A 318 -43.16 27.74 0.38
C LYS A 318 -42.88 27.14 1.74
N GLU A 319 -43.87 27.19 2.62
CA GLU A 319 -43.73 26.58 3.92
C GLU A 319 -43.51 25.08 3.74
N PRO A 320 -42.42 24.51 4.27
CA PRO A 320 -42.12 23.11 3.99
C PRO A 320 -43.12 22.17 4.65
N ASN A 321 -43.37 21.04 3.98
CA ASN A 321 -44.27 20.03 4.49
C ASN A 321 -43.76 18.66 4.08
N VAL A 322 -44.20 17.64 4.81
CA VAL A 322 -43.72 16.28 4.57
C VAL A 322 -44.32 15.74 3.28
N VAL A 323 -43.48 15.13 2.45
CA VAL A 323 -43.92 14.48 1.23
C VAL A 323 -43.70 12.98 1.37
N LYS A 324 -42.46 12.58 1.63
CA LYS A 324 -42.13 11.16 1.82
C LYS A 324 -41.40 11.00 3.15
N PRO A 325 -41.97 10.29 4.12
CA PRO A 325 -41.32 10.18 5.43
C PRO A 325 -40.11 9.26 5.40
N HIS A 326 -39.29 9.38 6.45
CA HIS A 326 -38.12 8.52 6.58
C HIS A 326 -38.51 7.06 6.75
N GLU A 327 -39.70 6.80 7.28
CA GLU A 327 -40.28 5.49 7.56
C GLU A 327 -39.65 4.84 8.80
N LYS A 328 -38.60 5.43 9.37
CA LYS A 328 -38.02 4.91 10.61
C LYS A 328 -37.65 6.00 11.61
N GLY A 329 -37.61 7.26 11.21
CA GLY A 329 -37.24 8.34 12.09
C GLY A 329 -38.42 9.24 12.42
N ILE A 330 -38.11 10.46 12.85
CA ILE A 330 -39.10 11.46 13.23
C ILE A 330 -38.98 12.59 12.22
N ASN A 331 -39.81 12.53 11.17
CA ASN A 331 -39.74 13.55 10.13
C ASN A 331 -39.95 14.97 10.64
N PRO A 332 -40.84 15.23 11.59
CA PRO A 332 -40.95 16.60 12.11
C PRO A 332 -39.61 17.17 12.57
N ASN A 333 -38.72 16.33 13.09
CA ASN A 333 -37.39 16.81 13.43
C ASN A 333 -36.65 17.32 12.20
N TYR A 334 -36.74 16.59 11.08
CA TYR A 334 -36.11 17.07 9.84
C TYR A 334 -36.72 18.38 9.39
N LEU A 335 -38.05 18.49 9.45
CA LEU A 335 -38.71 19.74 9.07
C LEU A 335 -38.22 20.90 9.92
N LEU A 336 -38.19 20.71 11.24
CA LEU A 336 -37.75 21.76 12.14
C LEU A 336 -36.27 22.10 11.90
N ALA A 337 -35.46 21.10 11.59
CA ALA A 337 -34.06 21.35 11.30
C ALA A 337 -33.90 22.21 10.05
N TRP A 338 -34.69 21.93 9.01
CA TRP A 338 -34.64 22.74 7.80
C TRP A 338 -35.02 24.18 8.10
N LYS A 339 -36.12 24.38 8.83
CA LYS A 339 -36.53 25.74 9.15
C LYS A 339 -35.50 26.44 10.04
N GLN A 340 -34.87 25.70 10.96
CA GLN A 340 -33.81 26.26 11.78
C GLN A 340 -32.63 26.71 10.92
N VAL A 341 -32.25 25.88 9.94
CA VAL A 341 -31.14 26.25 9.07
C VAL A 341 -31.47 27.54 8.32
N LEU A 342 -32.70 27.64 7.80
CA LEU A 342 -33.10 28.86 7.10
C LEU A 342 -33.04 30.07 8.03
N ALA A 343 -33.58 29.92 9.24
CA ALA A 343 -33.61 31.04 10.18
C ALA A 343 -32.21 31.51 10.52
N GLU A 344 -31.30 30.57 10.78
CA GLU A 344 -29.94 30.97 11.16
C GLU A 344 -29.18 31.52 9.96
N LEU A 345 -29.50 31.05 8.76
CA LEU A 345 -28.91 31.66 7.56
C LEU A 345 -29.32 33.13 7.46
N GLN A 346 -30.60 33.42 7.69
CA GLN A 346 -31.02 34.82 7.73
C GLN A 346 -30.31 35.57 8.84
N ASP A 347 -30.16 34.95 10.01
CA ASP A 347 -29.48 35.60 11.12
C ASP A 347 -28.07 36.01 10.73
N ILE A 348 -27.36 35.17 9.98
CA ILE A 348 -26.05 35.56 9.47
C ILE A 348 -26.18 36.68 8.47
N GLU A 349 -27.19 36.60 7.58
CA GLU A 349 -27.33 37.64 6.58
C GLU A 349 -27.48 39.01 7.23
N ASN A 350 -28.12 39.08 8.40
CA ASN A 350 -28.37 40.39 9.01
C ASN A 350 -27.09 41.06 9.49
N GLU A 351 -26.21 40.30 10.16
CA GLU A 351 -25.11 40.90 10.90
C GLU A 351 -24.05 41.44 9.95
N GLU A 352 -22.97 41.98 10.54
CA GLU A 352 -22.01 42.81 9.83
C GLU A 352 -21.26 42.07 8.73
N LYS A 353 -20.44 41.07 9.09
CA LYS A 353 -19.66 40.31 8.12
C LYS A 353 -19.93 38.83 8.30
N ILE A 354 -20.19 38.15 7.19
CA ILE A 354 -20.55 36.73 7.19
C ILE A 354 -19.40 35.96 7.82
N PRO A 355 -19.62 35.19 8.89
CA PRO A 355 -18.51 34.42 9.46
C PRO A 355 -18.00 33.36 8.48
N LYS A 356 -16.71 33.08 8.56
CA LYS A 356 -16.13 32.07 7.67
C LYS A 356 -16.72 30.69 7.96
N THR A 357 -16.96 30.37 9.23
CA THR A 357 -17.57 29.12 9.63
C THR A 357 -18.57 29.40 10.74
N LYS A 358 -19.76 28.81 10.65
CA LYS A 358 -20.80 29.04 11.63
C LYS A 358 -21.08 27.78 12.44
N ASN A 359 -21.35 27.98 13.72
CA ASN A 359 -21.83 26.94 14.61
C ASN A 359 -23.31 27.09 14.86
N MET A 360 -24.02 25.97 14.91
CA MET A 360 -25.46 25.97 15.12
C MET A 360 -25.79 25.59 16.56
N LYS A 361 -27.01 25.91 16.96
CA LYS A 361 -27.50 25.56 18.29
C LYS A 361 -27.78 24.07 18.38
N LYS A 362 -27.55 23.52 19.57
CA LYS A 362 -27.75 22.09 19.81
C LYS A 362 -29.15 21.86 20.38
N THR A 363 -30.14 21.95 19.50
CA THR A 363 -31.52 21.68 19.88
C THR A 363 -31.79 20.18 19.87
N SER A 364 -32.88 19.79 20.54
CA SER A 364 -33.26 18.38 20.57
C SER A 364 -33.42 17.82 19.18
N GLN A 365 -33.84 18.66 18.23
CA GLN A 365 -34.04 18.21 16.85
C GLN A 365 -32.77 17.59 16.29
N LEU A 366 -31.68 18.36 16.25
CA LEU A 366 -30.43 17.86 15.75
C LEU A 366 -29.73 16.94 16.74
N LYS A 367 -30.09 17.00 18.02
CA LYS A 367 -29.59 16.01 18.97
C LYS A 367 -30.05 14.62 18.56
N TRP A 368 -31.32 14.49 18.17
CA TRP A 368 -31.82 13.22 17.65
C TRP A 368 -31.26 12.93 16.26
N ALA A 369 -31.29 13.93 15.38
CA ALA A 369 -30.86 13.71 14.00
C ALA A 369 -29.38 13.35 13.91
N LEU A 370 -28.55 13.86 14.82
CA LEU A 370 -27.11 13.59 14.80
C LEU A 370 -26.72 12.46 15.75
N GLY A 371 -27.69 11.81 16.40
CA GLY A 371 -27.39 10.71 17.29
C GLY A 371 -26.46 11.11 18.42
N GLU A 372 -26.95 11.94 19.33
CA GLU A 372 -26.16 12.45 20.44
C GLU A 372 -26.61 11.78 21.74
N ASN A 373 -25.64 11.40 22.57
CA ASN A 373 -25.92 10.76 23.85
C ASN A 373 -26.66 9.45 23.67
N MET A 374 -26.38 8.73 22.58
CA MET A 374 -27.00 7.44 22.32
C MET A 374 -26.02 6.27 22.47
N ALA A 375 -24.73 6.53 22.50
CA ALA A 375 -23.77 5.46 22.74
C ALA A 375 -23.97 4.94 24.16
N PRO A 376 -24.11 3.62 24.36
CA PRO A 376 -24.26 3.10 25.72
C PRO A 376 -23.05 3.46 26.57
N GLU A 377 -23.32 3.80 27.83
CA GLU A 377 -22.24 4.16 28.74
C GLU A 377 -21.38 2.94 29.03
N LYS A 378 -20.07 3.14 29.05
CA LYS A 378 -19.14 2.05 29.27
C LYS A 378 -19.00 1.77 30.76
N VAL A 379 -19.16 0.50 31.14
CA VAL A 379 -19.10 0.07 32.52
C VAL A 379 -18.22 -1.17 32.61
N ASP A 380 -18.10 -1.71 33.82
CA ASP A 380 -17.28 -2.89 34.08
C ASP A 380 -18.13 -4.15 34.12
N PHE A 381 -17.53 -5.27 33.72
CA PHE A 381 -18.26 -6.52 33.64
C PHE A 381 -18.71 -6.99 35.03
N ASP A 382 -17.87 -6.77 36.04
CA ASP A 382 -18.20 -7.22 37.38
C ASP A 382 -19.46 -6.55 37.94
N ASP A 383 -19.89 -5.44 37.34
CA ASP A 383 -21.08 -4.74 37.79
C ASP A 383 -22.32 -5.05 36.94
N CYS A 384 -22.14 -5.66 35.77
CA CYS A 384 -23.25 -6.01 34.88
C CYS A 384 -23.03 -7.44 34.39
N LYS A 385 -23.53 -8.41 35.15
CA LYS A 385 -23.41 -9.81 34.77
C LYS A 385 -24.77 -10.50 34.84
N ASP A 386 -25.65 -10.02 35.71
CA ASP A 386 -26.96 -10.61 35.90
C ASP A 386 -28.00 -10.07 34.92
N VAL A 387 -27.63 -9.14 34.04
CA VAL A 387 -28.57 -8.58 33.08
C VAL A 387 -28.78 -9.60 31.96
N SER A 388 -30.00 -10.09 31.83
CA SER A 388 -30.29 -11.13 30.84
C SER A 388 -30.04 -10.63 29.42
N ASP A 389 -30.40 -9.38 29.14
CA ASP A 389 -30.24 -8.83 27.80
C ASP A 389 -28.79 -8.64 27.40
N LEU A 390 -27.85 -8.76 28.34
CA LEU A 390 -26.45 -8.52 28.04
C LEU A 390 -25.90 -9.63 27.15
N LYS A 391 -25.41 -9.26 25.97
CA LYS A 391 -24.91 -10.22 25.00
C LYS A 391 -23.92 -9.52 24.08
N GLN A 392 -23.41 -10.26 23.10
CA GLN A 392 -22.46 -9.69 22.15
C GLN A 392 -23.14 -8.68 21.23
N TYR A 393 -22.31 -7.90 20.56
CA TYR A 393 -22.78 -7.05 19.48
C TYR A 393 -23.29 -7.92 18.34
N ASP A 394 -24.33 -7.43 17.66
CA ASP A 394 -24.92 -8.17 16.55
C ASP A 394 -23.87 -8.37 15.46
N SER A 395 -23.47 -9.62 15.24
CA SER A 395 -22.43 -9.97 14.27
C SER A 395 -22.98 -11.09 13.39
N ASP A 396 -23.56 -10.71 12.24
CA ASP A 396 -24.12 -11.68 11.30
C ASP A 396 -23.97 -11.13 9.90
N GLU A 397 -24.26 -11.98 8.92
CA GLU A 397 -24.18 -11.56 7.52
C GLU A 397 -25.18 -10.43 7.28
N PRO A 398 -24.81 -9.40 6.52
CA PRO A 398 -25.75 -8.30 6.27
C PRO A 398 -27.04 -8.80 5.63
N GLU A 399 -28.06 -7.93 5.67
CA GLU A 399 -29.33 -8.25 5.06
C GLU A 399 -29.17 -8.43 3.55
N LEU A 400 -29.90 -9.38 2.99
CA LEU A 400 -29.85 -9.63 1.56
C LEU A 400 -30.82 -8.69 0.83
N ARG A 401 -30.35 -8.13 -0.28
CA ARG A 401 -31.16 -7.22 -1.07
C ARG A 401 -30.90 -7.47 -2.55
N SER A 402 -31.96 -7.43 -3.35
CA SER A 402 -31.87 -7.67 -4.77
C SER A 402 -31.58 -6.37 -5.51
N LEU A 403 -30.95 -6.50 -6.68
CA LEU A 403 -30.62 -5.33 -7.48
C LEU A 403 -31.87 -4.66 -8.02
N ALA A 404 -31.78 -3.33 -8.17
CA ALA A 404 -32.84 -2.53 -8.76
C ALA A 404 -32.31 -1.81 -9.99
N SER A 405 -33.22 -1.29 -10.81
CA SER A 405 -32.85 -0.69 -12.07
C SER A 405 -32.38 0.76 -11.93
N TRP A 406 -32.45 1.34 -10.74
CA TRP A 406 -32.08 2.74 -10.58
C TRP A 406 -30.57 2.95 -10.66
N ILE A 407 -29.78 2.01 -10.15
CA ILE A 407 -28.33 2.16 -10.21
C ILE A 407 -27.84 2.14 -11.65
N GLN A 408 -28.47 1.32 -12.50
CA GLN A 408 -28.08 1.28 -13.90
C GLN A 408 -28.30 2.64 -14.57
N SER A 409 -29.47 3.24 -14.36
CA SER A 409 -29.74 4.56 -14.94
C SER A 409 -28.83 5.62 -14.34
N GLU A 410 -28.53 5.52 -13.04
CA GLU A 410 -27.63 6.47 -12.41
C GLU A 410 -26.25 6.42 -13.04
N PHE A 411 -25.73 5.22 -13.28
CA PHE A 411 -24.45 5.10 -13.96
C PHE A 411 -24.56 5.59 -15.40
N ASN A 412 -25.69 5.30 -16.07
CA ASN A 412 -25.86 5.76 -17.44
C ASN A 412 -25.74 7.28 -17.53
N LYS A 413 -26.44 7.99 -16.64
CA LYS A 413 -26.39 9.45 -16.65
C LYS A 413 -25.16 10.01 -15.97
N ALA A 414 -24.37 9.17 -15.28
CA ALA A 414 -23.09 9.61 -14.76
C ALA A 414 -22.00 9.67 -15.82
N CYS A 415 -22.24 9.09 -17.00
CA CYS A 415 -21.29 9.12 -18.10
C CYS A 415 -21.69 10.09 -19.19
N GLU A 416 -22.71 10.92 -18.95
CA GLU A 416 -23.22 11.84 -19.96
C GLU A 416 -22.51 13.19 -19.86
N LEU A 417 -22.45 13.87 -21.00
CA LEU A 417 -21.82 15.19 -21.05
C LEU A 417 -22.67 16.21 -20.31
N THR A 418 -22.10 17.40 -20.10
CA THR A 418 -22.76 18.47 -19.39
C THR A 418 -22.48 19.79 -20.09
N ASP A 419 -23.11 20.87 -19.61
CA ASP A 419 -22.95 22.20 -20.16
C ASP A 419 -21.97 23.04 -19.34
N SER A 420 -20.97 22.40 -18.72
CA SER A 420 -20.03 23.10 -17.87
C SER A 420 -18.72 22.33 -17.83
N SER A 421 -17.67 23.01 -17.39
CA SER A 421 -16.35 22.41 -17.19
C SER A 421 -16.12 22.33 -15.69
N TRP A 422 -16.02 21.10 -15.17
CA TRP A 422 -15.96 20.86 -13.73
C TRP A 422 -14.55 20.58 -13.24
N ILE A 423 -13.53 20.80 -14.07
CA ILE A 423 -12.14 20.63 -13.65
C ILE A 423 -11.38 21.87 -14.09
N GLU A 424 -10.71 22.52 -13.15
CA GLU A 424 -9.81 23.65 -13.44
C GLU A 424 -8.43 23.23 -12.94
N LEU A 425 -7.61 22.71 -13.85
CA LEU A 425 -6.35 22.09 -13.47
C LEU A 425 -5.33 23.15 -13.08
N ASP A 426 -4.29 22.70 -12.37
CA ASP A 426 -3.25 23.59 -11.86
C ASP A 426 -2.23 23.86 -12.97
N GLU A 427 -1.10 24.45 -12.58
CA GLU A 427 -0.05 24.82 -13.52
C GLU A 427 1.07 23.79 -13.49
N ILE A 428 1.78 23.69 -14.62
CA ILE A 428 2.93 22.81 -14.74
C ILE A 428 4.06 23.59 -15.40
N GLY A 429 5.28 23.10 -15.23
CA GLY A 429 6.43 23.71 -15.87
C GLY A 429 6.24 23.75 -17.38
N GLU A 430 6.61 24.87 -17.99
CA GLU A 430 6.42 25.02 -19.43
C GLU A 430 7.12 23.89 -20.17
N ASP A 431 6.42 23.26 -21.11
CA ASP A 431 6.95 22.10 -21.81
C ASP A 431 8.17 22.51 -22.63
N VAL A 432 9.25 21.73 -22.51
CA VAL A 432 10.48 22.01 -23.22
C VAL A 432 10.84 20.90 -24.22
N ALA A 433 10.44 19.66 -23.97
CA ALA A 433 10.77 18.56 -24.86
C ALA A 433 9.61 18.22 -25.77
N PRO A 434 9.86 17.75 -26.99
CA PRO A 434 8.73 17.35 -27.86
C PRO A 434 7.83 16.31 -27.22
N ILE A 435 8.38 15.36 -26.47
CA ILE A 435 7.55 14.39 -25.78
C ILE A 435 6.64 15.10 -24.78
N GLU A 436 7.14 16.15 -24.14
CA GLU A 436 6.28 16.93 -23.24
C GLU A 436 5.16 17.60 -24.01
N HIS A 437 5.42 18.08 -25.22
CA HIS A 437 4.36 18.66 -26.04
C HIS A 437 3.31 17.61 -26.39
N ILE A 438 3.75 16.40 -26.76
CA ILE A 438 2.81 15.33 -27.07
C ILE A 438 1.96 15.03 -25.84
N ALA A 439 2.60 14.93 -24.67
CA ALA A 439 1.88 14.64 -23.44
C ALA A 439 0.86 15.74 -23.14
N SER A 440 1.25 17.01 -23.34
CA SER A 440 0.35 18.11 -23.07
C SER A 440 -0.84 18.09 -24.03
N MET A 441 -0.61 17.79 -25.31
CA MET A 441 -1.71 17.71 -26.25
C MET A 441 -2.66 16.58 -25.90
N ARG A 442 -2.12 15.41 -25.55
CA ARG A 442 -2.97 14.31 -25.10
C ARG A 442 -3.78 14.72 -23.89
N ARG A 443 -3.14 15.35 -22.91
CA ARG A 443 -3.81 15.75 -21.68
C ARG A 443 -4.91 16.75 -21.96
N ASN A 444 -4.66 17.70 -22.88
CA ASN A 444 -5.68 18.66 -23.24
C ASN A 444 -6.86 17.96 -23.90
N TYR A 445 -6.60 16.98 -24.77
CA TYR A 445 -7.70 16.23 -25.37
C TYR A 445 -8.53 15.53 -24.30
N PHE A 446 -7.88 14.83 -23.37
CA PHE A 446 -8.65 14.13 -22.34
C PHE A 446 -9.41 15.11 -21.46
N THR A 447 -8.81 16.25 -21.11
CA THR A 447 -9.50 17.21 -20.30
C THR A 447 -10.73 17.76 -21.02
N ALA A 448 -10.60 18.04 -22.32
CA ALA A 448 -11.76 18.46 -23.09
C ALA A 448 -12.83 17.38 -23.09
N GLU A 449 -12.44 16.11 -23.10
CA GLU A 449 -13.42 15.03 -23.14
C GLU A 449 -14.11 14.83 -21.80
N VAL A 450 -13.37 14.92 -20.69
CA VAL A 450 -13.91 14.48 -19.40
C VAL A 450 -14.39 15.64 -18.53
N SER A 451 -13.93 16.87 -18.78
CA SER A 451 -14.34 17.99 -17.95
C SER A 451 -15.85 18.16 -17.97
N HIS A 452 -16.45 18.08 -19.16
CA HIS A 452 -17.91 18.13 -19.29
C HIS A 452 -18.48 16.73 -19.09
N CYS A 453 -18.41 16.26 -17.86
CA CYS A 453 -18.91 14.94 -17.49
C CYS A 453 -19.42 14.97 -16.07
N ARG A 454 -20.55 14.30 -15.84
CA ARG A 454 -21.11 14.26 -14.49
C ARG A 454 -20.19 13.57 -13.51
N ALA A 455 -19.30 12.69 -14.00
CA ALA A 455 -18.35 12.04 -13.11
C ALA A 455 -17.40 13.06 -12.49
N THR A 456 -16.93 14.03 -13.28
CA THR A 456 -16.06 15.06 -12.73
C THR A 456 -16.80 15.93 -11.71
N GLU A 457 -18.07 16.24 -11.99
CA GLU A 457 -18.85 17.01 -11.03
C GLU A 457 -19.01 16.24 -9.72
N TYR A 458 -19.26 14.93 -9.80
CA TYR A 458 -19.34 14.12 -8.59
C TYR A 458 -17.99 14.09 -7.87
N ILE A 459 -16.90 14.01 -8.62
CA ILE A 459 -15.57 14.02 -8.01
C ILE A 459 -15.37 15.30 -7.20
N MET A 460 -15.65 16.45 -7.82
CA MET A 460 -15.48 17.72 -7.13
C MET A 460 -16.41 17.82 -5.93
N LYS A 461 -17.67 17.42 -6.08
CA LYS A 461 -18.61 17.45 -4.97
C LYS A 461 -18.07 16.64 -3.79
N GLY A 462 -17.68 15.40 -4.05
CA GLY A 462 -17.19 14.55 -2.98
C GLY A 462 -15.94 15.10 -2.33
N VAL A 463 -14.98 15.55 -3.16
CA VAL A 463 -13.74 16.08 -2.62
C VAL A 463 -14.02 17.26 -1.71
N TYR A 464 -14.81 18.23 -2.19
CA TYR A 464 -15.08 19.42 -1.39
C TYR A 464 -15.82 19.06 -0.10
N ILE A 465 -16.86 18.22 -0.22
CA ILE A 465 -17.68 17.89 0.94
C ILE A 465 -16.85 17.17 1.99
N ASN A 466 -16.06 16.18 1.58
CA ASN A 466 -15.26 15.43 2.53
C ASN A 466 -14.15 16.30 3.13
N THR A 467 -13.53 17.17 2.33
CA THR A 467 -12.51 18.07 2.88
C THR A 467 -13.11 18.97 3.95
N ALA A 468 -14.23 19.60 3.64
CA ALA A 468 -14.86 20.49 4.61
C ALA A 468 -15.27 19.72 5.86
N LEU A 469 -15.84 18.52 5.68
CA LEU A 469 -16.29 17.74 6.82
C LEU A 469 -15.12 17.34 7.71
N LEU A 470 -14.02 16.87 7.11
CA LEU A 470 -12.86 16.49 7.89
C LEU A 470 -12.27 17.69 8.63
N ASN A 471 -12.13 18.82 7.95
CA ASN A 471 -11.56 20.00 8.59
C ASN A 471 -12.44 20.46 9.75
N ALA A 472 -13.77 20.49 9.54
CA ALA A 472 -14.67 20.89 10.62
C ALA A 472 -14.61 19.90 11.78
N SER A 473 -14.55 18.60 11.49
CA SER A 473 -14.47 17.62 12.55
C SER A 473 -13.20 17.78 13.36
N CYS A 474 -12.07 18.06 12.69
CA CYS A 474 -10.81 18.21 13.39
C CYS A 474 -10.75 19.53 14.16
N ALA A 475 -11.45 20.56 13.69
CA ALA A 475 -11.42 21.86 14.33
C ALA A 475 -12.51 22.00 15.38
N ALA A 476 -13.77 21.90 14.96
CA ALA A 476 -14.91 22.04 15.87
C ALA A 476 -15.41 20.64 16.24
N MET A 477 -14.67 20.01 17.15
CA MET A 477 -14.99 18.63 17.53
C MET A 477 -16.31 18.56 18.29
N ASP A 478 -16.59 19.55 19.14
CA ASP A 478 -17.73 19.50 20.04
C ASP A 478 -19.02 20.00 19.43
N ASP A 479 -18.98 21.09 18.67
CA ASP A 479 -20.17 21.88 18.39
C ASP A 479 -20.61 21.65 16.95
N PHE A 480 -21.92 21.55 16.76
CA PHE A 480 -22.48 21.27 15.44
C PHE A 480 -22.17 22.42 14.48
N GLN A 481 -21.80 22.07 13.25
CA GLN A 481 -21.33 23.08 12.30
C GLN A 481 -22.10 22.99 10.98
N LEU A 482 -22.36 24.15 10.39
CA LEU A 482 -23.06 24.29 9.12
C LEU A 482 -22.04 24.44 8.00
N ILE A 483 -22.24 23.67 6.92
CA ILE A 483 -21.35 23.73 5.77
C ILE A 483 -22.19 23.66 4.50
N PRO A 484 -22.24 24.72 3.68
CA PRO A 484 -23.02 24.64 2.44
C PRO A 484 -22.26 23.88 1.35
N MET A 485 -22.96 22.97 0.67
CA MET A 485 -22.37 22.24 -0.44
C MET A 485 -22.15 23.18 -1.61
N ILE A 486 -20.89 23.46 -1.92
CA ILE A 486 -20.53 24.42 -2.95
C ILE A 486 -19.65 23.74 -4.00
N SER A 487 -19.93 24.06 -5.26
CA SER A 487 -19.08 23.60 -6.36
C SER A 487 -19.07 24.67 -7.43
N LYS A 488 -17.89 25.02 -7.91
CA LYS A 488 -17.74 26.11 -8.87
C LYS A 488 -17.33 25.56 -10.23
N CYS A 489 -18.06 25.96 -11.27
CA CYS A 489 -17.86 25.51 -12.63
C CYS A 489 -17.66 26.70 -13.55
N ARG A 490 -17.50 26.43 -14.84
CA ARG A 490 -17.34 27.46 -15.85
C ARG A 490 -18.26 27.13 -17.03
N THR A 491 -19.05 28.12 -17.45
CA THR A 491 -20.02 27.90 -18.50
C THR A 491 -19.34 27.82 -19.87
N LYS A 492 -20.14 27.46 -20.87
CA LYS A 492 -19.64 27.44 -22.24
C LYS A 492 -19.20 28.83 -22.67
N GLU A 493 -19.97 29.86 -22.28
CA GLU A 493 -19.60 31.23 -22.61
C GLU A 493 -18.28 31.64 -21.95
N GLY A 494 -17.83 30.90 -20.95
CA GLY A 494 -16.59 31.20 -20.25
C GLY A 494 -16.78 31.87 -18.90
N ARG A 495 -18.00 32.32 -18.58
CA ARG A 495 -18.24 32.96 -17.30
C ARG A 495 -18.20 31.93 -16.18
N ARG A 496 -17.45 32.26 -15.12
CA ARG A 496 -17.39 31.37 -13.96
C ARG A 496 -18.69 31.43 -13.19
N LYS A 497 -18.99 30.35 -12.46
CA LYS A 497 -20.27 30.22 -11.79
C LYS A 497 -20.10 29.36 -10.55
N THR A 498 -20.90 29.66 -9.53
CA THR A 498 -20.97 28.86 -8.31
C THR A 498 -22.29 28.10 -8.27
N ASN A 499 -22.31 26.99 -7.54
CA ASN A 499 -23.48 26.15 -7.45
C ASN A 499 -23.62 25.65 -6.02
N LEU A 500 -24.83 25.75 -5.48
CA LEU A 500 -25.15 25.38 -4.10
C LEU A 500 -26.15 24.24 -4.14
N TYR A 501 -25.69 23.01 -3.87
CA TYR A 501 -26.59 21.87 -3.85
C TYR A 501 -27.44 21.83 -2.58
N GLY A 502 -26.86 22.22 -1.44
CA GLY A 502 -27.58 22.20 -0.19
C GLY A 502 -26.71 22.49 1.01
N PHE A 503 -26.94 21.76 2.11
CA PHE A 503 -26.21 22.01 3.34
C PHE A 503 -25.91 20.69 4.04
N ILE A 504 -24.87 20.72 4.87
CA ILE A 504 -24.47 19.60 5.71
C ILE A 504 -24.28 20.13 7.12
N ILE A 505 -24.90 19.46 8.09
CA ILE A 505 -24.69 19.78 9.50
C ILE A 505 -23.86 18.66 10.09
N LYS A 506 -22.62 19.00 10.47
CA LYS A 506 -21.74 18.05 11.12
C LYS A 506 -21.96 18.08 12.62
N GLY A 507 -21.97 16.89 13.23
CA GLY A 507 -22.17 16.75 14.65
C GLY A 507 -20.87 16.45 15.39
N ARG A 508 -21.02 16.00 16.63
CA ARG A 508 -19.86 15.67 17.44
C ARG A 508 -18.97 14.67 16.72
N SER A 509 -17.68 14.99 16.65
CA SER A 509 -16.73 14.24 15.83
C SER A 509 -15.46 13.95 16.61
N HIS A 510 -15.61 13.48 17.86
CA HIS A 510 -14.47 13.07 18.66
C HIS A 510 -13.99 11.70 18.17
N LEU A 511 -13.31 11.72 17.02
CA LEU A 511 -12.91 10.51 16.31
C LEU A 511 -11.51 10.12 16.77
N ARG A 512 -11.40 8.98 17.46
CA ARG A 512 -10.11 8.46 17.89
C ARG A 512 -9.58 7.43 16.92
N ASN A 513 -10.32 6.35 16.69
CA ASN A 513 -9.91 5.32 15.76
C ASN A 513 -10.28 5.71 14.33
N ASP A 514 -9.59 5.10 13.37
CA ASP A 514 -9.89 5.35 11.96
C ASP A 514 -11.28 4.87 11.58
N THR A 515 -11.91 4.02 12.39
CA THR A 515 -13.24 3.52 12.12
C THR A 515 -14.34 4.25 12.88
N ASP A 516 -13.98 5.10 13.83
CA ASP A 516 -14.99 5.85 14.57
C ASP A 516 -15.81 6.69 13.61
N VAL A 517 -17.11 6.84 13.90
CA VAL A 517 -18.07 7.41 12.98
C VAL A 517 -18.45 8.80 13.45
N VAL A 518 -18.39 9.76 12.52
CA VAL A 518 -18.95 11.09 12.71
C VAL A 518 -20.27 11.14 11.96
N ASN A 519 -21.33 11.51 12.66
CA ASN A 519 -22.66 11.61 12.08
C ASN A 519 -22.95 13.04 11.67
N PHE A 520 -23.60 13.20 10.51
CA PHE A 520 -24.05 14.49 10.04
C PHE A 520 -25.42 14.31 9.41
N VAL A 521 -26.08 15.42 9.13
CA VAL A 521 -27.36 15.42 8.43
C VAL A 521 -27.22 16.26 7.18
N SER A 522 -27.61 15.69 6.04
CA SER A 522 -27.45 16.30 4.74
C SER A 522 -28.81 16.69 4.17
N MET A 523 -28.88 17.90 3.62
CA MET A 523 -30.07 18.43 2.98
C MET A 523 -29.68 18.87 1.58
N GLU A 524 -30.45 18.43 0.57
CA GLU A 524 -30.13 18.76 -0.80
C GLU A 524 -31.40 19.05 -1.59
N PHE A 525 -31.37 20.13 -2.37
CA PHE A 525 -32.49 20.47 -3.23
C PHE A 525 -32.54 19.50 -4.42
N SER A 526 -33.74 19.31 -4.95
CA SER A 526 -33.91 18.46 -6.12
C SER A 526 -35.28 18.72 -6.72
N LEU A 527 -35.48 18.22 -7.94
CA LEU A 527 -36.77 18.26 -8.59
C LEU A 527 -37.35 16.87 -8.84
N THR A 528 -36.59 15.81 -8.60
CA THR A 528 -37.07 14.46 -8.85
C THR A 528 -38.08 14.05 -7.78
N ASP A 529 -39.29 13.75 -8.20
CA ASP A 529 -40.32 13.34 -7.26
C ASP A 529 -39.97 11.98 -6.66
N PRO A 530 -39.96 11.84 -5.34
CA PRO A 530 -39.63 10.55 -4.73
C PRO A 530 -40.77 9.54 -4.70
N ARG A 531 -41.90 9.86 -5.32
CA ARG A 531 -43.05 8.97 -5.34
C ARG A 531 -42.99 7.95 -6.47
N LEU A 532 -41.95 7.98 -7.30
CA LEU A 532 -41.82 7.08 -8.43
C LEU A 532 -40.86 5.92 -8.17
N GLU A 533 -39.81 6.13 -7.37
CA GLU A 533 -38.86 5.08 -7.02
C GLU A 533 -38.64 5.10 -5.50
N PRO A 534 -39.69 4.85 -4.72
CA PRO A 534 -39.55 4.98 -3.27
C PRO A 534 -38.50 4.06 -2.67
N HIS A 535 -38.33 2.85 -3.21
CA HIS A 535 -37.39 1.90 -2.62
C HIS A 535 -35.96 2.40 -2.69
N LYS A 536 -35.66 3.35 -3.56
CA LYS A 536 -34.30 3.90 -3.64
C LYS A 536 -34.02 4.90 -2.53
N TRP A 537 -35.06 5.39 -1.85
CA TRP A 537 -34.92 6.41 -0.81
C TRP A 537 -35.39 5.90 0.54
N GLU A 538 -34.96 4.69 0.90
CA GLU A 538 -35.43 4.09 2.14
C GLU A 538 -35.02 4.91 3.36
N LYS A 539 -33.81 5.48 3.32
CA LYS A 539 -33.23 6.16 4.48
C LYS A 539 -33.35 7.68 4.39
N TYR A 540 -34.08 8.20 3.42
CA TYR A 540 -34.22 9.64 3.22
C TYR A 540 -35.59 10.10 3.72
N CYS A 541 -35.64 11.36 4.16
CA CYS A 541 -36.89 12.07 4.40
C CYS A 541 -36.96 13.22 3.41
N VAL A 542 -38.04 13.28 2.62
CA VAL A 542 -38.16 14.24 1.52
C VAL A 542 -39.34 15.16 1.79
N LEU A 543 -39.07 16.45 1.80
CA LEU A 543 -40.09 17.49 2.00
C LEU A 543 -40.35 18.21 0.70
N GLU A 544 -41.40 19.03 0.69
CA GLU A 544 -41.69 19.95 -0.40
C GLU A 544 -41.39 21.37 0.08
N ILE A 545 -40.43 22.03 -0.57
CA ILE A 545 -39.96 23.31 -0.11
C ILE A 545 -40.23 24.46 -1.08
N GLY A 546 -40.48 24.19 -2.36
CA GLY A 546 -40.78 25.30 -3.24
C GLY A 546 -41.22 24.86 -4.62
N ASP A 547 -41.21 25.82 -5.54
CA ASP A 547 -41.53 25.59 -6.94
C ASP A 547 -40.51 26.32 -7.80
N MET A 548 -40.11 25.68 -8.90
CA MET A 548 -39.10 26.22 -9.80
C MET A 548 -39.69 26.41 -11.19
N LEU A 549 -39.24 27.45 -11.88
CA LEU A 549 -39.71 27.76 -13.23
C LEU A 549 -38.49 27.81 -14.16
N LEU A 550 -38.32 26.76 -14.95
CA LEU A 550 -37.26 26.70 -15.95
C LEU A 550 -37.85 26.91 -17.34
N ARG A 551 -37.20 27.76 -18.13
CA ARG A 551 -37.75 28.16 -19.43
C ARG A 551 -37.86 26.93 -20.33
N SER A 552 -39.08 26.64 -20.77
CA SER A 552 -39.35 25.55 -21.70
C SER A 552 -40.42 26.00 -22.69
N ALA A 553 -40.41 25.38 -23.87
CA ALA A 553 -41.37 25.73 -24.91
C ALA A 553 -42.80 25.41 -24.52
N ILE A 554 -43.01 24.54 -23.52
CA ILE A 554 -44.37 24.20 -23.06
C ILE A 554 -44.71 25.22 -21.98
N GLY A 555 -45.17 26.39 -22.41
CA GLY A 555 -45.40 27.48 -21.49
C GLY A 555 -44.21 27.66 -20.57
N GLN A 556 -44.41 27.38 -19.29
CA GLN A 556 -43.29 27.21 -18.37
C GLN A 556 -43.72 26.17 -17.33
N VAL A 557 -42.80 25.24 -17.03
CA VAL A 557 -43.18 24.01 -16.35
C VAL A 557 -43.75 24.31 -14.97
N SER A 558 -43.07 25.16 -14.19
CA SER A 558 -43.44 25.42 -12.81
C SER A 558 -43.46 24.11 -12.01
N ARG A 559 -42.34 23.40 -12.07
CA ARG A 559 -42.19 22.12 -11.41
C ARG A 559 -42.13 22.29 -9.89
N PRO A 560 -42.49 21.25 -9.14
CA PRO A 560 -42.20 21.26 -7.70
C PRO A 560 -40.71 21.16 -7.45
N MET A 561 -40.30 21.51 -6.23
CA MET A 561 -38.88 21.53 -5.87
C MET A 561 -38.78 21.05 -4.43
N PHE A 562 -38.25 19.85 -4.26
CA PHE A 562 -38.25 19.10 -3.01
C PHE A 562 -36.89 19.18 -2.34
N LEU A 563 -36.86 18.78 -1.07
CA LEU A 563 -35.65 18.75 -0.26
C LEU A 563 -35.44 17.34 0.26
N TYR A 564 -34.37 16.69 -0.19
CA TYR A 564 -33.99 15.39 0.34
C TYR A 564 -33.14 15.59 1.58
N VAL A 565 -33.65 15.14 2.71
CA VAL A 565 -33.00 15.29 4.01
C VAL A 565 -32.75 13.91 4.59
N ARG A 566 -31.53 13.68 5.06
CA ARG A 566 -31.21 12.38 5.64
C ARG A 566 -30.11 12.51 6.68
N THR A 567 -30.02 11.50 7.54
CA THR A 567 -28.92 11.36 8.50
C THR A 567 -27.93 10.36 7.94
N ASN A 568 -26.68 10.80 7.75
CA ASN A 568 -25.62 9.97 7.22
C ASN A 568 -24.43 10.03 8.16
N GLY A 569 -23.42 9.23 7.87
CA GLY A 569 -22.21 9.20 8.69
C GLY A 569 -21.02 8.78 7.88
N THR A 570 -19.84 9.16 8.37
CA THR A 570 -18.59 8.80 7.73
C THR A 570 -17.55 8.54 8.80
N SER A 571 -16.31 8.33 8.37
CA SER A 571 -15.21 8.08 9.29
C SER A 571 -13.95 8.73 8.72
N LYS A 572 -12.91 8.82 9.57
CA LYS A 572 -11.67 9.45 9.12
C LYS A 572 -11.14 8.80 7.86
N ILE A 573 -11.14 7.46 7.81
CA ILE A 573 -10.65 6.77 6.63
C ILE A 573 -11.53 7.08 5.43
N LYS A 574 -12.85 7.05 5.62
CA LYS A 574 -13.76 7.33 4.51
C LYS A 574 -13.60 8.77 4.03
N MET A 575 -13.47 9.72 4.95
CA MET A 575 -13.26 11.11 4.55
C MET A 575 -11.96 11.26 3.78
N LYS A 576 -10.88 10.66 4.27
CA LYS A 576 -9.60 10.77 3.60
C LYS A 576 -9.65 10.18 2.20
N TRP A 577 -10.30 9.01 2.04
CA TRP A 577 -10.34 8.38 0.75
C TRP A 577 -11.31 9.07 -0.21
N GLY A 578 -12.38 9.67 0.31
CA GLY A 578 -13.27 10.44 -0.53
C GLY A 578 -12.72 11.78 -0.95
N MET A 579 -11.75 12.32 -0.18
CA MET A 579 -11.09 13.54 -0.59
C MET A 579 -9.94 13.28 -1.56
N GLU A 580 -9.67 12.03 -1.91
CA GLU A 580 -8.72 11.67 -2.96
C GLU A 580 -9.43 11.03 -4.13
N MET A 581 -10.62 11.54 -4.46
CA MET A 581 -11.38 11.01 -5.58
C MET A 581 -10.80 11.43 -6.93
N ARG A 582 -9.86 12.37 -6.96
CA ARG A 582 -9.32 12.83 -8.23
C ARG A 582 -8.46 11.78 -8.91
N ARG A 583 -8.01 10.76 -8.18
CA ARG A 583 -7.23 9.69 -8.80
C ARG A 583 -8.09 8.77 -9.67
N CYS A 584 -9.41 8.90 -9.62
CA CYS A 584 -10.25 8.23 -10.60
C CYS A 584 -9.96 8.74 -12.01
N LEU A 585 -9.77 10.06 -12.14
CA LEU A 585 -9.31 10.62 -13.40
C LEU A 585 -8.04 9.93 -13.86
N LEU A 586 -7.08 9.76 -12.95
CA LEU A 586 -5.85 9.07 -13.30
C LEU A 586 -6.19 7.68 -13.81
N GLN A 587 -6.72 6.82 -12.95
CA GLN A 587 -7.05 5.45 -13.37
C GLN A 587 -7.63 5.40 -14.77
N SER A 588 -8.73 6.14 -14.99
CA SER A 588 -9.40 6.09 -16.27
C SER A 588 -8.48 6.49 -17.42
N LEU A 589 -7.80 7.63 -17.27
CA LEU A 589 -7.08 8.17 -18.40
C LEU A 589 -5.78 7.43 -18.63
N GLN A 590 -5.21 6.84 -17.57
CA GLN A 590 -4.11 5.90 -17.73
C GLN A 590 -4.54 4.71 -18.56
N GLN A 591 -5.73 4.17 -18.30
CA GLN A 591 -6.21 3.06 -19.12
C GLN A 591 -6.34 3.49 -20.58
N ILE A 592 -6.93 4.66 -20.82
CA ILE A 592 -7.11 5.11 -22.21
C ILE A 592 -5.77 5.37 -22.88
N GLU A 593 -4.83 5.96 -22.15
CA GLU A 593 -3.52 6.24 -22.73
C GLU A 593 -2.74 4.95 -22.98
N SER A 594 -2.94 3.94 -22.15
CA SER A 594 -2.36 2.63 -22.43
C SER A 594 -2.94 2.05 -23.71
N MET A 595 -4.26 2.19 -23.90
CA MET A 595 -4.85 1.76 -25.17
C MET A 595 -4.20 2.48 -26.34
N ILE A 596 -4.08 3.81 -26.24
CA ILE A 596 -3.55 4.60 -27.34
C ILE A 596 -2.11 4.21 -27.64
N GLU A 597 -1.29 4.05 -26.59
CA GLU A 597 0.10 3.67 -26.79
C GLU A 597 0.22 2.28 -27.40
N ALA A 598 -0.58 1.33 -26.92
CA ALA A 598 -0.54 -0.02 -27.45
C ALA A 598 -0.90 -0.02 -28.94
N GLU A 599 -1.93 0.74 -29.32
CA GLU A 599 -2.29 0.79 -30.73
C GLU A 599 -1.23 1.54 -31.55
N SER A 600 -0.60 2.56 -30.98
CA SER A 600 0.42 3.32 -31.69
C SER A 600 1.74 2.58 -31.81
N SER A 601 1.98 1.58 -30.95
CA SER A 601 3.15 0.72 -31.14
C SER A 601 3.02 -0.11 -32.41
N VAL A 602 1.81 -0.29 -32.92
CA VAL A 602 1.62 -1.01 -34.17
C VAL A 602 1.97 -0.13 -35.36
N LYS A 603 1.29 1.00 -35.50
CA LYS A 603 1.60 1.98 -36.52
C LYS A 603 2.60 2.98 -35.95
N GLU A 604 3.76 3.10 -36.58
CA GLU A 604 4.84 3.88 -36.00
C GLU A 604 4.52 5.36 -36.10
N LYS A 605 3.58 5.82 -35.27
CA LYS A 605 3.13 7.20 -35.26
C LYS A 605 2.15 7.41 -34.12
N ASP A 606 2.12 8.62 -33.54
CA ASP A 606 1.14 8.92 -32.51
C ASP A 606 -0.25 8.94 -33.11
N MET A 607 -1.19 8.28 -32.44
CA MET A 607 -2.51 8.01 -32.99
C MET A 607 -3.62 8.71 -32.20
N THR A 608 -3.25 9.68 -31.36
CA THR A 608 -4.24 10.31 -30.49
C THR A 608 -5.22 11.17 -31.28
N LYS A 609 -4.71 12.00 -32.19
CA LYS A 609 -5.55 13.00 -32.82
C LYS A 609 -6.67 12.34 -33.64
N GLU A 610 -6.32 11.32 -34.42
CA GLU A 610 -7.34 10.67 -35.23
C GLU A 610 -8.32 9.88 -34.37
N PHE A 611 -7.83 9.27 -33.28
CA PHE A 611 -8.74 8.61 -32.35
C PHE A 611 -9.78 9.59 -31.82
N PHE A 612 -9.35 10.80 -31.42
CA PHE A 612 -10.28 11.73 -30.78
C PHE A 612 -11.12 12.52 -31.77
N GLU A 613 -10.67 12.70 -33.02
CA GLU A 613 -11.44 13.46 -34.00
C GLU A 613 -12.20 12.58 -34.99
N ASN A 614 -11.51 11.67 -35.68
CA ASN A 614 -12.19 10.85 -36.68
C ASN A 614 -13.25 9.96 -36.04
N LYS A 615 -12.97 9.39 -34.86
CA LYS A 615 -13.94 8.57 -34.13
C LYS A 615 -14.35 7.35 -34.96
N SER A 616 -13.45 6.88 -35.83
CA SER A 616 -13.76 5.71 -36.64
C SER A 616 -13.79 4.44 -35.77
N GLU A 617 -12.74 4.23 -34.99
CA GLU A 617 -12.69 3.05 -34.12
C GLU A 617 -13.60 3.25 -32.91
N THR A 618 -14.25 2.16 -32.51
CA THR A 618 -15.15 2.20 -31.37
C THR A 618 -15.00 0.91 -30.57
N TRP A 619 -15.30 0.99 -29.27
CA TRP A 619 -15.21 -0.14 -28.37
C TRP A 619 -16.58 -0.49 -27.81
N PRO A 620 -16.86 -1.77 -27.54
CA PRO A 620 -18.14 -2.11 -26.89
C PRO A 620 -18.21 -1.54 -25.49
N ILE A 621 -19.13 -0.60 -25.27
CA ILE A 621 -19.21 0.11 -24.00
C ILE A 621 -20.63 0.08 -23.45
N GLY A 622 -21.42 -0.89 -23.88
CA GLY A 622 -22.78 -1.02 -23.41
C GLY A 622 -23.61 -1.83 -24.39
N GLU A 623 -24.76 -2.29 -23.90
CA GLU A 623 -25.67 -3.12 -24.68
C GLU A 623 -27.05 -2.50 -24.68
N SER A 624 -27.65 -2.41 -25.85
CA SER A 624 -29.03 -1.98 -26.04
C SER A 624 -29.89 -3.16 -26.42
N PRO A 625 -31.21 -3.09 -26.22
CA PRO A 625 -32.07 -4.20 -26.62
C PRO A 625 -31.83 -4.67 -28.05
N LYS A 626 -31.43 -3.77 -28.95
CA LYS A 626 -31.05 -4.18 -30.29
C LYS A 626 -29.79 -5.04 -30.26
N GLY A 627 -28.83 -4.71 -29.42
CA GLY A 627 -27.59 -5.46 -29.34
C GLY A 627 -26.53 -4.65 -28.63
N VAL A 628 -25.28 -5.07 -28.81
CA VAL A 628 -24.14 -4.40 -28.20
C VAL A 628 -23.88 -3.10 -28.94
N GLU A 629 -23.69 -2.02 -28.19
CA GLU A 629 -23.45 -0.70 -28.72
C GLU A 629 -22.00 -0.28 -28.48
N GLU A 630 -21.37 0.28 -29.51
CA GLU A 630 -19.99 0.73 -29.42
C GLU A 630 -19.94 2.25 -29.50
N GLY A 631 -18.99 2.84 -28.76
CA GLY A 631 -18.83 4.27 -28.72
C GLY A 631 -17.39 4.67 -28.97
N SER A 632 -17.22 5.96 -29.27
CA SER A 632 -15.89 6.49 -29.56
C SER A 632 -15.01 6.42 -28.33
N ILE A 633 -13.74 6.83 -28.50
CA ILE A 633 -12.78 6.73 -27.41
C ILE A 633 -13.17 7.65 -26.26
N GLY A 634 -13.75 8.81 -26.58
CA GLY A 634 -14.17 9.73 -25.53
C GLY A 634 -15.25 9.11 -24.64
N LYS A 635 -16.20 8.40 -25.23
CA LYS A 635 -17.22 7.73 -24.43
C LYS A 635 -16.60 6.66 -23.56
N VAL A 636 -15.58 5.95 -24.05
CA VAL A 636 -14.88 4.99 -23.21
C VAL A 636 -14.20 5.70 -22.05
N CYS A 637 -13.57 6.85 -22.31
CA CYS A 637 -12.97 7.64 -21.25
C CYS A 637 -13.99 7.94 -20.17
N ARG A 638 -15.14 8.48 -20.59
CA ARG A 638 -16.17 8.86 -19.62
C ARG A 638 -16.70 7.65 -18.86
N THR A 639 -16.88 6.52 -19.56
CA THR A 639 -17.38 5.31 -18.91
C THR A 639 -16.41 4.81 -17.84
N LEU A 640 -15.12 4.76 -18.17
CA LEU A 640 -14.14 4.31 -17.19
C LEU A 640 -14.04 5.29 -16.03
N LEU A 641 -14.12 6.59 -16.31
CA LEU A 641 -14.10 7.57 -15.24
C LEU A 641 -15.29 7.38 -14.31
N ALA A 642 -16.48 7.15 -14.87
CA ALA A 642 -17.66 6.92 -14.04
C ALA A 642 -17.51 5.64 -13.23
N LYS A 643 -16.94 4.60 -13.83
CA LYS A 643 -16.73 3.35 -13.10
C LYS A 643 -15.81 3.58 -11.91
N SER A 644 -14.71 4.30 -12.12
CA SER A 644 -13.81 4.59 -11.01
C SER A 644 -14.48 5.45 -9.95
N VAL A 645 -15.26 6.44 -10.36
CA VAL A 645 -15.94 7.30 -9.40
C VAL A 645 -16.91 6.49 -8.56
N PHE A 646 -17.67 5.60 -9.19
CA PHE A 646 -18.61 4.78 -8.42
C PHE A 646 -17.88 3.77 -7.55
N ASN A 647 -16.72 3.28 -7.99
CA ASN A 647 -15.90 2.45 -7.11
C ASN A 647 -15.50 3.21 -5.87
N SER A 648 -15.12 4.48 -6.02
CA SER A 648 -14.73 5.29 -4.88
C SER A 648 -15.92 5.67 -4.02
N LEU A 649 -17.12 5.75 -4.61
CA LEU A 649 -18.29 6.18 -3.84
C LEU A 649 -18.93 5.01 -3.09
N TYR A 650 -19.11 3.87 -3.76
CA TYR A 650 -19.75 2.71 -3.16
C TYR A 650 -18.72 1.66 -2.72
N ALA A 651 -17.55 2.11 -2.27
CA ALA A 651 -16.52 1.17 -1.86
C ALA A 651 -16.99 0.35 -0.67
N SER A 652 -16.60 -0.92 -0.64
CA SER A 652 -16.98 -1.83 0.44
C SER A 652 -16.21 -3.14 0.32
N PRO A 653 -16.13 -3.93 1.38
CA PRO A 653 -15.43 -5.23 1.27
C PRO A 653 -16.04 -6.14 0.22
N GLN A 654 -17.36 -6.08 0.06
CA GLN A 654 -18.01 -6.85 -0.99
C GLN A 654 -17.40 -6.53 -2.35
N LEU A 655 -17.16 -5.25 -2.62
CA LEU A 655 -16.59 -4.86 -3.91
C LEU A 655 -15.22 -5.49 -4.10
N GLU A 656 -14.36 -5.44 -3.08
CA GLU A 656 -13.02 -6.01 -3.21
C GLU A 656 -13.09 -7.52 -3.45
N GLY A 657 -13.88 -8.22 -2.64
CA GLY A 657 -13.96 -9.66 -2.79
C GLY A 657 -14.50 -10.07 -4.16
N PHE A 658 -15.59 -9.43 -4.59
CA PHE A 658 -16.15 -9.74 -5.89
C PHE A 658 -15.16 -9.39 -7.00
N SER A 659 -14.47 -8.27 -6.87
CA SER A 659 -13.51 -7.88 -7.92
C SER A 659 -12.44 -8.95 -8.08
N ALA A 660 -11.86 -9.41 -6.97
CA ALA A 660 -10.81 -10.42 -7.06
C ALA A 660 -11.36 -11.73 -7.63
N GLU A 661 -12.43 -12.25 -7.04
CA GLU A 661 -12.93 -13.56 -7.43
C GLU A 661 -13.59 -13.56 -8.80
N SER A 662 -13.94 -12.39 -9.34
CA SER A 662 -14.46 -12.27 -10.68
C SER A 662 -13.37 -11.97 -11.69
N ARG A 663 -12.27 -11.32 -11.27
CA ARG A 663 -11.11 -11.20 -12.14
C ARG A 663 -10.52 -12.57 -12.42
N LYS A 664 -10.53 -13.46 -11.43
CA LYS A 664 -10.08 -14.83 -11.68
C LYS A 664 -10.89 -15.47 -12.82
N LEU A 665 -12.22 -15.41 -12.71
CA LEU A 665 -13.07 -16.03 -13.74
C LEU A 665 -12.94 -15.30 -15.07
N LEU A 666 -12.74 -13.98 -15.04
CA LEU A 666 -12.54 -13.23 -16.27
C LEU A 666 -11.27 -13.69 -16.97
N LEU A 667 -10.20 -13.92 -16.21
CA LEU A 667 -8.97 -14.44 -16.81
C LEU A 667 -9.19 -15.83 -17.40
N ILE A 668 -9.94 -16.68 -16.69
CA ILE A 668 -10.23 -18.00 -17.23
C ILE A 668 -11.01 -17.89 -18.54
N VAL A 669 -12.02 -17.02 -18.57
CA VAL A 669 -12.82 -16.86 -19.77
C VAL A 669 -11.99 -16.30 -20.92
N GLN A 670 -11.08 -15.36 -20.61
CA GLN A 670 -10.20 -14.82 -21.63
C GLN A 670 -9.29 -15.91 -22.19
N ALA A 671 -8.77 -16.79 -21.32
CA ALA A 671 -7.98 -17.91 -21.80
C ALA A 671 -8.80 -18.80 -22.72
N LEU A 672 -10.07 -19.03 -22.36
CA LEU A 672 -10.94 -19.82 -23.22
C LEU A 672 -11.10 -19.16 -24.59
N ARG A 673 -11.36 -17.85 -24.60
CA ARG A 673 -11.56 -17.14 -25.85
C ARG A 673 -10.29 -17.07 -26.69
N ASP A 674 -9.13 -17.24 -26.07
CA ASP A 674 -7.86 -17.20 -26.77
C ASP A 674 -7.43 -18.57 -27.29
N ASN A 675 -8.27 -19.60 -27.11
CA ASN A 675 -7.95 -20.94 -27.57
C ASN A 675 -6.70 -21.49 -26.89
N LEU A 676 -6.70 -21.42 -25.55
CA LEU A 676 -5.56 -21.87 -24.75
C LEU A 676 -5.92 -23.06 -23.87
N GLU A 677 -6.97 -23.80 -24.22
CA GLU A 677 -7.40 -25.02 -23.53
C GLU A 677 -7.37 -24.81 -22.00
N PRO A 678 -8.13 -23.85 -21.50
CA PRO A 678 -8.14 -23.62 -20.05
C PRO A 678 -8.77 -24.79 -19.32
N GLY A 679 -8.32 -24.96 -18.08
CA GLY A 679 -8.85 -26.02 -17.24
C GLY A 679 -8.95 -25.54 -15.80
N THR A 680 -9.83 -26.21 -15.05
CA THR A 680 -10.08 -25.85 -13.66
C THR A 680 -10.08 -27.11 -12.82
N PHE A 681 -9.70 -26.95 -11.56
CA PHE A 681 -9.72 -28.04 -10.59
C PHE A 681 -11.01 -28.09 -9.79
N ASP A 682 -11.55 -26.93 -9.40
CA ASP A 682 -12.84 -26.86 -8.73
C ASP A 682 -13.49 -25.54 -9.13
N LEU A 683 -14.30 -25.57 -10.19
CA LEU A 683 -14.97 -24.35 -10.64
C LEU A 683 -16.14 -23.98 -9.73
N GLY A 684 -16.82 -24.99 -9.18
CA GLY A 684 -17.89 -24.71 -8.25
C GLY A 684 -17.42 -23.94 -7.03
N GLY A 685 -16.22 -24.27 -6.55
CA GLY A 685 -15.66 -23.52 -5.44
C GLY A 685 -15.44 -22.06 -5.79
N LEU A 686 -14.91 -21.80 -6.98
CA LEU A 686 -14.72 -20.41 -7.41
C LEU A 686 -16.05 -19.69 -7.52
N TYR A 687 -17.07 -20.36 -8.07
CA TYR A 687 -18.39 -19.74 -8.18
C TYR A 687 -18.94 -19.40 -6.80
N GLU A 688 -18.83 -20.33 -5.86
CA GLU A 688 -19.30 -20.06 -4.51
C GLU A 688 -18.52 -18.93 -3.86
N ALA A 689 -17.22 -18.83 -4.15
CA ALA A 689 -16.43 -17.72 -3.65
C ALA A 689 -16.90 -16.39 -4.21
N ILE A 690 -17.27 -16.35 -5.49
CA ILE A 690 -17.77 -15.11 -6.09
C ILE A 690 -19.13 -14.76 -5.51
N GLU A 691 -20.01 -15.74 -5.40
CA GLU A 691 -21.40 -15.47 -5.04
C GLU A 691 -21.57 -15.06 -3.58
N GLU A 692 -20.58 -15.33 -2.73
CA GLU A 692 -20.69 -14.95 -1.33
C GLU A 692 -20.37 -13.47 -1.09
N CYS A 693 -19.81 -12.78 -2.08
CA CYS A 693 -19.54 -11.34 -1.96
C CYS A 693 -20.74 -10.48 -2.30
N LEU A 694 -21.74 -11.03 -2.96
CA LEU A 694 -22.91 -10.28 -3.39
C LEU A 694 -23.97 -10.37 -2.29
N ILE A 695 -24.13 -9.31 -1.50
CA ILE A 695 -25.08 -9.34 -0.39
C ILE A 695 -26.12 -8.25 -0.51
N ASN A 696 -25.70 -6.98 -0.40
CA ASN A 696 -26.64 -5.88 -0.48
C ASN A 696 -26.11 -4.62 -1.14
N ASP A 697 -24.89 -4.61 -1.63
CA ASP A 697 -24.35 -3.36 -2.16
C ASP A 697 -24.85 -3.15 -3.59
N PRO A 698 -25.50 -2.03 -3.89
CA PRO A 698 -25.97 -1.84 -5.28
C PRO A 698 -24.86 -1.92 -6.31
N TRP A 699 -23.69 -1.37 -6.00
CA TRP A 699 -22.62 -1.31 -6.99
C TRP A 699 -22.10 -2.69 -7.33
N VAL A 700 -21.87 -3.53 -6.32
CA VAL A 700 -21.35 -4.87 -6.59
C VAL A 700 -22.37 -5.72 -7.31
N LEU A 701 -23.66 -5.56 -6.96
CA LEU A 701 -24.70 -6.30 -7.67
C LEU A 701 -24.78 -5.87 -9.13
N LEU A 702 -24.66 -4.56 -9.38
CA LEU A 702 -24.64 -4.09 -10.76
C LEU A 702 -23.42 -4.64 -11.51
N ASN A 703 -22.27 -4.71 -10.84
CA ASN A 703 -21.09 -5.30 -11.46
C ASN A 703 -21.31 -6.76 -11.78
N ALA A 704 -21.97 -7.50 -10.89
CA ALA A 704 -22.27 -8.90 -11.15
C ALA A 704 -23.22 -9.06 -12.33
N SER A 705 -24.23 -8.19 -12.41
CA SER A 705 -25.13 -8.23 -13.57
C SER A 705 -24.37 -7.94 -14.86
N TRP A 706 -23.46 -6.96 -14.80
CA TRP A 706 -22.62 -6.67 -15.97
C TRP A 706 -21.78 -7.89 -16.34
N PHE A 707 -21.24 -8.58 -15.35
CA PHE A 707 -20.42 -9.76 -15.62
C PHE A 707 -21.25 -10.86 -16.26
N ASN A 708 -22.48 -11.06 -15.78
CA ASN A 708 -23.37 -12.05 -16.40
C ASN A 708 -23.67 -11.67 -17.84
N SER A 709 -23.94 -10.39 -18.10
CA SER A 709 -24.19 -9.95 -19.47
C SER A 709 -22.96 -10.17 -20.35
N PHE A 710 -21.77 -9.91 -19.81
CA PHE A 710 -20.54 -10.12 -20.57
C PHE A 710 -20.34 -11.58 -20.90
N LEU A 711 -20.62 -12.47 -19.94
CA LEU A 711 -20.56 -13.90 -20.20
C LEU A 711 -21.54 -14.30 -21.30
N THR A 712 -22.77 -13.77 -21.22
CA THR A 712 -23.78 -14.11 -22.22
C THR A 712 -23.34 -13.65 -23.61
N HIS A 713 -22.81 -12.43 -23.71
CA HIS A 713 -22.35 -11.93 -25.00
C HIS A 713 -21.06 -12.61 -25.44
N ALA A 714 -20.17 -12.91 -24.50
CA ALA A 714 -18.98 -13.70 -24.79
C ALA A 714 -19.39 -15.16 -24.92
N LEU A 715 -18.41 -16.05 -25.07
CA LEU A 715 -18.67 -17.48 -25.21
C LEU A 715 -19.54 -17.75 -26.43
N ARG A 716 -19.06 -17.26 -27.58
CA ARG A 716 -19.77 -17.43 -28.84
C ARG A 716 -18.79 -17.65 -29.99
N MET B 1 -29.93 3.01 -24.33
CA MET B 1 -28.67 2.21 -24.22
C MET B 1 -28.14 2.24 -22.79
N ASP B 2 -27.77 1.06 -22.28
CA ASP B 2 -27.22 0.93 -20.93
C ASP B 2 -25.71 0.75 -21.02
N VAL B 3 -24.97 1.59 -20.29
CA VAL B 3 -23.52 1.54 -20.32
C VAL B 3 -23.04 0.38 -19.45
N ASN B 4 -22.04 -0.33 -19.94
CA ASN B 4 -21.48 -1.48 -19.23
C ASN B 4 -19.99 -1.58 -19.50
N PRO B 5 -19.13 -1.14 -18.58
CA PRO B 5 -17.68 -1.19 -18.85
C PRO B 5 -17.15 -2.59 -19.08
N THR B 6 -17.72 -3.61 -18.44
CA THR B 6 -17.18 -4.96 -18.58
C THR B 6 -17.19 -5.43 -20.03
N LEU B 7 -18.18 -5.00 -20.81
CA LEU B 7 -18.22 -5.39 -22.21
C LEU B 7 -17.00 -4.94 -22.97
N LEU B 8 -16.26 -3.97 -22.43
CA LEU B 8 -15.01 -3.55 -23.05
C LEU B 8 -14.03 -4.71 -23.21
N PHE B 9 -14.16 -5.74 -22.38
CA PHE B 9 -13.28 -6.90 -22.50
C PHE B 9 -13.56 -7.74 -23.74
N LEU B 10 -14.67 -7.50 -24.44
CA LEU B 10 -14.96 -8.23 -25.66
C LEU B 10 -14.06 -7.80 -26.82
N LYS B 11 -13.44 -6.63 -26.72
CA LYS B 11 -12.50 -6.15 -27.73
C LYS B 11 -11.08 -6.02 -27.22
N VAL B 12 -10.91 -5.58 -25.99
CA VAL B 12 -9.59 -5.48 -25.36
C VAL B 12 -9.37 -6.74 -24.52
N PRO B 13 -8.30 -7.50 -24.75
CA PRO B 13 -8.06 -8.68 -23.91
C PRO B 13 -8.09 -8.35 -22.42
N ALA B 14 -8.34 -9.37 -21.59
CA ALA B 14 -8.54 -9.13 -20.17
C ALA B 14 -7.30 -8.51 -19.53
N GLN B 15 -6.11 -9.03 -19.87
CA GLN B 15 -4.89 -8.52 -19.24
C GLN B 15 -4.52 -7.13 -19.73
N ASN B 16 -4.84 -6.79 -20.97
CA ASN B 16 -4.54 -5.47 -21.49
C ASN B 16 -5.39 -4.38 -20.84
N ALA B 17 -6.46 -4.74 -20.14
CA ALA B 17 -7.30 -3.78 -19.43
C ALA B 17 -7.60 -4.26 -18.02
N ILE B 18 -6.69 -5.04 -17.43
CA ILE B 18 -6.93 -5.58 -16.10
C ILE B 18 -6.98 -4.49 -15.04
N SER B 19 -6.39 -3.33 -15.32
CA SER B 19 -6.42 -2.24 -14.34
C SER B 19 -7.84 -1.85 -14.00
N THR B 20 -8.77 -2.02 -14.93
CA THR B 20 -10.17 -1.67 -14.67
C THR B 20 -10.79 -2.56 -13.60
N THR B 21 -10.23 -3.74 -13.35
CA THR B 21 -10.78 -4.70 -12.40
C THR B 21 -10.19 -4.56 -11.01
N PHE B 22 -9.56 -3.42 -10.70
CA PHE B 22 -8.93 -3.17 -9.40
C PHE B 22 -9.56 -1.94 -8.77
N PRO B 23 -10.57 -2.11 -7.92
CA PRO B 23 -11.21 -0.94 -7.29
C PRO B 23 -10.39 -0.35 -6.16
N TYR B 24 -9.20 0.16 -6.50
CA TYR B 24 -8.27 0.72 -5.53
C TYR B 24 -8.40 2.23 -5.42
N THR B 25 -9.57 2.78 -5.73
CA THR B 25 -9.85 4.20 -5.56
C THR B 25 -10.75 4.50 -4.37
N GLY B 26 -11.17 3.47 -3.62
CA GLY B 26 -12.03 3.65 -2.47
C GLY B 26 -11.33 3.19 -1.20
N ASP B 27 -12.01 3.41 -0.09
CA ASP B 27 -11.44 3.05 1.21
C ASP B 27 -11.32 1.53 1.31
N PRO B 28 -10.15 1.00 1.65
CA PRO B 28 -10.02 -0.45 1.81
C PRO B 28 -10.71 -0.92 3.07
N PRO B 29 -11.09 -2.20 3.14
CA PRO B 29 -11.78 -2.70 4.33
C PRO B 29 -10.90 -2.61 5.57
N TYR B 30 -11.53 -2.28 6.70
CA TYR B 30 -10.86 -2.23 7.99
C TYR B 30 -11.65 -3.05 9.01
N SER B 31 -10.91 -3.63 9.96
CA SER B 31 -11.53 -4.23 11.12
C SER B 31 -11.86 -3.16 12.15
N HIS B 32 -12.95 -3.38 12.89
CA HIS B 32 -13.45 -2.40 13.83
C HIS B 32 -13.19 -2.74 15.29
N GLY B 33 -13.34 -4.00 15.68
CA GLY B 33 -13.22 -4.38 17.07
C GLY B 33 -12.17 -5.44 17.35
N THR B 34 -12.50 -6.38 18.22
CA THR B 34 -11.55 -7.39 18.65
C THR B 34 -11.21 -8.34 17.51
N GLY B 35 -10.02 -8.91 17.60
CA GLY B 35 -9.60 -9.96 16.70
C GLY B 35 -9.59 -11.32 17.38
N THR B 36 -10.20 -11.41 18.55
CA THR B 36 -10.21 -12.66 19.30
C THR B 36 -10.94 -13.75 18.54
N GLY B 37 -12.07 -13.42 17.91
CA GLY B 37 -12.80 -14.43 17.15
C GLY B 37 -11.95 -15.04 16.06
N TYR B 38 -11.25 -14.19 15.30
CA TYR B 38 -10.39 -14.70 14.24
C TYR B 38 -9.25 -15.54 14.80
N THR B 39 -8.67 -15.13 15.93
CA THR B 39 -7.59 -15.91 16.51
C THR B 39 -8.09 -17.30 16.93
N MET B 40 -9.24 -17.34 17.59
CA MET B 40 -9.79 -18.64 18.00
C MET B 40 -10.12 -19.49 16.79
N ASP B 41 -10.70 -18.89 15.75
CA ASP B 41 -11.04 -19.64 14.54
C ASP B 41 -9.77 -20.20 13.90
N THR B 42 -8.71 -19.41 13.83
CA THR B 42 -7.47 -19.88 13.23
C THR B 42 -6.86 -21.01 14.05
N VAL B 43 -6.89 -20.89 15.38
CA VAL B 43 -6.33 -21.95 16.22
C VAL B 43 -7.12 -23.25 16.01
N ASN B 44 -8.44 -23.17 16.04
CA ASN B 44 -9.26 -24.37 15.86
C ASN B 44 -9.04 -24.98 14.48
N ARG B 45 -8.97 -24.13 13.44
CA ARG B 45 -8.77 -24.63 12.09
C ARG B 45 -7.41 -25.31 11.95
N THR B 46 -6.37 -24.71 12.52
CA THR B 46 -5.05 -25.33 12.47
C THR B 46 -5.03 -26.65 13.22
N HIS B 47 -5.76 -26.75 14.34
CA HIS B 47 -5.78 -27.98 15.10
C HIS B 47 -6.63 -29.07 14.47
N GLN B 48 -7.65 -28.71 13.68
CA GLN B 48 -8.52 -29.72 13.09
C GLN B 48 -8.06 -30.19 11.72
N TYR B 49 -7.18 -29.43 11.06
CA TYR B 49 -6.52 -29.94 9.87
C TYR B 49 -5.50 -31.01 10.20
N SER B 50 -5.16 -31.19 11.47
CA SER B 50 -4.20 -32.19 11.92
C SER B 50 -4.79 -33.06 13.01
N GLU B 51 -6.12 -33.25 12.97
CA GLU B 51 -6.80 -33.95 14.06
C GLU B 51 -6.30 -35.38 14.23
N LYS B 52 -5.90 -36.03 13.14
CA LYS B 52 -5.51 -37.43 13.19
C LYS B 52 -4.09 -37.64 13.71
N GLY B 53 -3.42 -36.59 14.18
CA GLY B 53 -2.11 -36.74 14.77
C GLY B 53 -2.18 -37.41 16.13
N ARG B 54 -1.17 -37.21 16.96
CA ARG B 54 -1.13 -37.77 18.32
C ARG B 54 -0.99 -36.65 19.33
N TRP B 55 -1.69 -36.78 20.46
CA TRP B 55 -1.72 -35.77 21.50
C TRP B 55 -0.69 -36.08 22.57
N THR B 56 -0.12 -35.01 23.13
CA THR B 56 0.80 -35.12 24.25
C THR B 56 0.64 -33.89 25.12
N THR B 57 1.22 -33.94 26.32
CA THR B 57 1.20 -32.82 27.25
C THR B 57 2.64 -32.47 27.60
N ASN B 58 3.05 -31.25 27.28
CA ASN B 58 4.41 -30.83 27.57
C ASN B 58 4.66 -30.83 29.07
N THR B 59 5.78 -31.40 29.48
CA THR B 59 6.11 -31.48 30.89
C THR B 59 6.56 -30.13 31.47
N GLU B 60 7.00 -29.20 30.62
CA GLU B 60 7.42 -27.89 31.09
C GLU B 60 6.27 -26.89 31.12
N THR B 61 5.61 -26.68 29.98
CA THR B 61 4.50 -25.73 29.91
C THR B 61 3.17 -26.34 30.30
N GLY B 62 3.07 -27.66 30.36
CA GLY B 62 1.81 -28.29 30.74
C GLY B 62 0.70 -28.10 29.76
N ALA B 63 1.01 -27.71 28.51
CA ALA B 63 -0.02 -27.44 27.52
C ALA B 63 -0.19 -28.65 26.59
N PRO B 64 -1.40 -28.89 26.09
CA PRO B 64 -1.60 -29.99 25.14
C PRO B 64 -1.06 -29.62 23.75
N GLN B 65 -0.30 -30.53 23.17
CA GLN B 65 0.31 -30.33 21.86
C GLN B 65 -0.05 -31.50 20.96
N LEU B 66 -0.26 -31.20 19.67
CA LEU B 66 -0.69 -32.18 18.69
C LEU B 66 0.43 -32.35 17.65
N ASN B 67 0.92 -33.58 17.50
CA ASN B 67 1.97 -33.89 16.55
C ASN B 67 1.40 -34.71 15.41
N PRO B 68 1.24 -34.16 14.21
CA PRO B 68 0.70 -34.95 13.09
C PRO B 68 1.77 -35.57 12.22
N ILE B 69 3.03 -35.20 12.44
CA ILE B 69 4.11 -35.66 11.58
C ILE B 69 4.11 -37.18 11.54
N ASP B 70 4.36 -37.73 10.35
CA ASP B 70 4.33 -39.17 10.12
C ASP B 70 2.97 -39.77 10.44
N GLY B 71 1.91 -38.95 10.40
CA GLY B 71 0.59 -39.44 10.64
C GLY B 71 0.03 -40.15 9.42
N PRO B 72 -1.23 -40.60 9.53
CA PRO B 72 -1.84 -41.32 8.41
C PRO B 72 -1.89 -40.47 7.16
N LEU B 73 -1.63 -41.10 6.01
CA LEU B 73 -1.65 -40.39 4.76
C LEU B 73 -3.06 -39.90 4.45
N PRO B 74 -3.20 -38.71 3.85
CA PRO B 74 -4.53 -38.21 3.55
C PRO B 74 -5.24 -39.08 2.54
N GLU B 75 -6.57 -39.19 2.70
CA GLU B 75 -7.42 -39.94 1.77
C GLU B 75 -8.43 -39.04 1.09
N ASP B 76 -8.30 -37.72 1.22
CA ASP B 76 -9.19 -36.77 0.57
C ASP B 76 -8.39 -35.53 0.19
N ASN B 77 -9.00 -34.68 -0.63
CA ASN B 77 -8.34 -33.49 -1.14
C ASN B 77 -8.44 -32.31 -0.18
N GLU B 78 -8.98 -32.51 1.02
CA GLU B 78 -9.07 -31.44 1.99
C GLU B 78 -7.67 -31.11 2.52
N PRO B 79 -7.48 -29.91 3.07
CA PRO B 79 -6.17 -29.55 3.60
C PRO B 79 -5.73 -30.52 4.69
N SER B 80 -4.43 -30.83 4.70
CA SER B 80 -3.88 -31.78 5.65
C SER B 80 -2.48 -31.34 6.04
N GLY B 81 -2.16 -31.44 7.32
CA GLY B 81 -0.85 -31.09 7.81
C GLY B 81 -0.01 -32.29 8.20
N TYR B 82 -0.35 -33.46 7.64
CA TYR B 82 0.35 -34.70 7.98
C TYR B 82 1.57 -34.87 7.07
N ALA B 83 2.58 -34.05 7.33
CA ALA B 83 3.84 -34.14 6.60
C ALA B 83 4.63 -35.34 7.08
N GLN B 84 5.36 -35.97 6.16
CA GLN B 84 6.14 -37.17 6.45
C GLN B 84 7.61 -36.78 6.54
N THR B 85 8.25 -37.16 7.65
CA THR B 85 9.64 -36.75 7.89
C THR B 85 10.56 -37.29 6.80
N ASP B 86 10.43 -38.57 6.46
CA ASP B 86 11.32 -39.16 5.49
C ASP B 86 11.18 -38.50 4.13
N CYS B 87 9.94 -38.21 3.71
CA CYS B 87 9.73 -37.58 2.41
C CYS B 87 10.40 -36.23 2.33
N VAL B 88 10.26 -35.41 3.37
CA VAL B 88 10.84 -34.07 3.35
C VAL B 88 12.36 -34.14 3.43
N LEU B 89 12.88 -35.07 4.23
CA LEU B 89 14.33 -35.24 4.27
C LEU B 89 14.86 -35.65 2.90
N GLU B 90 14.15 -36.54 2.21
CA GLU B 90 14.55 -36.94 0.85
C GLU B 90 14.47 -35.76 -0.11
N ALA B 91 13.43 -34.93 0.02
CA ALA B 91 13.32 -33.76 -0.84
C ALA B 91 14.49 -32.81 -0.62
N MET B 92 14.87 -32.58 0.63
CA MET B 92 16.02 -31.73 0.92
C MET B 92 17.30 -32.37 0.40
N ALA B 93 17.43 -33.69 0.50
CA ALA B 93 18.60 -34.36 -0.03
C ALA B 93 18.71 -34.20 -1.54
N PHE B 94 17.60 -34.33 -2.26
CA PHE B 94 17.61 -34.11 -3.69
C PHE B 94 17.92 -32.65 -4.02
N LEU B 95 17.39 -31.72 -3.22
CA LEU B 95 17.73 -30.31 -3.41
C LEU B 95 19.24 -30.10 -3.28
N GLU B 96 19.85 -30.73 -2.28
CA GLU B 96 21.30 -30.63 -2.12
C GLU B 96 22.03 -31.25 -3.30
N GLU B 97 21.56 -32.42 -3.76
CA GLU B 97 22.24 -33.10 -4.85
C GLU B 97 22.20 -32.27 -6.12
N SER B 98 21.06 -31.65 -6.42
CA SER B 98 20.96 -30.81 -7.61
C SER B 98 21.75 -29.52 -7.46
N HIS B 99 22.04 -29.10 -6.23
CA HIS B 99 22.81 -27.88 -5.96
C HIS B 99 23.87 -28.21 -4.92
N PRO B 100 24.91 -28.95 -5.31
CA PRO B 100 25.94 -29.32 -4.35
C PRO B 100 26.61 -28.11 -3.73
N GLY B 101 26.94 -28.23 -2.44
CA GLY B 101 27.61 -27.18 -1.72
C GLY B 101 26.73 -26.04 -1.24
N ILE B 102 25.42 -26.12 -1.48
CA ILE B 102 24.52 -25.04 -1.08
C ILE B 102 24.46 -24.92 0.43
N PHE B 103 24.17 -26.04 1.11
CA PHE B 103 23.97 -25.98 2.56
C PHE B 103 25.26 -25.63 3.28
N GLU B 104 26.37 -26.24 2.88
CA GLU B 104 27.63 -25.99 3.58
C GLU B 104 28.03 -24.52 3.47
N ASN B 105 27.97 -23.97 2.25
CA ASN B 105 28.31 -22.57 2.09
C ASN B 105 27.37 -21.68 2.92
N SER B 106 26.06 -21.85 2.71
CA SER B 106 25.11 -20.98 3.40
C SER B 106 25.33 -21.04 4.91
N CYS B 107 25.62 -22.23 5.44
CA CYS B 107 25.91 -22.37 6.85
C CYS B 107 27.20 -21.62 7.22
N LEU B 108 28.19 -21.61 6.33
CA LEU B 108 29.42 -20.88 6.63
C LEU B 108 29.16 -19.38 6.78
N GLU B 109 28.49 -18.78 5.78
CA GLU B 109 28.20 -17.34 5.91
C GLU B 109 27.28 -17.08 7.11
N THR B 110 26.31 -17.94 7.36
CA THR B 110 25.43 -17.75 8.51
C THR B 110 26.21 -17.82 9.81
N MET B 111 27.19 -18.73 9.90
CA MET B 111 28.02 -18.83 11.09
C MET B 111 28.84 -17.56 11.29
N GLU B 112 29.41 -17.04 10.20
CA GLU B 112 30.12 -15.77 10.29
C GLU B 112 29.21 -14.68 10.85
N VAL B 113 28.01 -14.55 10.27
CA VAL B 113 27.11 -13.48 10.68
C VAL B 113 26.68 -13.65 12.14
N VAL B 114 26.35 -14.88 12.53
CA VAL B 114 25.88 -15.12 13.90
C VAL B 114 26.98 -14.79 14.90
N GLN B 115 28.22 -15.18 14.61
CA GLN B 115 29.28 -14.92 15.56
C GLN B 115 29.82 -13.50 15.50
N GLN B 116 29.43 -12.71 14.50
CA GLN B 116 29.79 -11.29 14.49
C GLN B 116 28.60 -10.36 14.63
N THR B 117 27.38 -10.89 14.75
CA THR B 117 26.20 -10.05 14.90
C THR B 117 26.18 -9.39 16.28
N ARG B 118 25.52 -8.24 16.36
CA ARG B 118 25.41 -7.45 17.58
C ARG B 118 23.97 -7.46 18.08
N VAL B 119 23.80 -7.01 19.32
CA VAL B 119 22.46 -6.97 19.91
C VAL B 119 21.60 -5.90 19.25
N ASP B 120 22.21 -4.76 18.90
CA ASP B 120 21.44 -3.63 18.39
C ASP B 120 20.67 -3.99 17.12
N LYS B 121 21.07 -5.04 16.41
CA LYS B 121 20.34 -5.44 15.22
C LYS B 121 18.89 -5.78 15.52
N LEU B 122 18.57 -6.13 16.77
CA LEU B 122 17.19 -6.42 17.14
C LEU B 122 16.33 -5.16 17.23
N THR B 123 16.94 -3.98 17.37
CA THR B 123 16.17 -2.76 17.45
C THR B 123 15.57 -2.39 16.09
N GLN B 124 16.17 -2.88 15.00
CA GLN B 124 15.70 -2.57 13.66
C GLN B 124 14.51 -3.47 13.28
N GLY B 125 13.44 -3.32 14.04
CA GLY B 125 12.24 -4.11 13.81
C GLY B 125 11.00 -3.35 14.25
N ARG B 126 9.87 -3.73 13.69
CA ARG B 126 8.60 -3.10 14.02
C ARG B 126 8.03 -3.70 15.29
N GLN B 127 6.76 -3.41 15.59
CA GLN B 127 6.17 -3.78 16.87
C GLN B 127 6.51 -5.21 17.25
N THR B 128 6.84 -5.40 18.53
CA THR B 128 7.10 -6.72 19.09
C THR B 128 6.38 -6.84 20.42
N TYR B 129 6.02 -8.07 20.78
CA TYR B 129 5.25 -8.32 21.99
C TYR B 129 6.17 -8.32 23.20
N ASP B 130 6.17 -7.22 23.94
CA ASP B 130 6.89 -7.16 25.20
C ASP B 130 6.12 -7.94 26.26
N TRP B 131 6.78 -8.92 26.86
CA TRP B 131 6.19 -9.72 27.93
C TRP B 131 6.31 -9.05 29.29
N THR B 132 7.19 -8.06 29.44
CA THR B 132 7.28 -7.33 30.70
C THR B 132 5.98 -6.61 31.00
N LEU B 133 5.27 -6.17 29.96
CA LEU B 133 4.00 -5.48 30.11
C LEU B 133 2.86 -6.22 29.44
N ASN B 134 3.12 -7.34 28.78
CA ASN B 134 2.08 -8.11 28.08
C ASN B 134 1.38 -7.26 27.03
N ARG B 135 2.17 -6.61 26.17
CA ARG B 135 1.57 -5.77 25.14
C ARG B 135 2.59 -5.50 24.05
N ASN B 136 2.08 -5.08 22.89
CA ASN B 136 2.95 -4.75 21.77
C ASN B 136 3.60 -3.38 21.98
N GLN B 137 4.90 -3.31 21.78
CA GLN B 137 5.66 -2.09 21.93
C GLN B 137 6.75 -2.07 20.87
N PRO B 138 7.34 -0.91 20.59
CA PRO B 138 8.41 -0.86 19.59
C PRO B 138 9.56 -1.77 19.97
N ALA B 139 10.23 -2.32 18.95
CA ALA B 139 11.26 -3.33 19.18
C ALA B 139 12.31 -2.83 20.17
N ALA B 140 12.76 -1.59 20.00
CA ALA B 140 13.79 -1.05 20.89
C ALA B 140 13.31 -1.01 22.33
N THR B 141 12.07 -0.56 22.54
CA THR B 141 11.54 -0.47 23.90
C THR B 141 11.45 -1.84 24.56
N ALA B 142 10.93 -2.82 23.82
CA ALA B 142 10.81 -4.17 24.38
C ALA B 142 12.19 -4.75 24.68
N LEU B 143 13.15 -4.55 23.77
CA LEU B 143 14.50 -5.05 24.01
C LEU B 143 15.11 -4.41 25.26
N ALA B 144 14.93 -3.10 25.41
CA ALA B 144 15.47 -2.42 26.59
C ALA B 144 14.82 -2.94 27.86
N ASN B 145 13.51 -3.13 27.86
CA ASN B 145 12.83 -3.63 29.05
C ASN B 145 13.31 -5.03 29.41
N THR B 146 13.43 -5.90 28.40
CA THR B 146 13.89 -7.26 28.68
C THR B 146 15.32 -7.27 29.19
N ILE B 147 16.18 -6.43 28.62
CA ILE B 147 17.56 -6.35 29.09
C ILE B 147 17.60 -5.87 30.54
N GLU B 148 16.78 -4.86 30.86
CA GLU B 148 16.73 -4.35 32.22
C GLU B 148 16.28 -5.44 33.20
N VAL B 149 15.24 -6.20 32.82
CA VAL B 149 14.76 -7.26 33.69
C VAL B 149 15.82 -8.33 33.87
N PHE B 150 16.49 -8.72 32.79
CA PHE B 150 17.54 -9.73 32.88
C PHE B 150 18.65 -9.26 33.81
N ARG B 151 19.11 -8.02 33.64
CA ARG B 151 20.17 -7.50 34.49
C ARG B 151 19.73 -7.44 35.95
N SER B 152 18.46 -7.09 36.19
CA SER B 152 17.96 -7.09 37.56
C SER B 152 17.88 -8.50 38.14
N ASN B 153 17.68 -9.51 37.30
CA ASN B 153 17.60 -10.88 37.77
C ASN B 153 18.95 -11.57 37.86
N GLY B 154 20.00 -10.98 37.32
CA GLY B 154 21.34 -11.55 37.39
C GLY B 154 21.89 -12.08 36.07
N LEU B 155 21.19 -11.91 34.95
CA LEU B 155 21.66 -12.37 33.65
C LEU B 155 22.27 -11.17 32.92
N THR B 156 23.59 -11.05 33.00
CA THR B 156 24.31 -9.89 32.50
C THR B 156 25.33 -10.26 31.43
N ALA B 157 25.18 -11.44 30.82
CA ALA B 157 26.09 -11.81 29.74
C ALA B 157 25.87 -10.94 28.51
N ASN B 158 24.65 -10.41 28.34
CA ASN B 158 24.36 -9.54 27.20
C ASN B 158 25.19 -8.26 27.25
N GLU B 159 25.79 -7.95 28.40
CA GLU B 159 26.69 -6.81 28.47
C GLU B 159 27.89 -6.98 27.55
N SER B 160 28.16 -8.21 27.10
CA SER B 160 29.21 -8.41 26.10
C SER B 160 28.86 -7.75 24.77
N GLY B 161 27.61 -7.34 24.58
CA GLY B 161 27.23 -6.66 23.36
C GLY B 161 27.06 -7.57 22.16
N ARG B 162 26.91 -8.87 22.38
CA ARG B 162 26.79 -9.84 21.31
C ARG B 162 25.41 -10.47 21.36
N LEU B 163 24.79 -10.60 20.18
CA LEU B 163 23.47 -11.23 20.12
C LEU B 163 23.52 -12.68 20.57
N ILE B 164 24.61 -13.38 20.26
CA ILE B 164 24.74 -14.77 20.72
C ILE B 164 24.74 -14.82 22.24
N ASP B 165 25.44 -13.89 22.88
CA ASP B 165 25.42 -13.83 24.34
C ASP B 165 24.04 -13.49 24.87
N PHE B 166 23.31 -12.61 24.18
CA PHE B 166 21.95 -12.31 24.59
C PHE B 166 21.08 -13.55 24.53
N LEU B 167 21.23 -14.36 23.48
CA LEU B 167 20.48 -15.61 23.40
C LEU B 167 20.92 -16.61 24.47
N LYS B 168 22.21 -16.64 24.80
CA LYS B 168 22.67 -17.48 25.89
C LYS B 168 21.98 -17.09 27.19
N ASP B 169 21.90 -15.79 27.46
CA ASP B 169 21.19 -15.32 28.65
C ASP B 169 19.71 -15.68 28.58
N VAL B 170 19.11 -15.56 27.40
CA VAL B 170 17.70 -15.88 27.24
C VAL B 170 17.44 -17.33 27.61
N MET B 171 18.28 -18.24 27.08
CA MET B 171 18.11 -19.65 27.41
C MET B 171 18.37 -19.92 28.88
N GLU B 172 19.39 -19.28 29.45
CA GLU B 172 19.66 -19.47 30.87
C GLU B 172 18.49 -19.01 31.72
N SER B 173 17.76 -18.00 31.27
CA SER B 173 16.57 -17.55 32.00
C SER B 173 15.51 -18.63 32.09
N MET B 174 15.50 -19.56 31.13
CA MET B 174 14.50 -20.61 31.12
C MET B 174 14.64 -21.55 32.32
N ASP B 175 15.83 -21.63 32.92
CA ASP B 175 16.10 -22.57 34.00
C ASP B 175 16.10 -21.88 35.37
N LYS B 176 15.49 -20.71 35.48
CA LYS B 176 15.46 -19.97 36.73
C LYS B 176 14.19 -20.28 37.51
N GLU B 177 14.30 -20.33 38.83
CA GLU B 177 13.16 -20.68 39.66
C GLU B 177 12.16 -19.54 39.77
N GLU B 178 12.63 -18.29 39.79
CA GLU B 178 11.76 -17.16 40.07
C GLU B 178 12.38 -15.91 39.48
N MET B 179 11.72 -15.30 38.51
CA MET B 179 12.12 -14.01 37.98
C MET B 179 11.23 -12.91 38.55
N GLU B 180 11.64 -11.66 38.34
CA GLU B 180 10.90 -10.51 38.86
C GLU B 180 10.67 -9.49 37.75
N ILE B 181 9.46 -8.95 37.71
CA ILE B 181 9.06 -7.95 36.73
C ILE B 181 8.49 -6.75 37.46
N THR B 182 8.35 -5.64 36.73
CA THR B 182 7.86 -4.38 37.26
C THR B 182 6.53 -4.03 36.60
N THR B 183 5.59 -3.53 37.40
CA THR B 183 4.31 -3.10 36.87
C THR B 183 3.89 -1.77 37.51
N HIS B 184 3.31 -0.89 36.70
CA HIS B 184 2.84 0.40 37.17
C HIS B 184 1.32 0.45 37.14
N PHE B 185 0.74 1.08 38.15
CA PHE B 185 -0.71 1.21 38.25
C PHE B 185 -1.09 2.50 38.97
N LYS B 207 5.48 1.78 41.78
CA LYS B 207 5.67 0.58 40.99
C LYS B 207 5.68 -0.65 41.89
N LYS B 208 5.19 -1.77 41.35
CA LYS B 208 5.07 -3.02 42.08
C LYS B 208 5.98 -4.06 41.45
N LYS B 209 6.74 -4.76 42.29
CA LYS B 209 7.59 -5.86 41.85
C LYS B 209 6.81 -7.17 42.00
N GLN B 210 6.64 -7.88 40.90
CA GLN B 210 5.91 -9.14 40.88
C GLN B 210 6.85 -10.28 40.53
N ARG B 211 6.59 -11.45 41.09
CA ARG B 211 7.43 -12.63 40.90
C ARG B 211 6.74 -13.61 39.97
N LEU B 212 7.48 -14.05 38.96
CA LEU B 212 7.01 -15.03 37.98
C LEU B 212 7.76 -16.33 38.20
N ASN B 213 7.01 -17.41 38.37
CA ASN B 213 7.60 -18.74 38.55
C ASN B 213 8.12 -19.25 37.21
N LYS B 214 8.62 -20.48 37.21
CA LYS B 214 9.24 -21.03 36.01
C LYS B 214 8.21 -21.18 34.89
N ARG B 215 7.09 -21.84 35.17
CA ARG B 215 6.12 -22.13 34.12
C ARG B 215 5.51 -20.86 33.55
N SER B 216 5.19 -19.89 34.40
CA SER B 216 4.59 -18.65 33.93
C SER B 216 5.54 -17.91 33.00
N TYR B 217 6.83 -17.85 33.37
CA TYR B 217 7.80 -17.19 32.51
C TYR B 217 8.00 -17.97 31.21
N LEU B 218 7.98 -19.30 31.28
CA LEU B 218 8.09 -20.09 30.05
C LEU B 218 6.96 -19.74 29.09
N ILE B 219 5.72 -19.71 29.60
CA ILE B 219 4.59 -19.39 28.75
C ILE B 219 4.64 -17.95 28.26
N ARG B 220 5.14 -17.02 29.08
CA ARG B 220 5.26 -15.64 28.65
C ARG B 220 6.33 -15.47 27.58
N ALA B 221 7.35 -16.32 27.58
CA ALA B 221 8.40 -16.26 26.57
C ALA B 221 8.03 -17.03 25.31
N LEU B 222 7.12 -17.99 25.41
CA LEU B 222 6.69 -18.79 24.26
C LEU B 222 5.40 -18.30 23.61
N THR B 223 4.87 -17.17 24.07
CA THR B 223 3.56 -16.72 23.61
C THR B 223 3.68 -15.71 22.47
N LEU B 224 2.58 -15.56 21.73
CA LEU B 224 2.48 -14.63 20.62
C LEU B 224 1.28 -13.72 20.84
N ASN B 225 1.36 -12.49 20.34
CA ASN B 225 0.27 -11.54 20.43
C ASN B 225 -0.47 -11.47 19.11
N THR B 226 -1.80 -11.60 19.16
CA THR B 226 -2.63 -11.68 17.97
C THR B 226 -3.38 -10.36 17.75
N MET B 227 -3.39 -9.90 16.52
CA MET B 227 -4.10 -8.70 16.13
C MET B 227 -4.84 -8.96 14.83
N THR B 228 -5.66 -7.99 14.41
CA THR B 228 -6.41 -8.08 13.17
C THR B 228 -5.73 -7.23 12.11
N LYS B 229 -5.57 -7.78 10.92
CA LYS B 229 -4.90 -7.08 9.83
C LYS B 229 -5.89 -6.16 9.12
N ASP B 230 -5.55 -4.87 9.06
CA ASP B 230 -6.36 -3.87 8.40
C ASP B 230 -5.72 -3.45 7.08
N ALA B 231 -6.49 -2.73 6.27
CA ALA B 231 -6.03 -2.26 4.97
C ALA B 231 -5.61 -3.42 4.08
N GLU B 232 -6.38 -4.50 4.13
CA GLU B 232 -6.12 -5.70 3.34
C GLU B 232 -7.15 -5.77 2.22
N ARG B 233 -6.71 -5.52 0.98
CA ARG B 233 -7.59 -5.46 -0.17
C ARG B 233 -7.55 -6.78 -0.91
N GLY B 234 -8.73 -7.30 -1.25
CA GLY B 234 -8.84 -8.47 -2.09
C GLY B 234 -9.55 -9.65 -1.47
N LYS B 235 -10.30 -9.40 -0.39
CA LYS B 235 -11.06 -10.48 0.23
C LYS B 235 -12.15 -9.90 1.11
N LEU B 236 -13.26 -10.62 1.21
CA LEU B 236 -14.42 -10.16 1.96
C LEU B 236 -14.23 -10.29 3.46
N LYS B 237 -13.51 -11.32 3.91
CA LYS B 237 -13.37 -11.62 5.33
C LYS B 237 -12.03 -11.11 5.85
N ARG B 238 -12.01 -10.74 7.13
CA ARG B 238 -10.80 -10.30 7.79
C ARG B 238 -10.01 -11.50 8.30
N ARG B 239 -8.71 -11.29 8.50
CA ARG B 239 -7.81 -12.32 8.98
C ARG B 239 -7.10 -11.82 10.23
N ALA B 240 -6.38 -12.74 10.88
CA ALA B 240 -5.60 -12.45 12.07
C ALA B 240 -4.11 -12.66 11.79
N ILE B 241 -3.29 -11.84 12.43
CA ILE B 241 -1.84 -11.92 12.31
C ILE B 241 -1.24 -11.95 13.70
N ALA B 242 0.02 -12.37 13.77
CA ALA B 242 0.68 -12.59 15.04
C ALA B 242 2.01 -11.86 15.09
N THR B 243 2.41 -11.53 16.32
CA THR B 243 3.68 -10.87 16.60
C THR B 243 4.36 -11.60 17.75
N PRO B 244 5.60 -12.07 17.56
CA PRO B 244 6.29 -12.80 18.64
C PRO B 244 6.96 -11.86 19.62
N GLY B 245 7.55 -12.47 20.65
CA GLY B 245 8.25 -11.74 21.68
C GLY B 245 9.66 -11.40 21.28
N MET B 246 10.46 -11.00 22.28
CA MET B 246 11.85 -10.62 22.05
C MET B 246 12.83 -11.74 22.35
N GLN B 247 12.45 -12.73 23.16
CA GLN B 247 13.36 -13.84 23.45
C GLN B 247 13.60 -14.69 22.21
N ILE B 248 12.61 -14.78 21.32
CA ILE B 248 12.68 -15.70 20.18
C ILE B 248 13.05 -15.00 18.88
N ARG B 249 13.16 -13.67 18.88
CA ARG B 249 13.43 -12.96 17.64
C ARG B 249 14.88 -13.09 17.17
N GLY B 250 15.84 -13.29 18.07
CA GLY B 250 17.22 -13.48 17.63
C GLY B 250 17.40 -14.79 16.89
N PHE B 251 16.82 -15.88 17.42
CA PHE B 251 16.89 -17.15 16.73
C PHE B 251 16.18 -17.07 15.37
N VAL B 252 15.04 -16.38 15.33
CA VAL B 252 14.34 -16.19 14.07
C VAL B 252 15.21 -15.42 13.09
N TYR B 253 15.90 -14.38 13.58
CA TYR B 253 16.78 -13.60 12.72
C TYR B 253 17.87 -14.49 12.12
N PHE B 254 18.50 -15.32 12.95
CA PHE B 254 19.56 -16.19 12.44
C PHE B 254 19.02 -17.20 11.44
N VAL B 255 17.87 -17.80 11.75
CA VAL B 255 17.28 -18.81 10.86
C VAL B 255 16.92 -18.17 9.53
N GLU B 256 16.33 -16.97 9.56
CA GLU B 256 15.97 -16.29 8.32
C GLU B 256 17.21 -15.83 7.55
N THR B 257 18.29 -15.49 8.24
CA THR B 257 19.53 -15.20 7.54
C THR B 257 20.01 -16.42 6.78
N LEU B 258 19.99 -17.59 7.43
CA LEU B 258 20.39 -18.81 6.74
C LEU B 258 19.47 -19.09 5.56
N ALA B 259 18.17 -18.94 5.75
CA ALA B 259 17.23 -19.24 4.67
C ALA B 259 17.40 -18.27 3.51
N ARG B 260 17.65 -17.00 3.79
CA ARG B 260 17.89 -16.03 2.72
C ARG B 260 19.17 -16.37 1.97
N SER B 261 20.24 -16.71 2.71
CA SER B 261 21.48 -17.09 2.03
C SER B 261 21.26 -18.32 1.15
N ILE B 262 20.39 -19.23 1.58
CA ILE B 262 20.12 -20.42 0.77
C ILE B 262 19.31 -20.04 -0.47
N CYS B 263 18.23 -19.30 -0.28
CA CYS B 263 17.35 -18.97 -1.40
C CYS B 263 18.05 -18.11 -2.43
N GLU B 264 19.00 -17.26 -2.00
CA GLU B 264 19.75 -16.47 -2.96
C GLU B 264 20.52 -17.33 -3.94
N LYS B 265 20.78 -18.59 -3.59
CA LYS B 265 21.47 -19.53 -4.48
C LYS B 265 20.49 -20.37 -5.30
N LEU B 266 19.18 -20.15 -5.13
CA LEU B 266 18.16 -20.89 -5.86
C LEU B 266 17.46 -19.92 -6.81
N GLU B 267 17.50 -20.24 -8.11
CA GLU B 267 16.82 -19.42 -9.10
C GLU B 267 15.32 -19.66 -9.14
N GLN B 268 14.83 -20.76 -8.57
CA GLN B 268 13.41 -21.03 -8.55
C GLN B 268 12.67 -20.27 -7.47
N SER B 269 13.39 -19.66 -6.52
CA SER B 269 12.78 -18.87 -5.48
C SER B 269 12.64 -17.42 -5.94
N GLY B 270 11.62 -16.74 -5.40
CA GLY B 270 11.35 -15.37 -5.77
C GLY B 270 10.98 -14.49 -4.59
N LEU B 271 11.20 -15.00 -3.38
CA LEU B 271 10.83 -14.28 -2.17
C LEU B 271 11.86 -13.22 -1.78
N PRO B 272 13.16 -13.53 -1.81
CA PRO B 272 14.16 -12.54 -1.41
C PRO B 272 14.50 -11.49 -2.47
N VAL B 273 13.73 -11.39 -3.54
CA VAL B 273 14.00 -10.42 -4.60
C VAL B 273 12.84 -9.43 -4.66
N GLY B 274 12.97 -8.45 -5.56
CA GLY B 274 11.92 -7.47 -5.77
C GLY B 274 10.91 -7.92 -6.80
N GLY B 275 10.13 -6.96 -7.29
CA GLY B 275 9.11 -7.27 -8.28
C GLY B 275 9.67 -7.47 -9.67
N ASN B 276 10.54 -6.54 -10.10
CA ASN B 276 11.09 -6.64 -11.45
C ASN B 276 11.94 -7.90 -11.61
N GLU B 277 12.70 -8.26 -10.58
CA GLU B 277 13.45 -9.51 -10.62
C GLU B 277 12.50 -10.69 -10.72
N LYS B 278 11.38 -10.63 -9.99
CA LYS B 278 10.38 -11.68 -10.08
C LYS B 278 9.88 -11.83 -11.51
N LYS B 279 9.56 -10.71 -12.16
CA LYS B 279 9.08 -10.76 -13.53
C LYS B 279 10.15 -11.33 -14.46
N ALA B 280 11.40 -10.92 -14.28
CA ALA B 280 12.48 -11.40 -15.13
C ALA B 280 12.64 -12.91 -14.99
N LYS B 281 12.61 -13.41 -13.75
CA LYS B 281 12.75 -14.85 -13.54
C LYS B 281 11.55 -15.61 -14.10
N LEU B 282 10.35 -15.06 -13.97
CA LEU B 282 9.17 -15.71 -14.54
C LEU B 282 9.29 -15.81 -16.06
N ALA B 283 9.70 -14.71 -16.70
CA ALA B 283 9.89 -14.75 -18.15
C ALA B 283 10.95 -15.76 -18.54
N ASN B 284 12.07 -15.79 -17.81
CA ASN B 284 13.14 -16.73 -18.13
C ASN B 284 12.65 -18.17 -18.01
N VAL B 285 11.91 -18.49 -16.94
CA VAL B 285 11.49 -19.87 -16.73
C VAL B 285 10.45 -20.28 -17.78
N VAL B 286 9.52 -19.39 -18.12
CA VAL B 286 8.53 -19.75 -19.13
C VAL B 286 9.21 -19.96 -20.48
N ARG B 287 10.15 -19.09 -20.84
CA ARG B 287 10.86 -19.26 -22.10
C ARG B 287 11.66 -20.56 -22.10
N LYS B 288 12.33 -20.87 -20.99
CA LYS B 288 13.11 -22.10 -20.90
C LYS B 288 12.22 -23.31 -21.07
N MET B 289 11.06 -23.33 -20.40
CA MET B 289 10.20 -24.49 -20.44
C MET B 289 9.57 -24.67 -21.81
N MET B 290 9.03 -23.59 -22.38
CA MET B 290 8.34 -23.70 -23.66
C MET B 290 9.33 -23.89 -24.81
N THR B 291 10.42 -23.12 -24.81
CA THR B 291 11.36 -23.18 -25.93
C THR B 291 12.00 -24.55 -26.04
N ASN B 292 12.46 -25.10 -24.91
CA ASN B 292 13.08 -26.43 -24.94
C ASN B 292 12.08 -27.50 -25.36
N SER B 293 10.80 -27.29 -25.09
CA SER B 293 9.77 -28.23 -25.51
C SER B 293 9.66 -28.24 -27.03
N GLN B 294 9.71 -29.43 -27.62
CA GLN B 294 9.60 -29.56 -29.06
C GLN B 294 8.12 -29.55 -29.47
N ASP B 295 7.88 -29.75 -30.77
CA ASP B 295 6.51 -29.74 -31.27
C ASP B 295 5.68 -30.85 -30.65
N THR B 296 6.30 -31.97 -30.28
CA THR B 296 5.54 -33.10 -29.78
C THR B 296 5.08 -32.89 -28.34
N GLU B 297 5.88 -32.18 -27.54
CA GLU B 297 5.54 -31.95 -26.14
C GLU B 297 4.59 -30.77 -26.01
N LEU B 298 3.50 -30.99 -25.26
CA LEU B 298 2.58 -29.94 -24.88
C LEU B 298 3.01 -29.32 -23.55
N SER B 299 2.65 -28.04 -23.38
CA SER B 299 3.04 -27.25 -22.22
C SER B 299 1.80 -26.64 -21.60
N PHE B 300 1.73 -26.65 -20.27
CA PHE B 300 0.60 -26.07 -19.56
C PHE B 300 1.09 -25.32 -18.33
N THR B 301 0.51 -24.16 -18.09
CA THR B 301 0.83 -23.33 -16.93
C THR B 301 -0.32 -23.38 -15.93
N ILE B 302 0.02 -23.66 -14.68
CA ILE B 302 -0.91 -23.67 -13.56
C ILE B 302 -0.62 -22.43 -12.72
N THR B 303 -1.65 -21.61 -12.50
CA THR B 303 -1.55 -20.39 -11.69
C THR B 303 -2.08 -20.72 -10.30
N GLY B 304 -1.22 -21.33 -9.49
CA GLY B 304 -1.66 -21.97 -8.26
C GLY B 304 -1.51 -21.09 -7.03
N ASP B 305 -2.51 -21.16 -6.16
CA ASP B 305 -2.48 -20.58 -4.84
C ASP B 305 -2.67 -21.69 -3.82
N ASN B 306 -1.99 -21.58 -2.69
CA ASN B 306 -2.02 -22.61 -1.65
C ASN B 306 -3.00 -22.19 -0.56
N THR B 307 -3.98 -23.04 -0.30
CA THR B 307 -4.97 -22.76 0.73
C THR B 307 -4.40 -23.12 2.09
N LYS B 308 -4.55 -22.20 3.05
CA LYS B 308 -4.11 -22.41 4.42
C LYS B 308 -2.62 -22.77 4.45
N TRP B 309 -1.83 -21.90 3.83
CA TRP B 309 -0.39 -22.16 3.70
C TRP B 309 0.29 -22.21 5.06
N ASN B 310 0.05 -21.20 5.90
CA ASN B 310 0.76 -21.11 7.17
C ASN B 310 0.21 -22.10 8.19
N GLU B 311 -1.08 -22.41 8.13
CA GLU B 311 -1.69 -23.28 9.14
C GLU B 311 -1.26 -24.73 9.01
N ASN B 312 -0.70 -25.12 7.86
CA ASN B 312 -0.35 -26.51 7.60
C ASN B 312 1.15 -26.76 7.60
N GLN B 313 1.96 -25.78 8.01
CA GLN B 313 3.42 -25.93 8.06
C GLN B 313 3.83 -26.15 9.52
N ASN B 314 4.25 -27.37 9.81
CA ASN B 314 4.58 -27.74 11.19
C ASN B 314 6.00 -27.32 11.53
N PRO B 315 6.21 -26.61 12.65
CA PRO B 315 7.59 -26.20 13.01
C PRO B 315 8.55 -27.37 13.17
N ARG B 316 8.07 -28.54 13.58
CA ARG B 316 8.95 -29.69 13.71
C ARG B 316 9.59 -30.02 12.37
N MET B 317 8.85 -29.83 11.28
CA MET B 317 9.41 -30.12 9.97
C MET B 317 10.49 -29.11 9.59
N PHE B 318 10.31 -27.85 9.98
CA PHE B 318 11.38 -26.87 9.80
C PHE B 318 12.60 -27.24 10.62
N LEU B 319 12.39 -27.76 11.84
CA LEU B 319 13.51 -28.26 12.62
C LEU B 319 14.26 -29.35 11.88
N ALA B 320 13.50 -30.29 11.29
CA ALA B 320 14.13 -31.37 10.52
C ALA B 320 14.92 -30.81 9.33
N MET B 321 14.34 -29.86 8.61
CA MET B 321 15.02 -29.28 7.46
C MET B 321 16.31 -28.59 7.88
N ILE B 322 16.27 -27.82 8.97
CA ILE B 322 17.49 -27.10 9.37
C ILE B 322 18.53 -28.06 9.90
N THR B 323 18.15 -29.09 10.64
CA THR B 323 19.15 -30.04 11.14
C THR B 323 19.75 -30.86 10.01
N TYR B 324 19.00 -31.08 8.93
CA TYR B 324 19.61 -31.68 7.74
C TYR B 324 20.52 -30.69 7.04
N ILE B 325 20.14 -29.41 7.01
CA ILE B 325 20.97 -28.40 6.37
C ILE B 325 22.28 -28.23 7.11
N THR B 326 22.24 -28.23 8.45
CA THR B 326 23.41 -27.98 9.29
C THR B 326 24.16 -29.25 9.66
N ARG B 327 24.08 -30.29 8.83
CA ARG B 327 24.87 -31.49 9.08
C ARG B 327 26.35 -31.20 8.83
N ASN B 328 27.20 -31.88 9.61
CA ASN B 328 28.65 -31.72 9.51
C ASN B 328 29.05 -30.27 9.72
N GLN B 329 28.50 -29.67 10.77
CA GLN B 329 28.78 -28.30 11.17
C GLN B 329 29.02 -28.27 12.67
N PRO B 330 29.65 -27.21 13.18
CA PRO B 330 29.89 -27.14 14.63
C PRO B 330 28.59 -27.27 15.40
N GLU B 331 28.65 -28.03 16.50
CA GLU B 331 27.42 -28.35 17.25
C GLU B 331 26.77 -27.10 17.80
N TRP B 332 27.56 -26.09 18.17
CA TRP B 332 26.96 -24.86 18.69
C TRP B 332 26.12 -24.16 17.63
N PHE B 333 26.59 -24.15 16.38
CA PHE B 333 25.81 -23.57 15.29
C PHE B 333 24.49 -24.32 15.12
N ARG B 334 24.55 -25.65 15.14
CA ARG B 334 23.33 -26.44 15.02
C ARG B 334 22.36 -26.13 16.15
N ASN B 335 22.87 -26.03 17.38
CA ASN B 335 22.01 -25.76 18.52
C ASN B 335 21.35 -24.39 18.39
N VAL B 336 22.14 -23.36 18.06
CA VAL B 336 21.59 -22.01 18.01
C VAL B 336 20.58 -21.88 16.88
N LEU B 337 20.80 -22.57 15.75
CA LEU B 337 19.82 -22.55 14.68
C LEU B 337 18.61 -23.45 14.96
N SER B 338 18.74 -24.43 15.84
CA SER B 338 17.63 -25.32 16.17
C SER B 338 16.76 -24.78 17.28
N ILE B 339 17.26 -23.83 18.08
CA ILE B 339 16.46 -23.31 19.19
C ILE B 339 15.15 -22.72 18.70
N ALA B 340 15.17 -22.03 17.55
CA ALA B 340 13.97 -21.35 17.07
C ALA B 340 12.82 -22.30 16.80
N PRO B 341 12.94 -23.27 15.89
CA PRO B 341 11.82 -24.20 15.68
C PRO B 341 11.42 -24.96 16.93
N ILE B 342 12.36 -25.19 17.85
CA ILE B 342 12.00 -25.84 19.10
C ILE B 342 10.99 -24.99 19.88
N MET B 343 11.20 -23.68 19.88
CA MET B 343 10.25 -22.79 20.56
C MET B 343 8.95 -22.62 19.77
N PHE B 344 9.02 -22.57 18.44
CA PHE B 344 7.79 -22.50 17.66
C PHE B 344 6.94 -23.76 17.85
N SER B 345 7.56 -24.92 17.97
CA SER B 345 6.79 -26.15 18.17
C SER B 345 5.97 -26.09 19.47
N ASN B 346 6.43 -25.32 20.44
CA ASN B 346 5.73 -25.14 21.71
C ASN B 346 5.10 -23.75 21.82
N LYS B 347 4.97 -23.03 20.70
CA LYS B 347 4.50 -21.67 20.74
C LYS B 347 3.07 -21.59 21.26
N MET B 348 2.78 -20.53 22.00
CA MET B 348 1.45 -20.20 22.46
C MET B 348 1.00 -18.90 21.81
N ALA B 349 -0.31 -18.72 21.69
CA ALA B 349 -0.89 -17.53 21.08
C ALA B 349 -1.85 -16.90 22.06
N ARG B 350 -1.70 -15.59 22.27
CA ARG B 350 -2.66 -14.84 23.06
C ARG B 350 -3.94 -14.67 22.25
N LEU B 351 -5.08 -14.91 22.89
CA LEU B 351 -6.35 -14.92 22.17
C LEU B 351 -6.62 -13.57 21.53
N GLY B 352 -6.38 -12.48 22.25
CA GLY B 352 -6.53 -11.16 21.67
C GLY B 352 -7.02 -10.11 22.64
N LYS B 353 -7.61 -9.04 22.10
CA LYS B 353 -8.08 -7.94 22.93
C LYS B 353 -9.19 -8.39 23.88
N GLY B 354 -10.13 -9.17 23.36
CA GLY B 354 -11.24 -9.64 24.17
C GLY B 354 -12.55 -9.59 23.41
N TYR B 355 -13.65 -9.36 24.12
CA TYR B 355 -14.97 -9.25 23.50
C TYR B 355 -15.76 -8.16 24.17
N MET B 356 -16.49 -7.38 23.36
CA MET B 356 -17.32 -6.30 23.87
C MET B 356 -18.79 -6.68 23.75
N PHE B 357 -19.52 -6.53 24.85
CA PHE B 357 -20.93 -6.84 24.93
C PHE B 357 -21.74 -5.56 25.05
N GLU B 358 -22.98 -5.60 24.57
CA GLU B 358 -23.91 -4.48 24.69
C GLU B 358 -25.24 -4.97 25.26
N SER B 359 -25.82 -4.18 26.15
CA SER B 359 -27.14 -4.44 26.70
C SER B 359 -28.04 -3.26 26.35
N LYS B 360 -28.97 -3.48 25.42
CA LYS B 360 -29.86 -2.42 24.98
C LYS B 360 -30.96 -2.16 26.00
N SER B 361 -31.40 -3.18 26.73
CA SER B 361 -32.43 -2.99 27.74
C SER B 361 -31.96 -2.01 28.81
N MET B 362 -30.73 -2.20 29.31
CA MET B 362 -30.15 -1.28 30.27
C MET B 362 -29.27 -0.22 29.61
N LYS B 363 -29.05 -0.31 28.29
CA LYS B 363 -28.35 0.72 27.54
C LYS B 363 -26.93 0.94 28.10
N LEU B 364 -26.12 -0.11 27.98
CA LEU B 364 -24.73 -0.03 28.45
C LEU B 364 -23.87 -0.96 27.59
N ARG B 365 -22.56 -0.81 27.74
CA ARG B 365 -21.60 -1.67 27.06
C ARG B 365 -20.50 -2.08 28.03
N THR B 366 -19.85 -3.19 27.70
CA THR B 366 -18.83 -3.78 28.56
C THR B 366 -17.75 -4.39 27.69
N GLN B 367 -16.54 -4.48 28.22
CA GLN B 367 -15.39 -5.04 27.52
C GLN B 367 -14.72 -6.06 28.42
N ILE B 368 -14.85 -7.34 28.08
CA ILE B 368 -14.24 -8.43 28.84
C ILE B 368 -12.92 -8.81 28.16
N PRO B 369 -11.82 -8.93 28.90
CA PRO B 369 -10.57 -9.36 28.28
C PRO B 369 -10.65 -10.81 27.83
N ALA B 370 -9.80 -11.15 26.87
CA ALA B 370 -9.80 -12.51 26.32
C ALA B 370 -9.40 -13.54 27.36
N GLU B 371 -8.61 -13.14 28.37
CA GLU B 371 -8.14 -14.11 29.34
C GLU B 371 -9.28 -14.73 30.14
N MET B 372 -10.47 -14.13 30.13
CA MET B 372 -11.60 -14.69 30.83
C MET B 372 -12.33 -15.76 30.02
N LEU B 373 -11.94 -15.97 28.75
CA LEU B 373 -12.64 -16.95 27.92
C LEU B 373 -12.54 -18.35 28.50
N ALA B 374 -11.52 -18.63 29.31
CA ALA B 374 -11.37 -19.98 29.87
C ALA B 374 -12.47 -20.29 30.88
N SER B 375 -12.87 -19.30 31.68
CA SER B 375 -13.82 -19.51 32.77
C SER B 375 -15.16 -18.82 32.56
N ILE B 376 -15.23 -17.79 31.72
CA ILE B 376 -16.48 -17.05 31.56
C ILE B 376 -17.55 -17.99 31.01
N ASP B 377 -18.77 -17.84 31.53
CA ASP B 377 -19.89 -18.62 31.02
C ASP B 377 -20.13 -18.29 29.54
N LEU B 378 -20.85 -19.19 28.87
CA LEU B 378 -21.08 -19.09 27.43
C LEU B 378 -22.45 -18.53 27.09
N LYS B 379 -23.16 -17.96 28.07
CA LYS B 379 -24.48 -17.40 27.80
C LYS B 379 -24.43 -16.13 26.97
N TYR B 380 -23.32 -15.39 27.02
CA TYR B 380 -23.22 -14.12 26.31
C TYR B 380 -22.82 -14.27 24.85
N PHE B 381 -22.34 -15.44 24.44
CA PHE B 381 -21.77 -15.62 23.11
C PHE B 381 -22.80 -16.25 22.18
N ASN B 382 -22.72 -15.87 20.91
CA ASN B 382 -23.60 -16.44 19.90
C ASN B 382 -23.21 -17.89 19.64
N ASP B 383 -23.98 -18.55 18.77
CA ASP B 383 -23.74 -19.98 18.51
C ASP B 383 -22.35 -20.21 17.94
N SER B 384 -21.95 -19.42 16.95
CA SER B 384 -20.65 -19.62 16.32
C SER B 384 -19.52 -19.41 17.32
N THR B 385 -19.53 -18.27 18.01
CA THR B 385 -18.49 -18.00 19.00
C THR B 385 -18.58 -18.97 20.17
N ARG B 386 -19.79 -19.36 20.56
CA ARG B 386 -19.93 -20.35 21.61
C ARG B 386 -19.22 -21.65 21.25
N LYS B 387 -19.45 -22.14 20.03
CA LYS B 387 -18.81 -23.38 19.61
C LYS B 387 -17.30 -23.20 19.47
N LYS B 388 -16.85 -22.06 18.96
CA LYS B 388 -15.41 -21.83 18.85
C LYS B 388 -14.75 -21.86 20.22
N ILE B 389 -15.35 -21.21 21.21
CA ILE B 389 -14.80 -21.21 22.55
C ILE B 389 -14.82 -22.61 23.14
N GLU B 390 -15.92 -23.34 22.94
CA GLU B 390 -16.00 -24.69 23.47
C GLU B 390 -14.92 -25.57 22.87
N LYS B 391 -14.61 -25.38 21.59
CA LYS B 391 -13.59 -26.20 20.95
C LYS B 391 -12.17 -25.79 21.34
N ILE B 392 -11.95 -24.50 21.60
CA ILE B 392 -10.60 -24.04 21.91
C ILE B 392 -10.27 -24.08 23.41
N ARG B 393 -11.27 -24.22 24.27
CA ARG B 393 -11.01 -24.21 25.72
C ARG B 393 -10.00 -25.26 26.15
N PRO B 394 -10.04 -26.50 25.67
CA PRO B 394 -9.09 -27.50 26.16
C PRO B 394 -7.63 -27.09 25.97
N LEU B 395 -7.37 -26.23 24.99
CA LEU B 395 -6.01 -25.78 24.71
C LEU B 395 -5.64 -24.51 25.46
N LEU B 396 -6.54 -23.96 26.27
CA LEU B 396 -6.26 -22.72 26.99
C LEU B 396 -5.40 -23.00 28.21
N ILE B 397 -4.25 -22.35 28.29
CA ILE B 397 -3.34 -22.46 29.42
C ILE B 397 -2.91 -21.05 29.80
N ASP B 398 -3.41 -20.56 30.94
CA ASP B 398 -3.03 -19.24 31.45
C ASP B 398 -3.39 -18.13 30.46
N GLY B 399 -4.61 -18.20 29.94
CA GLY B 399 -5.12 -17.15 29.07
C GLY B 399 -4.56 -17.16 27.67
N THR B 400 -3.82 -18.21 27.28
CA THR B 400 -3.27 -18.32 25.94
C THR B 400 -3.43 -19.75 25.46
N ALA B 401 -3.60 -19.91 24.16
CA ALA B 401 -3.88 -21.20 23.55
C ALA B 401 -2.64 -21.77 22.88
N SER B 402 -2.38 -23.05 23.12
CA SER B 402 -1.24 -23.71 22.50
C SER B 402 -1.51 -23.89 21.00
N LEU B 403 -0.52 -23.53 20.18
CA LEU B 403 -0.64 -23.57 18.73
C LEU B 403 0.53 -24.34 18.13
N SER B 404 0.82 -25.51 18.70
CA SER B 404 1.93 -26.32 18.20
C SER B 404 1.78 -26.75 16.75
N PRO B 405 0.60 -27.16 16.26
CA PRO B 405 0.56 -27.86 14.97
C PRO B 405 1.20 -27.12 13.81
N GLY B 406 1.05 -25.80 13.71
CA GLY B 406 1.55 -25.10 12.55
C GLY B 406 1.80 -23.63 12.81
N MET B 407 2.49 -23.01 11.86
CA MET B 407 2.82 -21.60 11.95
C MET B 407 1.55 -20.75 11.90
N MET B 408 1.64 -19.56 12.47
CA MET B 408 0.49 -18.65 12.58
C MET B 408 0.42 -17.70 11.40
N MET B 409 1.46 -16.87 11.19
CA MET B 409 1.45 -15.92 10.07
C MET B 409 2.88 -15.77 9.57
N GLY B 410 3.25 -16.57 8.57
CA GLY B 410 4.45 -16.36 7.79
C GLY B 410 5.66 -15.84 8.53
N MET B 411 5.95 -16.36 9.73
CA MET B 411 7.19 -15.99 10.38
C MET B 411 8.39 -16.62 9.67
N PHE B 412 8.27 -17.89 9.29
CA PHE B 412 9.27 -18.55 8.47
C PHE B 412 8.84 -18.51 7.00
N ASN B 413 8.86 -17.31 6.43
CA ASN B 413 8.59 -17.17 5.01
C ASN B 413 9.66 -17.86 4.18
N MET B 414 10.93 -17.63 4.53
CA MET B 414 12.02 -18.08 3.67
C MET B 414 12.17 -19.60 3.71
N LEU B 415 11.95 -20.22 4.88
CA LEU B 415 12.01 -21.68 4.95
C LEU B 415 10.86 -22.31 4.18
N SER B 416 9.67 -21.71 4.25
CA SER B 416 8.56 -22.19 3.45
C SER B 416 8.88 -22.09 1.96
N THR B 417 9.50 -20.98 1.54
CA THR B 417 9.92 -20.86 0.16
C THR B 417 10.95 -21.93 -0.19
N VAL B 418 11.84 -22.26 0.74
CA VAL B 418 12.82 -23.32 0.50
C VAL B 418 12.13 -24.65 0.27
N LEU B 419 11.12 -24.96 1.09
CA LEU B 419 10.38 -26.21 0.91
C LEU B 419 9.67 -26.23 -0.43
N GLY B 420 9.04 -25.13 -0.80
CA GLY B 420 8.38 -25.06 -2.09
C GLY B 420 9.35 -25.20 -3.26
N VAL B 421 10.53 -24.60 -3.13
CA VAL B 421 11.54 -24.73 -4.17
C VAL B 421 12.04 -26.17 -4.25
N SER B 422 12.15 -26.86 -3.12
CA SER B 422 12.50 -28.27 -3.15
C SER B 422 11.45 -29.07 -3.91
N ILE B 423 10.17 -28.79 -3.66
CA ILE B 423 9.11 -29.47 -4.40
C ILE B 423 9.24 -29.18 -5.88
N LEU B 424 9.47 -27.91 -6.24
CA LEU B 424 9.59 -27.55 -7.66
C LEU B 424 10.74 -28.28 -8.31
N ASN B 425 11.89 -28.35 -7.63
CA ASN B 425 13.07 -28.98 -8.21
C ASN B 425 12.94 -30.50 -8.23
N LEU B 426 12.08 -31.08 -7.40
CA LEU B 426 11.91 -32.53 -7.39
C LEU B 426 11.30 -33.07 -8.68
N GLY B 427 11.00 -32.21 -9.65
CA GLY B 427 10.48 -32.66 -10.93
C GLY B 427 11.34 -32.24 -12.10
N GLN B 428 12.65 -32.32 -11.93
CA GLN B 428 13.61 -31.89 -12.94
C GLN B 428 13.77 -32.90 -14.08
N LYS B 429 12.90 -33.90 -14.18
CA LYS B 429 12.91 -34.99 -15.14
C LYS B 429 13.97 -36.04 -14.78
N ARG B 430 14.82 -35.79 -13.79
CA ARG B 430 15.73 -36.81 -13.29
C ARG B 430 15.12 -37.61 -12.15
N TYR B 431 14.19 -37.01 -11.41
CA TYR B 431 13.46 -37.71 -10.36
C TYR B 431 12.07 -38.14 -10.78
N THR B 432 11.50 -37.51 -11.80
CA THR B 432 10.17 -37.91 -12.26
C THR B 432 10.20 -39.32 -12.84
N LYS B 433 11.26 -39.66 -13.57
CA LYS B 433 11.39 -40.98 -14.20
C LYS B 433 10.25 -41.23 -15.19
N THR B 434 9.80 -40.19 -15.87
CA THR B 434 8.71 -40.30 -16.82
C THR B 434 8.84 -39.18 -17.84
N THR B 435 8.10 -39.32 -18.95
CA THR B 435 8.18 -38.33 -20.01
C THR B 435 7.81 -36.94 -19.51
N TYR B 436 6.78 -36.84 -18.68
CA TYR B 436 6.35 -35.54 -18.18
C TYR B 436 7.39 -34.98 -17.20
N TRP B 437 7.37 -33.65 -17.07
CA TRP B 437 8.23 -32.96 -16.13
C TRP B 437 7.64 -31.59 -15.87
N TRP B 438 8.17 -30.92 -14.85
CA TRP B 438 7.62 -29.62 -14.47
C TRP B 438 8.71 -28.75 -13.85
N ASP B 439 8.47 -27.46 -13.89
CA ASP B 439 9.30 -26.46 -13.21
C ASP B 439 8.39 -25.29 -12.86
N GLY B 440 8.99 -24.19 -12.40
CA GLY B 440 8.20 -23.00 -12.16
C GLY B 440 8.85 -22.14 -11.10
N LEU B 441 8.02 -21.28 -10.51
CA LEU B 441 8.48 -20.33 -9.50
C LEU B 441 7.53 -20.36 -8.31
N GLN B 442 8.12 -20.34 -7.11
CA GLN B 442 7.39 -20.40 -5.85
C GLN B 442 7.73 -19.16 -5.03
N SER B 443 6.70 -18.45 -4.57
CA SER B 443 6.86 -17.44 -3.54
C SER B 443 5.74 -17.66 -2.54
N SER B 444 6.10 -17.81 -1.26
CA SER B 444 5.21 -18.40 -0.26
C SER B 444 3.75 -18.04 -0.50
N ASP B 445 2.90 -19.06 -0.54
CA ASP B 445 1.44 -18.97 -0.69
C ASP B 445 1.00 -18.76 -2.14
N ASP B 446 1.95 -18.72 -3.09
CA ASP B 446 1.66 -18.45 -4.48
C ASP B 446 2.70 -19.14 -5.34
N PHE B 447 2.28 -19.66 -6.50
CA PHE B 447 3.25 -20.29 -7.39
C PHE B 447 2.72 -20.33 -8.81
N ALA B 448 3.65 -20.39 -9.74
CA ALA B 448 3.36 -20.66 -11.15
C ALA B 448 4.11 -21.92 -11.54
N LEU B 449 3.40 -22.89 -12.11
CA LEU B 449 3.96 -24.20 -12.41
C LEU B 449 3.80 -24.49 -13.89
N ILE B 450 4.92 -24.57 -14.61
CA ILE B 450 4.91 -24.91 -16.04
C ILE B 450 5.25 -26.39 -16.14
N VAL B 451 4.32 -27.18 -16.66
CA VAL B 451 4.45 -28.63 -16.77
C VAL B 451 4.37 -29.00 -18.24
N ASN B 452 5.34 -29.78 -18.71
CA ASN B 452 5.38 -30.25 -20.09
C ASN B 452 5.29 -31.77 -20.12
N ALA B 453 4.60 -32.27 -21.14
CA ALA B 453 4.40 -33.70 -21.30
C ALA B 453 3.96 -33.96 -22.74
N PRO B 454 4.29 -35.14 -23.28
CA PRO B 454 3.99 -35.39 -24.70
C PRO B 454 2.50 -35.39 -25.04
N ASN B 455 1.62 -35.59 -24.07
CA ASN B 455 0.20 -35.66 -24.35
C ASN B 455 -0.58 -35.17 -23.13
N HIS B 456 -1.86 -34.88 -23.34
CA HIS B 456 -2.70 -34.40 -22.26
C HIS B 456 -2.70 -35.38 -21.08
N GLU B 457 -2.63 -36.68 -21.37
CA GLU B 457 -2.53 -37.66 -20.29
C GLU B 457 -1.25 -37.45 -19.50
N GLY B 458 -0.15 -37.14 -20.18
CA GLY B 458 1.10 -36.86 -19.48
C GLY B 458 1.00 -35.64 -18.60
N ILE B 459 0.37 -34.58 -19.10
CA ILE B 459 0.20 -33.37 -18.29
C ILE B 459 -0.65 -33.67 -17.06
N GLN B 460 -1.74 -34.43 -17.25
CA GLN B 460 -2.60 -34.78 -16.13
C GLN B 460 -1.84 -35.59 -15.09
N ALA B 461 -1.05 -36.57 -15.54
CA ALA B 461 -0.28 -37.38 -14.60
C ALA B 461 0.75 -36.52 -13.88
N GLY B 462 1.41 -35.61 -14.58
CA GLY B 462 2.40 -34.77 -13.95
C GLY B 462 1.80 -33.87 -12.88
N VAL B 463 0.68 -33.22 -13.21
CA VAL B 463 0.04 -32.34 -12.23
C VAL B 463 -0.47 -33.16 -11.04
N ASP B 464 -1.01 -34.35 -11.31
CA ASP B 464 -1.50 -35.19 -10.22
C ASP B 464 -0.37 -35.59 -9.29
N ARG B 465 0.77 -35.99 -9.84
CA ARG B 465 1.90 -36.37 -9.00
C ARG B 465 2.46 -35.17 -8.25
N PHE B 466 2.51 -34.00 -8.88
CA PHE B 466 2.96 -32.81 -8.18
C PHE B 466 2.05 -32.50 -6.99
N TYR B 467 0.74 -32.57 -7.20
CA TYR B 467 -0.21 -32.34 -6.12
C TYR B 467 -0.01 -33.37 -5.00
N ARG B 468 0.15 -34.64 -5.38
CA ARG B 468 0.33 -35.68 -4.37
C ARG B 468 1.59 -35.46 -3.56
N THR B 469 2.69 -35.12 -4.23
CA THR B 469 3.93 -34.85 -3.51
C THR B 469 3.78 -33.63 -2.60
N CYS B 470 3.05 -32.61 -3.06
CA CYS B 470 2.81 -31.46 -2.20
C CYS B 470 2.05 -31.87 -0.94
N LYS B 471 1.05 -32.74 -1.09
CA LYS B 471 0.30 -33.19 0.07
C LYS B 471 1.13 -34.02 1.04
N LEU B 472 2.25 -34.59 0.59
CA LEU B 472 3.14 -35.33 1.47
C LEU B 472 4.06 -34.42 2.28
N LEU B 473 4.12 -33.13 1.95
CA LEU B 473 4.95 -32.17 2.64
C LEU B 473 4.14 -31.17 3.45
N GLY B 474 2.85 -31.44 3.65
CA GLY B 474 2.01 -30.52 4.40
C GLY B 474 1.61 -29.27 3.64
N ILE B 475 1.79 -29.27 2.32
CA ILE B 475 1.44 -28.13 1.47
C ILE B 475 0.21 -28.51 0.65
N ASN B 476 -0.79 -27.63 0.66
CA ASN B 476 -2.04 -27.85 -0.03
C ASN B 476 -2.20 -26.85 -1.17
N MET B 477 -2.79 -27.30 -2.27
CA MET B 477 -3.05 -26.45 -3.42
C MET B 477 -4.53 -26.05 -3.41
N SER B 478 -4.79 -24.75 -3.50
CA SER B 478 -6.15 -24.24 -3.47
C SER B 478 -6.78 -24.49 -4.83
N LYS B 479 -7.66 -25.49 -4.91
CA LYS B 479 -8.32 -25.79 -6.17
C LYS B 479 -9.30 -24.70 -6.60
N LYS B 480 -9.84 -23.95 -5.65
CA LYS B 480 -10.82 -22.92 -5.99
C LYS B 480 -10.15 -21.68 -6.58
N LYS B 481 -8.94 -21.34 -6.15
CA LYS B 481 -8.23 -20.16 -6.64
C LYS B 481 -7.14 -20.50 -7.65
N SER B 482 -7.20 -21.68 -8.25
CA SER B 482 -6.17 -22.11 -9.19
C SER B 482 -6.80 -22.58 -10.49
N TYR B 483 -6.08 -22.37 -11.58
CA TYR B 483 -6.52 -22.83 -12.90
C TYR B 483 -5.31 -23.08 -13.78
N ILE B 484 -5.51 -23.94 -14.78
CA ILE B 484 -4.45 -24.37 -15.69
C ILE B 484 -4.88 -24.05 -17.12
N ASN B 485 -3.95 -23.46 -17.88
CA ASN B 485 -4.20 -23.17 -19.29
C ASN B 485 -2.92 -23.51 -20.07
N ARG B 486 -2.90 -23.20 -21.36
CA ARG B 486 -1.66 -23.34 -22.12
C ARG B 486 -0.69 -22.23 -21.77
N THR B 487 0.59 -22.54 -21.84
CA THR B 487 1.62 -21.58 -21.49
C THR B 487 1.58 -20.38 -22.42
N GLY B 488 1.88 -19.21 -21.86
CA GLY B 488 1.81 -17.97 -22.60
C GLY B 488 0.93 -16.96 -21.90
N THR B 489 0.08 -17.43 -20.99
CA THR B 489 -0.82 -16.58 -20.24
C THR B 489 -0.94 -17.13 -18.83
N PHE B 490 -0.65 -16.31 -17.83
CA PHE B 490 -0.77 -16.73 -16.44
C PHE B 490 -0.69 -15.50 -15.54
N GLU B 491 -0.73 -15.75 -14.23
CA GLU B 491 -0.68 -14.70 -13.22
C GLU B 491 0.26 -15.13 -12.11
N PHE B 492 0.85 -14.14 -11.44
CA PHE B 492 1.73 -14.40 -10.30
C PHE B 492 1.81 -13.13 -9.46
N THR B 493 1.24 -13.16 -8.27
CA THR B 493 1.30 -12.04 -7.33
C THR B 493 0.90 -10.74 -8.01
N SER B 494 -0.31 -10.73 -8.57
CA SER B 494 -0.89 -9.57 -9.22
C SER B 494 -0.09 -9.10 -10.43
N PHE B 495 0.81 -9.95 -10.93
CA PHE B 495 1.54 -9.68 -12.17
C PHE B 495 0.95 -10.60 -13.24
N PHE B 496 0.33 -10.00 -14.25
CA PHE B 496 -0.36 -10.75 -15.29
C PHE B 496 0.56 -10.85 -16.51
N TYR B 497 0.96 -12.07 -16.85
CA TYR B 497 1.83 -12.34 -17.98
C TYR B 497 0.98 -12.80 -19.15
N ARG B 498 1.07 -12.10 -20.27
CA ARG B 498 0.37 -12.46 -21.52
C ARG B 498 1.38 -12.23 -22.65
N TYR B 499 2.17 -13.26 -22.96
CA TYR B 499 3.23 -13.12 -23.94
C TYR B 499 4.15 -11.95 -23.58
N GLY B 500 4.35 -11.74 -22.29
CA GLY B 500 5.06 -10.57 -21.79
C GLY B 500 4.26 -9.87 -20.73
N PHE B 501 4.92 -9.45 -19.65
CA PHE B 501 4.21 -8.84 -18.53
C PHE B 501 3.54 -7.55 -18.97
N VAL B 502 2.34 -7.31 -18.44
CA VAL B 502 1.54 -6.14 -18.75
C VAL B 502 1.44 -5.28 -17.50
N ALA B 503 1.60 -3.97 -17.68
CA ALA B 503 1.51 -3.04 -16.57
C ALA B 503 0.09 -2.98 -16.03
N ASN B 504 -0.02 -2.74 -14.72
CA ASN B 504 -1.31 -2.64 -14.06
C ASN B 504 -1.60 -1.22 -13.60
N PHE B 505 -0.73 -0.63 -12.80
CA PHE B 505 -0.83 0.76 -12.36
C PHE B 505 -1.97 0.97 -11.37
N SER B 506 -2.80 -0.05 -11.16
CA SER B 506 -3.86 0.06 -10.16
C SER B 506 -3.40 -0.39 -8.78
N MET B 507 -2.29 -1.12 -8.70
CA MET B 507 -1.71 -1.48 -7.42
C MET B 507 -0.98 -0.32 -6.76
N GLU B 508 -0.46 0.61 -7.56
CA GLU B 508 0.30 1.74 -7.06
C GLU B 508 -0.53 3.02 -6.95
N LEU B 509 -1.80 2.95 -7.32
CA LEU B 509 -2.67 4.13 -7.28
C LEU B 509 -2.75 4.72 -5.88
N PRO B 510 -2.89 3.88 -4.83
CA PRO B 510 -2.97 4.44 -3.47
C PRO B 510 -1.74 5.23 -3.04
N SER B 511 -0.61 5.10 -3.75
CA SER B 511 0.62 5.76 -3.38
C SER B 511 0.83 7.08 -4.13
N PHE B 512 -0.22 7.61 -4.76
CA PHE B 512 -0.11 8.82 -5.55
C PHE B 512 -0.50 10.08 -4.78
N GLY B 513 -0.85 9.95 -3.51
CA GLY B 513 -1.21 11.08 -2.68
C GLY B 513 -0.04 11.57 -1.84
N VAL B 514 -0.34 12.49 -0.94
CA VAL B 514 0.67 12.98 -0.01
C VAL B 514 1.00 11.86 0.97
N SER B 515 2.29 11.51 1.05
CA SER B 515 2.70 10.38 1.88
C SER B 515 2.35 10.62 3.35
N GLY B 516 2.64 11.81 3.85
CA GLY B 516 2.33 12.16 5.22
C GLY B 516 3.55 12.20 6.12
N ILE B 517 4.72 12.44 5.54
CA ILE B 517 5.96 12.54 6.31
C ILE B 517 6.16 13.99 6.71
N ASN B 518 6.30 14.86 5.72
CA ASN B 518 6.39 16.31 5.92
C ASN B 518 6.30 16.96 4.55
N GLU B 519 6.44 18.28 4.51
CA GLU B 519 6.20 19.00 3.26
C GLU B 519 7.23 18.64 2.21
N SER B 520 8.51 18.87 2.49
CA SER B 520 9.56 18.53 1.52
C SER B 520 9.57 17.04 1.22
N ALA B 521 9.45 16.22 2.27
CA ALA B 521 9.45 14.77 2.07
C ALA B 521 8.28 14.35 1.21
N ASP B 522 7.08 14.90 1.48
CA ASP B 522 5.92 14.53 0.68
C ASP B 522 6.10 14.93 -0.78
N MET B 523 6.60 16.14 -1.02
CA MET B 523 6.81 16.58 -2.40
C MET B 523 7.78 15.66 -3.12
N SER B 524 8.93 15.39 -2.51
CA SER B 524 9.93 14.54 -3.15
C SER B 524 9.39 13.13 -3.36
N ILE B 525 8.68 12.59 -2.37
CA ILE B 525 8.16 11.23 -2.49
C ILE B 525 7.13 11.15 -3.61
N GLY B 526 6.25 12.16 -3.71
CA GLY B 526 5.26 12.14 -4.77
C GLY B 526 5.88 12.18 -6.14
N VAL B 527 6.83 13.10 -6.35
CA VAL B 527 7.46 13.20 -7.67
C VAL B 527 8.25 11.93 -7.98
N THR B 528 8.95 11.38 -6.98
CA THR B 528 9.71 10.16 -7.20
C THR B 528 8.81 8.97 -7.49
N VAL B 529 7.65 8.89 -6.83
CA VAL B 529 6.70 7.81 -7.12
C VAL B 529 6.17 7.93 -8.53
N ILE B 530 5.84 9.14 -8.96
CA ILE B 530 5.41 9.34 -10.34
C ILE B 530 6.50 8.86 -11.30
N LYS B 531 7.74 9.27 -11.03
CA LYS B 531 8.86 8.87 -11.89
C LYS B 531 8.99 7.35 -11.94
N ASN B 532 8.99 6.70 -10.78
CA ASN B 532 9.20 5.25 -10.73
C ASN B 532 8.08 4.51 -11.46
N ASN B 533 6.83 4.91 -11.20
CA ASN B 533 5.71 4.26 -11.89
C ASN B 533 5.73 4.55 -13.38
N MET B 534 6.34 5.65 -13.81
CA MET B 534 6.60 5.84 -15.23
C MET B 534 7.66 4.88 -15.75
N ILE B 535 8.69 4.59 -14.95
CA ILE B 535 9.76 3.71 -15.39
C ILE B 535 9.30 2.26 -15.40
N ASN B 536 8.64 1.82 -14.31
CA ASN B 536 8.33 0.41 -14.14
C ASN B 536 6.93 0.07 -14.64
N ASN B 537 5.91 0.73 -14.11
CA ASN B 537 4.52 0.39 -14.39
C ASN B 537 3.98 1.04 -15.66
N ASP B 538 4.87 1.49 -16.55
CA ASP B 538 4.48 1.96 -17.88
C ASP B 538 3.40 3.04 -17.80
N LEU B 539 3.59 3.98 -16.89
CA LEU B 539 2.69 5.12 -16.79
C LEU B 539 2.94 6.08 -17.96
N GLY B 540 1.86 6.54 -18.59
CA GLY B 540 1.97 7.35 -19.77
C GLY B 540 2.43 8.76 -19.47
N PRO B 541 2.96 9.45 -20.49
CA PRO B 541 3.40 10.85 -20.26
C PRO B 541 2.25 11.77 -19.85
N ALA B 542 1.17 11.80 -20.63
CA ALA B 542 0.04 12.66 -20.28
C ALA B 542 -0.57 12.26 -18.95
N THR B 543 -0.66 10.96 -18.70
CA THR B 543 -1.15 10.50 -17.40
C THR B 543 -0.23 10.96 -16.28
N ALA B 544 1.08 10.92 -16.51
CA ALA B 544 2.02 11.40 -15.50
C ALA B 544 1.85 12.89 -15.24
N GLN B 545 1.64 13.68 -16.30
CA GLN B 545 1.40 15.11 -16.11
C GLN B 545 0.12 15.35 -15.32
N MET B 546 -0.94 14.61 -15.64
CA MET B 546 -2.18 14.73 -14.87
C MET B 546 -1.96 14.36 -13.41
N ALA B 547 -1.18 13.30 -13.16
CA ALA B 547 -0.88 12.89 -11.80
C ALA B 547 -0.11 13.99 -11.07
N LEU B 548 0.84 14.62 -11.75
CA LEU B 548 1.57 15.72 -11.14
C LEU B 548 0.64 16.86 -10.78
N GLN B 549 -0.25 17.22 -11.69
CA GLN B 549 -1.19 18.31 -11.42
C GLN B 549 -2.08 17.99 -10.23
N LEU B 550 -2.66 16.79 -10.21
CA LEU B 550 -3.55 16.41 -9.11
C LEU B 550 -2.79 16.34 -7.79
N PHE B 551 -1.57 15.80 -7.82
CA PHE B 551 -0.78 15.73 -6.60
C PHE B 551 -0.45 17.11 -6.08
N ILE B 552 -0.12 18.04 -6.97
CA ILE B 552 0.17 19.41 -6.53
C ILE B 552 -1.08 20.04 -5.92
N LYS B 553 -2.24 19.83 -6.56
CA LYS B 553 -3.48 20.38 -6.01
C LYS B 553 -3.73 19.83 -4.60
N ASP B 554 -3.64 18.51 -4.44
CA ASP B 554 -3.89 17.90 -3.14
C ASP B 554 -2.86 18.34 -2.12
N TYR B 555 -1.60 18.49 -2.54
CA TYR B 555 -0.54 18.94 -1.65
C TYR B 555 -0.82 20.34 -1.14
N ARG B 556 -1.20 21.25 -2.04
CA ARG B 556 -1.50 22.61 -1.62
C ARG B 556 -2.73 22.65 -0.73
N TYR B 557 -3.74 21.83 -1.02
CA TYR B 557 -4.95 21.82 -0.21
C TYR B 557 -4.76 21.13 1.12
N THR B 558 -3.72 20.31 1.27
CA THR B 558 -3.46 19.59 2.51
C THR B 558 -2.61 20.40 3.47
N TYR B 559 -1.57 21.05 2.96
CA TYR B 559 -0.65 21.84 3.77
C TYR B 559 -1.01 23.32 3.82
N ARG B 560 -2.17 23.69 3.28
CA ARG B 560 -2.66 25.07 3.35
C ARG B 560 -1.67 26.03 2.71
N CYS B 561 -0.97 25.57 1.67
CA CYS B 561 0.04 26.35 0.96
C CYS B 561 -0.47 26.55 -0.47
N HIS B 562 -1.26 27.59 -0.67
CA HIS B 562 -1.81 27.89 -1.98
C HIS B 562 -0.90 28.86 -2.73
N ARG B 563 -1.20 29.03 -4.02
CA ARG B 563 -0.28 29.72 -4.92
C ARG B 563 0.16 31.09 -4.41
N GLY B 564 -0.61 31.69 -3.51
CA GLY B 564 -0.26 32.99 -2.94
C GLY B 564 -0.88 34.16 -3.66
N ASP B 565 -1.03 34.05 -4.99
CA ASP B 565 -1.70 35.07 -5.77
C ASP B 565 -3.21 34.90 -5.78
N THR B 566 -3.73 33.89 -5.10
CA THR B 566 -5.16 33.64 -5.00
C THR B 566 -5.71 34.28 -3.72
N GLN B 567 -7.04 34.30 -3.63
CA GLN B 567 -7.73 34.83 -2.46
C GLN B 567 -8.41 33.71 -1.67
N ILE B 568 -7.72 32.58 -1.54
CA ILE B 568 -8.23 31.45 -0.77
C ILE B 568 -7.79 31.69 0.67
N GLN B 569 -8.72 32.11 1.52
CA GLN B 569 -8.41 32.37 2.92
C GLN B 569 -8.27 31.05 3.67
N THR B 570 -7.12 30.88 4.32
CA THR B 570 -6.84 29.73 5.15
C THR B 570 -6.16 30.20 6.44
N ARG B 571 -5.79 29.25 7.30
CA ARG B 571 -5.05 29.59 8.50
C ARG B 571 -3.62 29.99 8.20
N ARG B 572 -3.15 29.80 6.96
CA ARG B 572 -1.77 30.10 6.58
C ARG B 572 -1.69 31.01 5.38
N SER B 573 -2.80 31.60 4.94
CA SER B 573 -2.83 32.40 3.73
C SER B 573 -2.30 33.81 3.93
N PHE B 574 -2.14 34.27 5.18
CA PHE B 574 -1.69 35.63 5.41
C PHE B 574 -0.16 35.73 5.33
N GLU B 575 0.53 34.90 6.11
CA GLU B 575 1.99 34.90 6.07
C GLU B 575 2.47 34.55 4.68
N ILE B 576 1.82 33.59 4.02
CA ILE B 576 2.20 33.22 2.66
C ILE B 576 2.05 34.42 1.73
N LYS B 577 0.96 35.17 1.86
CA LYS B 577 0.74 36.32 0.99
C LYS B 577 1.76 37.42 1.23
N LYS B 578 2.13 37.68 2.50
CA LYS B 578 3.16 38.69 2.75
C LYS B 578 4.51 38.23 2.22
N LEU B 579 4.83 36.95 2.37
CA LEU B 579 6.06 36.44 1.78
C LEU B 579 6.05 36.59 0.26
N TRP B 580 4.88 36.36 -0.35
CA TRP B 580 4.74 36.53 -1.79
C TRP B 580 5.00 37.97 -2.21
N GLU B 581 4.34 38.92 -1.52
CA GLU B 581 4.51 40.33 -1.87
C GLU B 581 5.90 40.84 -1.53
N GLN B 582 6.58 40.21 -0.56
CA GLN B 582 7.92 40.63 -0.20
C GLN B 582 8.95 40.18 -1.24
N THR B 583 8.77 38.98 -1.78
CA THR B 583 9.73 38.41 -2.71
C THR B 583 9.67 39.14 -4.04
N ARG B 584 10.84 39.32 -4.66
CA ARG B 584 10.94 39.95 -5.97
C ARG B 584 10.85 38.93 -7.10
N SER B 585 11.69 37.89 -7.05
CA SER B 585 11.63 36.80 -8.02
C SER B 585 10.74 35.72 -7.42
N LYS B 586 9.43 35.85 -7.65
CA LYS B 586 8.46 34.95 -7.06
C LYS B 586 8.47 33.56 -7.68
N ALA B 587 9.17 33.37 -8.80
CA ALA B 587 9.25 32.05 -9.41
C ALA B 587 10.13 31.09 -8.63
N GLY B 588 10.90 31.57 -7.66
CA GLY B 588 11.79 30.72 -6.89
C GLY B 588 11.18 30.21 -5.60
N LEU B 589 10.00 30.71 -5.26
CA LEU B 589 9.33 30.27 -4.05
C LEU B 589 8.90 28.82 -4.18
N LEU B 590 9.08 28.05 -3.10
CA LEU B 590 8.66 26.67 -3.09
C LEU B 590 7.13 26.57 -2.99
N VAL B 591 6.60 25.46 -3.51
CA VAL B 591 5.16 25.24 -3.43
C VAL B 591 4.70 25.21 -1.98
N SER B 592 5.58 24.78 -1.07
CA SER B 592 5.27 24.81 0.34
C SER B 592 5.07 26.23 0.87
N ASP B 593 5.72 27.21 0.26
CA ASP B 593 5.61 28.61 0.66
C ASP B 593 4.70 29.41 -0.26
N GLY B 594 3.92 28.74 -1.09
CA GLY B 594 2.99 29.42 -1.97
C GLY B 594 3.65 29.97 -3.23
N GLY B 595 4.38 29.12 -3.93
CA GLY B 595 5.03 29.51 -5.16
C GLY B 595 4.57 28.66 -6.32
N PRO B 596 4.90 29.08 -7.54
CA PRO B 596 4.51 28.31 -8.72
C PRO B 596 5.24 26.98 -8.79
N ASN B 597 4.61 26.04 -9.50
CA ASN B 597 5.14 24.70 -9.67
C ASN B 597 5.84 24.62 -11.03
N LEU B 598 7.14 24.33 -11.01
CA LEU B 598 7.93 24.22 -12.22
C LEU B 598 8.19 22.77 -12.62
N TYR B 599 7.56 21.81 -11.95
CA TYR B 599 7.81 20.41 -12.23
C TYR B 599 7.20 20.00 -13.56
N ASN B 600 7.81 19.01 -14.19
CA ASN B 600 7.32 18.45 -15.44
C ASN B 600 7.97 17.08 -15.62
N ILE B 601 7.63 16.41 -16.72
CA ILE B 601 8.14 15.06 -16.94
C ILE B 601 9.66 15.04 -16.94
N ARG B 602 10.29 16.14 -17.37
CA ARG B 602 11.75 16.20 -17.39
C ARG B 602 12.35 16.52 -16.03
N ASN B 603 11.56 17.02 -15.08
CA ASN B 603 12.07 17.48 -13.79
C ASN B 603 11.63 16.60 -12.63
N LEU B 604 11.15 15.38 -12.91
CA LEU B 604 10.64 14.52 -11.86
C LEU B 604 11.73 13.90 -11.00
N HIS B 605 13.00 14.01 -11.40
CA HIS B 605 14.11 13.41 -10.68
C HIS B 605 14.98 14.45 -9.98
N ILE B 606 14.47 15.67 -9.79
CA ILE B 606 15.22 16.76 -9.19
C ILE B 606 14.47 17.21 -7.95
N PRO B 607 15.14 17.41 -6.81
CA PRO B 607 14.44 17.98 -5.65
C PRO B 607 13.96 19.40 -5.93
N GLU B 608 12.87 19.77 -5.25
CA GLU B 608 12.28 21.07 -5.49
C GLU B 608 13.24 22.20 -5.15
N VAL B 609 14.00 22.06 -4.05
CA VAL B 609 14.89 23.13 -3.63
C VAL B 609 15.94 23.41 -4.69
N CYS B 610 16.53 22.36 -5.26
CA CYS B 610 17.58 22.54 -6.26
C CYS B 610 17.03 22.99 -7.60
N LEU B 611 15.78 22.63 -7.93
CA LEU B 611 15.19 23.08 -9.18
C LEU B 611 14.90 24.58 -9.15
N LYS B 612 14.62 25.14 -7.98
CA LYS B 612 14.31 26.55 -7.82
C LYS B 612 15.45 27.33 -7.18
N TRP B 613 16.64 26.74 -7.10
CA TRP B 613 17.75 27.38 -6.38
C TRP B 613 18.15 28.69 -7.06
N GLU B 614 18.30 28.68 -8.37
CA GLU B 614 18.77 29.86 -9.08
C GLU B 614 17.72 30.96 -9.18
N LEU B 615 16.46 30.67 -8.88
CA LEU B 615 15.41 31.67 -8.95
C LEU B 615 15.09 32.29 -7.59
N MET B 616 15.55 31.70 -6.50
CA MET B 616 15.26 32.23 -5.18
C MET B 616 16.05 33.50 -4.92
N ASP B 617 15.43 34.41 -4.17
CA ASP B 617 16.14 35.58 -3.67
C ASP B 617 17.06 35.15 -2.53
N GLU B 618 18.24 35.80 -2.45
CA GLU B 618 19.23 35.37 -1.46
C GLU B 618 18.69 35.47 -0.04
N ASP B 619 17.86 36.46 0.25
CA ASP B 619 17.29 36.57 1.59
C ASP B 619 16.39 35.38 1.90
N TYR B 620 15.45 35.08 0.99
CA TYR B 620 14.57 33.94 1.21
C TYR B 620 15.34 32.63 1.17
N GLN B 621 16.35 32.53 0.29
CA GLN B 621 17.16 31.33 0.23
C GLN B 621 17.88 31.08 1.56
N GLY B 622 18.47 32.13 2.13
CA GLY B 622 19.16 31.99 3.40
C GLY B 622 18.21 31.69 4.54
N ARG B 623 17.05 32.35 4.58
CA ARG B 623 16.08 32.06 5.63
C ARG B 623 15.59 30.62 5.54
N LEU B 624 15.37 30.12 4.32
CA LEU B 624 14.86 28.77 4.14
C LEU B 624 15.88 27.73 4.62
N CYS B 625 17.06 27.73 4.02
CA CYS B 625 18.07 26.71 4.29
C CYS B 625 19.06 27.23 5.33
N ASN B 626 18.56 27.41 6.55
CA ASN B 626 19.37 27.89 7.66
C ASN B 626 19.63 26.75 8.63
N PRO B 627 20.88 26.34 8.86
CA PRO B 627 21.11 25.22 9.79
C PRO B 627 20.55 25.45 11.18
N LEU B 628 20.57 26.69 11.66
CA LEU B 628 20.07 27.01 12.99
C LEU B 628 18.56 26.98 13.10
N ASN B 629 17.82 26.55 12.07
CA ASN B 629 16.37 26.52 12.15
C ASN B 629 15.94 25.58 13.27
N PRO B 630 14.92 25.94 14.07
CA PRO B 630 14.48 25.08 15.15
C PRO B 630 13.56 23.94 14.73
N PHE B 631 13.32 23.77 13.43
CA PHE B 631 12.39 22.76 12.94
C PHE B 631 13.08 21.47 12.51
N VAL B 632 14.21 21.56 11.83
CA VAL B 632 14.89 20.37 11.33
C VAL B 632 15.45 19.58 12.50
N SER B 633 15.18 18.27 12.52
CA SER B 633 15.72 17.38 13.53
C SER B 633 16.14 16.08 12.87
N HIS B 634 17.41 15.71 13.06
CA HIS B 634 17.96 14.47 12.51
C HIS B 634 18.44 13.60 13.66
N LYS B 635 18.00 12.33 13.66
CA LYS B 635 18.29 11.41 14.76
C LYS B 635 19.44 10.48 14.42
N GLU B 636 19.34 9.74 13.32
CA GLU B 636 20.34 8.74 12.97
C GLU B 636 20.52 8.72 11.45
N ILE B 637 21.61 8.08 11.03
CA ILE B 637 21.89 7.94 9.60
C ILE B 637 20.79 7.14 8.92
N GLU B 638 20.14 6.22 9.64
CA GLU B 638 19.12 5.39 9.04
C GLU B 638 17.86 6.18 8.71
N SER B 639 17.52 7.18 9.52
CA SER B 639 16.28 7.93 9.38
C SER B 639 16.50 9.31 8.77
N VAL B 640 17.50 9.47 7.91
CA VAL B 640 17.77 10.77 7.31
C VAL B 640 16.77 11.05 6.19
N ASN B 641 16.78 10.22 5.16
CA ASN B 641 15.91 10.40 4.01
C ASN B 641 15.28 9.06 3.62
N ASN B 642 14.84 8.30 4.63
CA ASN B 642 14.16 7.04 4.43
C ASN B 642 12.75 7.16 4.97
N ALA B 643 11.76 6.83 4.12
CA ALA B 643 10.36 6.90 4.49
C ALA B 643 9.73 5.53 4.36
N VAL B 644 9.02 5.10 5.40
CA VAL B 644 8.40 3.78 5.44
C VAL B 644 6.97 3.94 4.92
N MET B 645 6.73 3.50 3.69
CA MET B 645 5.41 3.53 3.08
C MET B 645 4.93 2.09 2.92
N MET B 646 3.89 1.73 3.64
CA MET B 646 3.31 0.40 3.53
C MET B 646 2.56 0.29 2.20
N PRO B 647 3.10 -0.41 1.20
CA PRO B 647 2.42 -0.47 -0.09
C PRO B 647 1.15 -1.31 -0.02
N ALA B 648 0.20 -0.95 -0.88
CA ALA B 648 -1.03 -1.72 -0.98
C ALA B 648 -0.74 -3.11 -1.53
N HIS B 649 -1.32 -4.12 -0.90
CA HIS B 649 -1.14 -5.51 -1.33
C HIS B 649 0.33 -5.93 -1.25
N GLY B 650 0.97 -5.65 -0.11
CA GLY B 650 2.33 -6.03 0.11
C GLY B 650 2.82 -5.71 1.50
N PRO B 651 3.99 -6.21 1.86
CA PRO B 651 4.56 -5.90 3.18
C PRO B 651 5.16 -4.50 3.23
N ALA B 652 5.32 -4.01 4.47
CA ALA B 652 5.86 -2.68 4.67
C ALA B 652 7.21 -2.54 4.00
N LYS B 653 7.41 -1.40 3.31
CA LYS B 653 8.61 -1.16 2.55
C LYS B 653 9.14 0.24 2.86
N ASN B 654 10.44 0.42 2.64
CA ASN B 654 11.13 1.68 2.87
C ASN B 654 11.63 2.22 1.54
N MET B 655 11.61 3.55 1.40
CA MET B 655 12.05 4.21 0.18
C MET B 655 13.03 5.32 0.51
N GLU B 656 14.09 5.41 -0.31
CA GLU B 656 15.01 6.54 -0.31
C GLU B 656 14.39 7.65 -1.14
N TYR B 657 14.19 8.82 -0.54
CA TYR B 657 13.66 9.98 -1.24
C TYR B 657 14.68 11.10 -1.20
N ASP B 658 14.92 11.73 -2.36
CA ASP B 658 15.89 12.81 -2.45
C ASP B 658 15.24 14.10 -1.95
N ALA B 659 15.85 14.73 -0.96
CA ALA B 659 15.33 15.97 -0.41
C ALA B 659 16.47 16.75 0.22
N VAL B 660 16.33 18.08 0.21
CA VAL B 660 17.28 18.98 0.82
C VAL B 660 16.74 19.41 2.17
N ALA B 661 17.59 19.40 3.19
CA ALA B 661 17.18 19.75 4.55
C ALA B 661 16.84 21.23 4.59
N THR B 662 15.55 21.53 4.59
CA THR B 662 15.05 22.89 4.67
C THR B 662 14.26 23.08 5.95
N THR B 663 13.77 24.30 6.15
CA THR B 663 12.92 24.58 7.30
C THR B 663 11.60 23.83 7.23
N HIS B 664 11.25 23.26 6.08
CA HIS B 664 10.03 22.50 5.90
C HIS B 664 10.19 21.03 6.27
N SER B 665 11.38 20.61 6.70
CA SER B 665 11.63 19.21 7.04
C SER B 665 11.26 18.88 8.48
N TRP B 666 10.37 19.66 9.08
CA TRP B 666 9.94 19.39 10.44
C TRP B 666 9.37 17.98 10.56
N ILE B 667 9.29 17.50 11.80
CA ILE B 667 8.65 16.22 12.10
C ILE B 667 7.34 16.50 12.81
N PRO B 668 6.27 15.75 12.54
CA PRO B 668 4.95 16.11 13.06
C PRO B 668 4.81 15.77 14.54
N LYS B 669 3.68 16.18 15.10
CA LYS B 669 3.38 15.96 16.51
C LYS B 669 3.20 14.47 16.78
N ARG B 670 3.50 14.07 18.02
CA ARG B 670 3.33 12.69 18.44
C ARG B 670 1.93 12.48 19.03
N ASN B 671 1.65 11.25 19.46
CA ASN B 671 0.29 10.89 19.83
C ASN B 671 -0.22 11.70 21.02
N ARG B 672 0.56 11.73 22.10
CA ARG B 672 0.27 12.51 23.31
C ARG B 672 -0.81 11.89 24.18
N SER B 673 -1.30 10.69 23.87
CA SER B 673 -2.32 10.07 24.69
C SER B 673 -1.76 9.27 25.86
N ILE B 674 -0.43 9.14 25.94
CA ILE B 674 0.18 8.43 27.07
C ILE B 674 -0.08 9.13 28.39
N LEU B 675 -0.44 10.41 28.37
CA LEU B 675 -0.58 11.18 29.60
C LEU B 675 -1.74 10.70 30.45
N ASN B 676 -2.71 10.00 29.86
CA ASN B 676 -3.89 9.54 30.59
C ASN B 676 -3.79 8.08 31.01
N THR B 677 -2.63 7.46 30.82
CA THR B 677 -2.44 6.05 31.12
C THR B 677 -1.49 5.88 32.31
N SER B 678 -1.61 4.75 32.99
CA SER B 678 -0.70 4.44 34.09
C SER B 678 0.73 4.31 33.59
N GLN B 679 0.93 4.05 32.30
CA GLN B 679 2.27 4.02 31.72
C GLN B 679 2.71 5.43 31.37
N ARG B 680 2.62 6.35 32.33
CA ARG B 680 2.99 7.74 32.09
C ARG B 680 4.46 8.00 32.36
N GLY B 681 5.09 7.20 33.23
CA GLY B 681 6.50 7.36 33.50
C GLY B 681 7.40 7.05 32.32
N ILE B 682 6.89 6.37 31.30
CA ILE B 682 7.70 6.07 30.13
C ILE B 682 8.12 7.36 29.44
N LEU B 683 7.30 8.40 29.51
CA LEU B 683 7.67 9.67 28.88
C LEU B 683 8.82 10.35 29.61
N GLU B 684 8.81 10.30 30.94
CA GLU B 684 9.93 10.86 31.70
C GLU B 684 11.23 10.11 31.39
N ASP B 685 11.15 8.78 31.33
CA ASP B 685 12.32 8.00 30.95
C ASP B 685 12.77 8.35 29.54
N GLU B 686 11.83 8.53 28.62
CA GLU B 686 12.19 8.95 27.27
C GLU B 686 12.95 10.27 27.30
N GLN B 687 12.42 11.25 28.03
CA GLN B 687 13.06 12.56 28.07
C GLN B 687 14.47 12.46 28.66
N MET B 688 14.62 11.72 29.75
CA MET B 688 15.94 11.61 30.38
C MET B 688 16.92 10.87 29.47
N TYR B 689 16.48 9.79 28.85
CA TYR B 689 17.34 9.06 27.92
C TYR B 689 17.75 9.94 26.76
N GLN B 690 16.82 10.75 26.24
CA GLN B 690 17.15 11.63 25.11
C GLN B 690 18.12 12.72 25.54
N LYS B 691 17.95 13.25 26.76
CA LYS B 691 18.90 14.25 27.25
C LYS B 691 20.30 13.66 27.36
N CYS B 692 20.39 12.45 27.93
CA CYS B 692 21.70 11.80 28.05
C CYS B 692 22.29 11.50 26.68
N CYS B 693 21.47 11.06 25.74
CA CYS B 693 21.95 10.75 24.40
C CYS B 693 22.43 12.01 23.69
N ASN B 694 21.71 13.12 23.84
CA ASN B 694 22.16 14.36 23.23
C ASN B 694 23.48 14.82 23.85
N LEU B 695 23.62 14.69 25.17
CA LEU B 695 24.88 15.04 25.81
C LEU B 695 26.02 14.17 25.27
N PHE B 696 25.78 12.87 25.15
CA PHE B 696 26.81 11.97 24.63
C PHE B 696 27.17 12.33 23.19
N GLU B 697 26.17 12.64 22.37
CA GLU B 697 26.43 13.01 20.99
C GLU B 697 27.28 14.28 20.92
N LYS B 698 26.95 15.28 21.75
CA LYS B 698 27.79 16.47 21.82
C LYS B 698 29.19 16.12 22.31
N PHE B 699 29.30 15.08 23.13
CA PHE B 699 30.63 14.60 23.55
C PHE B 699 31.24 13.69 22.48
N PHE B 700 30.43 12.88 21.82
CA PHE B 700 30.87 11.94 20.79
C PHE B 700 30.09 12.24 19.51
N PRO B 701 30.59 13.13 18.65
CA PRO B 701 29.82 13.52 17.46
C PRO B 701 29.45 12.36 16.56
N SER B 702 30.24 11.30 16.51
CA SER B 702 29.96 10.17 15.63
C SER B 702 28.93 9.20 16.20
N SER B 703 28.26 9.57 17.29
CA SER B 703 27.33 8.65 17.93
C SER B 703 26.22 8.24 16.98
N SER B 704 25.75 9.17 16.15
CA SER B 704 24.62 8.87 15.27
C SER B 704 25.08 8.06 14.05
N TYR B 705 26.11 8.55 13.34
CA TYR B 705 26.50 7.92 12.08
C TYR B 705 26.98 6.49 12.31
N ARG B 706 27.94 6.31 13.22
CA ARG B 706 28.39 4.99 13.64
C ARG B 706 28.05 4.82 15.11
N ARG B 707 27.22 3.82 15.41
CA ARG B 707 26.82 3.55 16.78
C ARG B 707 28.05 3.18 17.62
N PRO B 708 28.30 3.87 18.73
CA PRO B 708 29.49 3.56 19.52
C PRO B 708 29.46 2.14 20.07
N VAL B 709 30.66 1.58 20.26
CA VAL B 709 30.82 0.24 20.81
C VAL B 709 31.82 0.31 21.95
N GLY B 710 31.73 -0.65 22.85
CA GLY B 710 32.61 -0.71 24.00
C GLY B 710 31.90 -1.35 25.18
N ILE B 711 32.62 -1.39 26.30
CA ILE B 711 32.09 -1.95 27.54
C ILE B 711 32.19 -0.99 28.71
N SER B 712 32.67 0.24 28.49
CA SER B 712 32.70 1.23 29.55
C SER B 712 31.33 1.88 29.71
N SER B 713 31.19 2.72 30.74
CA SER B 713 29.96 3.44 31.02
C SER B 713 30.04 4.87 30.50
N MET B 714 28.89 5.53 30.47
CA MET B 714 28.79 6.86 29.88
C MET B 714 29.78 7.82 30.51
N VAL B 715 29.64 8.06 31.81
CA VAL B 715 30.31 9.17 32.44
C VAL B 715 31.82 9.04 32.32
N GLU B 716 32.33 7.80 32.32
CA GLU B 716 33.77 7.61 32.14
C GLU B 716 34.24 8.23 30.83
N ALA B 717 33.59 7.84 29.72
CA ALA B 717 33.99 8.36 28.42
C ALA B 717 33.78 9.87 28.36
N MET B 718 32.64 10.35 28.85
CA MET B 718 32.36 11.78 28.73
C MET B 718 33.37 12.60 29.53
N VAL B 719 33.66 12.22 30.78
CA VAL B 719 34.59 12.99 31.60
C VAL B 719 36.00 12.92 31.02
N SER B 720 36.42 11.73 30.57
CA SER B 720 37.78 11.60 30.07
C SER B 720 37.96 12.40 28.78
N ARG B 721 36.97 12.35 27.90
CA ARG B 721 37.04 13.17 26.69
C ARG B 721 36.98 14.66 27.03
N ALA B 722 36.27 15.03 28.09
CA ALA B 722 36.31 16.42 28.53
C ALA B 722 37.74 16.82 28.91
N ARG B 723 38.39 15.98 29.72
CA ARG B 723 39.80 16.19 30.04
C ARG B 723 40.58 16.51 28.76
N ILE B 724 40.58 15.54 27.85
CA ILE B 724 41.48 15.61 26.71
C ILE B 724 41.12 16.78 25.79
N ASP B 725 39.83 16.99 25.54
CA ASP B 725 39.43 18.04 24.61
C ASP B 725 39.74 19.41 25.16
N ALA B 726 39.52 19.62 26.47
CA ALA B 726 39.94 20.89 27.07
C ALA B 726 41.44 21.08 26.89
N ARG B 727 42.22 20.05 27.23
CA ARG B 727 43.67 20.12 27.01
C ARG B 727 43.99 20.62 25.61
N ILE B 728 43.57 19.86 24.60
CA ILE B 728 44.07 20.08 23.24
C ILE B 728 43.49 21.37 22.67
N ASP B 729 42.23 21.68 23.00
CA ASP B 729 41.64 22.90 22.50
C ASP B 729 42.27 24.13 23.14
N PHE B 730 42.87 23.99 24.32
CA PHE B 730 43.86 24.99 24.71
C PHE B 730 45.13 24.95 23.87
N GLU B 731 45.74 23.78 23.70
CA GLU B 731 47.00 23.77 22.96
C GLU B 731 46.85 24.51 21.63
N SER B 732 45.61 24.66 21.15
CA SER B 732 45.28 25.68 20.17
C SER B 732 43.76 25.87 20.17
N GLY B 733 43.29 27.02 20.63
CA GLY B 733 41.87 27.31 20.58
C GLY B 733 41.43 28.28 21.67
N ARG B 734 40.11 28.37 21.83
CA ARG B 734 39.50 29.38 22.69
C ARG B 734 39.83 29.18 24.17
N ILE B 735 39.98 27.92 24.61
CA ILE B 735 40.14 27.66 26.04
C ILE B 735 41.27 28.53 26.59
N LYS B 736 41.26 28.77 27.91
CA LYS B 736 42.36 29.41 28.59
C LYS B 736 42.73 28.62 29.84
N LYS B 737 43.95 28.84 30.35
CA LYS B 737 44.40 28.14 31.57
C LYS B 737 43.33 28.17 32.64
N GLU B 738 42.73 29.34 32.88
CA GLU B 738 41.67 29.45 33.87
C GLU B 738 40.56 28.45 33.56
N GLU B 739 40.06 28.49 32.33
CA GLU B 739 39.00 27.58 31.92
C GLU B 739 39.46 26.13 31.90
N PHE B 740 40.69 25.85 31.45
CA PHE B 740 41.14 24.47 31.38
C PHE B 740 41.22 23.86 32.79
N ALA B 741 41.77 24.60 33.75
CA ALA B 741 41.84 24.10 35.12
C ALA B 741 40.44 23.99 35.71
N GLU B 742 39.56 24.93 35.38
CA GLU B 742 38.18 24.83 35.84
C GLU B 742 37.53 23.55 35.35
N ILE B 743 37.73 23.21 34.08
CA ILE B 743 37.21 21.96 33.53
C ILE B 743 37.86 20.75 34.21
N MET B 744 39.16 20.79 34.45
CA MET B 744 39.82 19.65 35.08
C MET B 744 39.23 19.38 36.46
N LYS B 745 39.08 20.43 37.27
CA LYS B 745 38.56 20.24 38.61
C LYS B 745 37.06 19.98 38.61
N ILE B 746 36.32 20.44 37.58
CA ILE B 746 34.92 20.06 37.46
C ILE B 746 34.80 18.59 37.10
N CYS B 747 35.71 18.09 36.27
CA CYS B 747 35.77 16.66 36.00
C CYS B 747 36.03 15.87 37.27
N SER B 748 36.95 16.37 38.10
CA SER B 748 37.19 15.73 39.39
C SER B 748 35.94 15.77 40.26
N THR B 749 35.20 16.88 40.21
CA THR B 749 33.98 17.01 41.00
C THR B 749 32.94 15.98 40.57
N ILE B 750 32.73 15.84 39.27
CA ILE B 750 31.75 14.83 38.81
C ILE B 750 32.26 13.44 39.11
N GLU B 751 33.58 13.24 39.11
CA GLU B 751 34.15 11.96 39.51
C GLU B 751 33.76 11.62 40.94
N GLU B 752 34.01 12.54 41.87
CA GLU B 752 33.68 12.27 43.26
C GLU B 752 32.17 12.20 43.47
N LEU B 753 31.39 12.86 42.61
CA LEU B 753 29.94 12.74 42.69
C LEU B 753 29.50 11.33 42.28
N ARG B 754 30.09 10.79 41.21
CA ARG B 754 29.77 9.43 40.81
C ARG B 754 30.25 8.43 41.85
N ARG B 755 31.36 8.71 42.54
CA ARG B 755 31.74 7.92 43.71
C ARG B 755 30.59 7.82 44.71
N GLN B 756 29.90 8.93 44.95
CA GLN B 756 28.79 8.95 45.89
C GLN B 756 27.56 9.59 45.27
N MET C 1 33.26 24.26 27.87
CA MET C 1 32.72 24.74 29.17
C MET C 1 31.31 24.24 29.40
N GLU C 2 30.39 24.70 28.54
CA GLU C 2 28.98 24.37 28.71
C GLU C 2 28.77 22.86 28.82
N ARG C 3 29.34 22.10 27.88
CA ARG C 3 29.00 20.69 27.74
C ARG C 3 29.18 19.94 29.07
N ILE C 4 30.35 20.07 29.67
CA ILE C 4 30.57 19.42 30.96
C ILE C 4 29.66 20.02 32.02
N LYS C 5 29.18 21.24 31.81
CA LYS C 5 28.32 21.85 32.82
C LYS C 5 26.93 21.22 32.82
N GLU C 6 26.31 21.00 31.65
CA GLU C 6 25.05 20.27 31.69
C GLU C 6 25.30 18.81 32.06
N LEU C 7 26.50 18.30 31.78
CA LEU C 7 26.84 16.96 32.29
C LEU C 7 26.74 16.92 33.81
N ARG C 8 27.36 17.90 34.48
CA ARG C 8 27.32 17.95 35.94
C ARG C 8 25.89 18.18 36.43
N ASP C 9 25.14 19.03 35.75
CA ASP C 9 23.75 19.26 36.14
C ASP C 9 22.93 17.98 36.03
N LEU C 10 23.15 17.20 34.97
CA LEU C 10 22.47 15.91 34.83
C LEU C 10 22.85 14.97 35.96
N MET C 11 24.15 14.85 36.23
CA MET C 11 24.60 13.98 37.31
C MET C 11 24.14 14.47 38.68
N SER C 12 23.73 15.73 38.80
CA SER C 12 23.21 16.23 40.06
C SER C 12 21.96 15.48 40.49
N GLN C 13 21.05 15.25 39.54
CA GLN C 13 19.79 14.58 39.85
C GLN C 13 20.00 13.06 39.81
N SER C 14 19.38 12.38 40.78
CA SER C 14 19.73 10.98 41.03
C SER C 14 19.38 10.08 39.84
N ARG C 15 18.21 10.27 39.24
CA ARG C 15 17.77 9.36 38.18
C ARG C 15 18.70 9.42 36.97
N THR C 16 18.99 10.63 36.49
CA THR C 16 19.91 10.75 35.37
C THR C 16 21.30 10.28 35.73
N ARG C 17 21.71 10.49 36.99
CA ARG C 17 23.01 9.98 37.43
C ARG C 17 23.06 8.46 37.33
N GLU C 18 22.00 7.78 37.77
CA GLU C 18 21.94 6.33 37.66
C GLU C 18 21.95 5.89 36.19
N ILE C 19 21.19 6.59 35.35
CA ILE C 19 21.16 6.25 33.93
C ILE C 19 22.55 6.37 33.34
N LEU C 20 23.27 7.44 33.69
CA LEU C 20 24.61 7.65 33.17
C LEU C 20 25.60 6.62 33.70
N THR C 21 25.42 6.19 34.95
CA THR C 21 26.39 5.29 35.57
C THR C 21 26.21 3.85 35.10
N LYS C 22 24.99 3.32 35.21
CA LYS C 22 24.79 1.90 34.95
C LYS C 22 24.75 1.59 33.45
N THR C 23 24.38 2.54 32.61
CA THR C 23 24.26 2.29 31.18
C THR C 23 25.64 2.28 30.53
N THR C 24 25.95 1.22 29.80
CA THR C 24 27.21 1.10 29.10
C THR C 24 27.11 1.71 27.70
N VAL C 25 28.28 1.95 27.10
CA VAL C 25 28.33 2.62 25.80
C VAL C 25 27.61 1.81 24.74
N ASP C 26 27.74 0.48 24.79
CA ASP C 26 27.15 -0.36 23.76
C ASP C 26 25.64 -0.16 23.70
N HIS C 27 24.99 -0.07 24.86
CA HIS C 27 23.55 0.11 24.92
C HIS C 27 23.11 1.50 24.43
N MET C 28 24.06 2.38 24.14
CA MET C 28 23.74 3.72 23.62
C MET C 28 22.58 3.69 22.63
N ALA C 29 22.68 2.87 21.58
CA ALA C 29 21.67 2.88 20.54
C ALA C 29 20.31 2.51 21.13
N ILE C 30 20.27 1.44 21.93
CA ILE C 30 19.00 0.93 22.42
C ILE C 30 18.22 2.04 23.12
N ILE C 31 18.80 2.59 24.19
CA ILE C 31 18.11 3.63 24.94
C ILE C 31 17.82 4.84 24.09
N LYS C 32 18.63 5.10 23.06
CA LYS C 32 18.35 6.24 22.20
C LYS C 32 17.09 6.00 21.36
N LYS C 33 16.86 4.76 20.96
CA LYS C 33 15.65 4.39 20.25
C LYS C 33 14.51 4.02 21.20
N TYR C 34 14.77 3.98 22.50
CA TYR C 34 13.73 3.69 23.48
C TYR C 34 12.66 4.77 23.42
N THR C 35 11.48 4.42 22.93
CA THR C 35 10.40 5.39 22.80
C THR C 35 9.06 4.67 22.90
N SER C 36 8.05 5.40 23.36
CA SER C 36 6.68 4.90 23.38
C SER C 36 5.94 5.20 22.08
N GLY C 37 6.53 5.98 21.18
CA GLY C 37 5.86 6.34 19.95
C GLY C 37 5.88 5.21 18.95
N ARG C 38 4.70 4.68 18.62
CA ARG C 38 4.61 3.66 17.58
C ARG C 38 4.83 4.29 16.21
N GLN C 39 5.38 3.49 15.29
CA GLN C 39 5.55 3.94 13.92
C GLN C 39 4.19 3.93 13.22
N GLU C 40 3.86 5.05 12.58
CA GLU C 40 2.53 5.22 12.02
C GLU C 40 2.26 4.21 10.92
N LYS C 41 1.04 3.65 10.93
CA LYS C 41 0.64 2.70 9.89
C LYS C 41 0.07 3.41 8.68
N ASN C 42 -0.65 4.52 8.88
CA ASN C 42 -1.28 5.28 7.80
C ASN C 42 -0.84 6.73 7.93
N PRO C 43 0.36 7.08 7.45
CA PRO C 43 0.84 8.46 7.63
C PRO C 43 -0.02 9.49 6.92
N ALA C 44 -0.52 9.19 5.72
CA ALA C 44 -1.27 10.18 4.95
C ALA C 44 -2.53 10.60 5.68
N LEU C 45 -3.25 9.64 6.25
CA LEU C 45 -4.52 9.94 6.90
C LEU C 45 -4.31 10.93 8.05
N ARG C 46 -3.29 10.69 8.88
CA ARG C 46 -3.05 11.57 10.01
C ARG C 46 -2.40 12.88 9.62
N MET C 47 -1.56 12.89 8.60
CA MET C 47 -1.04 14.18 8.12
C MET C 47 -2.16 15.05 7.59
N LYS C 48 -3.14 14.45 6.93
CA LYS C 48 -4.31 15.21 6.50
C LYS C 48 -5.23 15.57 7.66
N TRP C 49 -5.12 14.85 8.78
CA TRP C 49 -5.95 15.08 9.95
C TRP C 49 -5.26 16.01 10.96
N MET C 50 -3.93 15.90 11.11
CA MET C 50 -3.23 16.74 12.06
C MET C 50 -3.11 18.18 11.56
N MET C 51 -2.91 18.37 10.26
CA MET C 51 -2.72 19.72 9.73
C MET C 51 -3.94 20.59 9.90
N ALA C 52 -5.10 20.02 10.22
CA ALA C 52 -6.29 20.79 10.52
C ALA C 52 -6.31 21.27 11.97
N MET C 53 -5.33 20.88 12.78
CA MET C 53 -5.22 21.34 14.16
C MET C 53 -4.35 22.58 14.23
N LYS C 54 -4.43 23.27 15.37
CA LYS C 54 -3.50 24.34 15.68
C LYS C 54 -2.31 23.76 16.42
N TYR C 55 -1.12 24.21 16.04
CA TYR C 55 0.12 23.67 16.57
C TYR C 55 0.26 22.20 16.17
N PRO C 56 0.36 21.89 14.87
CA PRO C 56 0.50 20.49 14.45
C PRO C 56 1.92 20.00 14.30
N ILE C 57 2.93 20.88 14.28
CA ILE C 57 4.30 20.44 14.07
C ILE C 57 5.08 20.63 15.36
N THR C 58 6.33 20.20 15.38
CA THR C 58 7.17 20.31 16.57
C THR C 58 8.47 21.00 16.23
N ALA C 59 9.00 21.75 17.20
CA ALA C 59 10.24 22.49 17.00
C ALA C 59 10.98 22.58 18.32
N ASP C 60 12.28 22.84 18.22
CA ASP C 60 13.11 22.94 19.42
C ASP C 60 12.64 24.10 20.29
N LYS C 61 13.03 24.05 21.57
CA LYS C 61 12.63 25.10 22.50
C LYS C 61 13.14 26.46 22.07
N ARG C 62 14.26 26.50 21.35
CA ARG C 62 14.87 27.77 21.00
C ARG C 62 13.93 28.64 20.18
N ILE C 63 12.95 28.03 19.52
CA ILE C 63 11.98 28.80 18.72
C ILE C 63 11.28 29.83 19.58
N MET C 64 11.10 29.54 20.87
CA MET C 64 10.42 30.48 21.76
C MET C 64 11.20 31.78 21.95
N GLU C 65 12.47 31.83 21.55
CA GLU C 65 13.29 33.02 21.71
C GLU C 65 13.81 33.55 20.38
N MET C 66 13.24 33.13 19.26
CA MET C 66 13.59 33.71 17.96
C MET C 66 12.35 34.21 17.23
N ILE C 67 11.22 33.57 17.45
CA ILE C 67 9.97 33.87 16.76
C ILE C 67 8.97 34.36 17.79
N PRO C 68 8.28 35.47 17.56
CA PRO C 68 7.28 35.93 18.54
C PRO C 68 6.13 34.95 18.67
N GLU C 69 5.51 34.96 19.84
CA GLU C 69 4.41 34.04 20.11
C GLU C 69 3.23 34.25 19.18
N ARG C 70 3.08 35.46 18.62
CA ARG C 70 1.97 35.76 17.73
C ARG C 70 2.44 36.70 16.63
N ASN C 71 1.73 36.65 15.49
CA ASN C 71 2.03 37.49 14.34
C ASN C 71 1.21 38.78 14.42
N GLU C 72 1.14 39.51 13.31
CA GLU C 72 0.58 40.85 13.33
C GLU C 72 -0.87 40.84 13.81
N GLN C 73 -1.69 39.95 13.26
CA GLN C 73 -3.10 39.91 13.64
C GLN C 73 -3.35 39.14 14.92
N GLY C 74 -2.34 38.49 15.47
CA GLY C 74 -2.52 37.70 16.67
C GLY C 74 -2.62 36.20 16.46
N GLN C 75 -2.43 35.72 15.24
CA GLN C 75 -2.38 34.27 15.03
C GLN C 75 -1.16 33.70 15.74
N THR C 76 -1.38 32.74 16.63
CA THR C 76 -0.28 32.18 17.41
C THR C 76 0.64 31.38 16.50
N LEU C 77 1.95 31.53 16.72
CA LEU C 77 2.96 30.84 15.94
C LEU C 77 3.54 29.62 16.65
N TRP C 78 3.68 29.69 17.98
CA TRP C 78 4.19 28.56 18.73
C TRP C 78 3.51 28.51 20.09
N SER C 79 3.54 27.33 20.70
CA SER C 79 3.01 27.11 22.03
C SER C 79 4.14 26.62 22.94
N LYS C 80 3.98 26.87 24.24
CA LYS C 80 4.98 26.49 25.22
C LYS C 80 4.77 25.09 25.77
N THR C 81 3.71 24.40 25.36
CA THR C 81 3.45 23.04 25.81
C THR C 81 4.37 22.08 25.05
N ASN C 82 5.17 21.31 25.78
CA ASN C 82 6.16 20.44 25.16
C ASN C 82 5.50 19.21 24.55
N ASP C 83 6.25 18.54 23.68
CA ASP C 83 5.78 17.32 23.07
C ASP C 83 5.62 16.22 24.13
N ALA C 84 5.14 15.06 23.69
CA ALA C 84 4.88 13.95 24.60
C ALA C 84 6.15 13.50 25.30
N GLY C 85 7.12 12.98 24.54
CA GLY C 85 8.32 12.42 25.11
C GLY C 85 9.58 13.17 24.71
N SER C 86 9.51 14.49 24.66
CA SER C 86 10.66 15.31 24.30
C SER C 86 10.50 16.69 24.89
N ASP C 87 11.60 17.42 24.93
CA ASP C 87 11.58 18.81 25.40
C ASP C 87 11.14 19.79 24.33
N ARG C 88 10.95 19.33 23.09
CA ARG C 88 10.51 20.20 22.01
C ARG C 88 9.07 20.65 22.24
N VAL C 89 8.74 21.80 21.68
CA VAL C 89 7.43 22.41 21.84
C VAL C 89 6.66 22.31 20.53
N MET C 90 5.35 22.14 20.65
CA MET C 90 4.48 22.07 19.48
C MET C 90 4.21 23.48 18.97
N VAL C 91 4.34 23.66 17.66
CA VAL C 91 4.19 24.96 17.01
C VAL C 91 3.34 24.82 15.75
N SER C 92 2.81 25.96 15.31
CA SER C 92 1.93 26.05 14.16
C SER C 92 2.75 26.12 12.88
N PRO C 93 2.16 25.73 11.74
CA PRO C 93 2.92 25.78 10.48
C PRO C 93 3.29 27.19 10.06
N LEU C 94 2.55 28.21 10.52
CA LEU C 94 2.90 29.58 10.18
C LEU C 94 4.30 29.92 10.66
N ALA C 95 4.71 29.38 11.80
CA ALA C 95 6.06 29.63 12.30
C ALA C 95 7.11 29.20 11.29
N VAL C 96 6.78 28.27 10.41
CA VAL C 96 7.67 27.95 9.29
C VAL C 96 7.72 29.11 8.30
N THR C 97 6.55 29.48 7.77
CA THR C 97 6.52 30.55 6.77
C THR C 97 7.06 31.85 7.34
N TRP C 98 6.73 32.15 8.59
CA TRP C 98 7.29 33.33 9.24
C TRP C 98 8.82 33.29 9.18
N TRP C 99 9.41 32.15 9.51
CA TRP C 99 10.86 32.02 9.48
C TRP C 99 11.41 32.29 8.08
N ASN C 100 10.60 32.10 7.04
CA ASN C 100 11.05 32.31 5.68
C ASN C 100 10.82 33.73 5.18
N ARG C 101 10.22 34.60 5.99
CA ARG C 101 9.99 35.99 5.59
C ARG C 101 10.61 37.01 6.52
N ASN C 102 10.82 36.68 7.80
CA ASN C 102 11.52 37.58 8.71
C ASN C 102 12.50 36.86 9.62
N GLY C 103 12.71 35.56 9.46
CA GLY C 103 13.64 34.83 10.28
C GLY C 103 15.07 35.20 9.96
N PRO C 104 16.01 34.75 10.79
CA PRO C 104 17.42 35.05 10.54
C PRO C 104 17.88 34.50 9.19
N THR C 105 18.77 35.24 8.55
CA THR C 105 19.33 34.87 7.27
C THR C 105 20.80 34.53 7.41
N THR C 106 21.28 33.67 6.52
CA THR C 106 22.66 33.21 6.54
C THR C 106 23.19 33.20 5.11
N SER C 107 24.38 32.63 4.93
CA SER C 107 25.01 32.51 3.62
C SER C 107 24.89 31.05 3.18
N ALA C 108 23.96 30.79 2.26
CA ALA C 108 23.72 29.45 1.74
C ALA C 108 24.57 29.12 0.52
N VAL C 109 25.72 29.79 0.38
CA VAL C 109 26.56 29.57 -0.80
C VAL C 109 27.15 28.16 -0.80
N HIS C 110 27.31 27.56 0.39
CA HIS C 110 27.98 26.27 0.48
C HIS C 110 27.03 25.07 0.35
N TYR C 111 25.72 25.28 0.39
CA TYR C 111 24.79 24.19 0.15
C TYR C 111 25.00 23.55 -1.22
N PRO C 112 25.21 24.30 -2.30
CA PRO C 112 25.58 23.65 -3.57
C PRO C 112 26.80 22.75 -3.45
N LYS C 113 27.79 23.15 -2.65
CA LYS C 113 28.96 22.31 -2.44
C LYS C 113 28.64 21.05 -1.65
N ILE C 114 27.71 21.15 -0.70
CA ILE C 114 27.33 19.96 0.09
C ILE C 114 26.49 19.02 -0.76
N TYR C 115 25.31 19.49 -1.19
CA TYR C 115 24.39 18.65 -1.96
C TYR C 115 24.91 18.56 -3.41
N LYS C 116 26.05 17.90 -3.54
CA LYS C 116 26.70 17.80 -4.83
C LYS C 116 25.85 17.02 -5.83
N THR C 117 25.24 15.92 -5.38
CA THR C 117 24.51 15.06 -6.32
C THR C 117 23.36 15.80 -6.98
N TYR C 118 22.53 16.45 -6.18
CA TYR C 118 21.34 17.11 -6.72
C TYR C 118 21.71 18.27 -7.64
N PHE C 119 22.68 19.09 -7.25
CA PHE C 119 23.08 20.19 -8.10
C PHE C 119 23.75 19.69 -9.38
N GLU C 120 24.48 18.60 -9.31
CA GLU C 120 25.03 18.00 -10.53
C GLU C 120 23.91 17.52 -11.44
N LYS C 121 22.86 16.93 -10.87
CA LYS C 121 21.70 16.54 -11.68
C LYS C 121 21.11 17.76 -12.38
N VAL C 122 20.94 18.85 -11.63
CA VAL C 122 20.34 20.06 -12.21
C VAL C 122 21.22 20.60 -13.33
N GLU C 123 22.53 20.66 -13.10
CA GLU C 123 23.44 21.16 -14.13
C GLU C 123 23.42 20.27 -15.36
N ARG C 124 23.39 18.95 -15.16
CA ARG C 124 23.36 18.03 -16.29
C ARG C 124 22.09 18.23 -17.11
N LEU C 125 20.94 18.40 -16.45
CA LEU C 125 19.70 18.56 -17.19
C LEU C 125 19.60 19.92 -17.86
N LYS C 126 20.14 20.97 -17.23
CA LYS C 126 19.96 22.32 -17.77
C LYS C 126 20.61 22.45 -19.14
N HIS C 127 21.73 21.75 -19.36
CA HIS C 127 22.46 21.83 -20.62
C HIS C 127 22.13 20.67 -21.55
N GLY C 128 21.12 19.86 -21.24
CA GLY C 128 20.74 18.77 -22.11
C GLY C 128 20.10 19.27 -23.39
N THR C 129 20.16 18.44 -24.43
CA THR C 129 19.59 18.74 -25.73
C THR C 129 18.65 17.61 -26.12
N PHE C 130 17.38 17.94 -26.34
CA PHE C 130 16.40 16.95 -26.72
C PHE C 130 16.44 16.70 -28.22
N GLY C 131 15.67 15.71 -28.66
CA GLY C 131 15.59 15.35 -30.05
C GLY C 131 14.19 14.89 -30.42
N PRO C 132 14.01 14.46 -31.67
CA PRO C 132 12.69 14.02 -32.11
C PRO C 132 12.25 12.77 -31.36
N VAL C 133 10.93 12.65 -31.20
CA VAL C 133 10.32 11.48 -30.58
C VAL C 133 9.99 10.47 -31.67
N HIS C 134 10.49 9.24 -31.51
CA HIS C 134 10.28 8.18 -32.48
C HIS C 134 9.32 7.15 -31.89
N PHE C 135 8.23 6.88 -32.61
CA PHE C 135 7.19 5.98 -32.13
C PHE C 135 7.41 4.60 -32.73
N ARG C 136 7.84 3.66 -31.89
CA ARG C 136 7.99 2.27 -32.30
C ARG C 136 8.05 1.42 -31.05
N ASN C 137 7.63 0.16 -31.18
CA ASN C 137 7.59 -0.73 -30.03
C ASN C 137 8.98 -0.86 -29.42
N GLN C 138 9.05 -0.69 -28.11
CA GLN C 138 10.31 -0.79 -27.36
C GLN C 138 10.36 -2.12 -26.64
N VAL C 139 11.43 -2.88 -26.87
CA VAL C 139 11.63 -4.17 -26.21
C VAL C 139 12.37 -3.88 -24.91
N LYS C 140 11.60 -3.60 -23.87
CA LYS C 140 12.17 -3.34 -22.55
C LYS C 140 12.61 -4.65 -21.93
N ILE C 141 13.90 -4.80 -21.70
CA ILE C 141 14.44 -5.98 -21.06
C ILE C 141 15.04 -5.55 -19.72
N ARG C 142 14.86 -6.39 -18.71
CA ARG C 142 15.22 -6.05 -17.35
C ARG C 142 16.68 -6.38 -17.07
N ARG C 143 17.40 -5.41 -16.52
CA ARG C 143 18.84 -5.50 -16.32
C ARG C 143 19.21 -4.82 -15.01
N ARG C 144 20.33 -5.25 -14.44
CA ARG C 144 20.90 -4.63 -13.26
C ARG C 144 21.80 -3.47 -13.68
N VAL C 145 21.50 -2.26 -13.20
CA VAL C 145 22.23 -1.07 -13.59
C VAL C 145 22.50 -0.22 -12.35
N ASP C 146 23.53 0.61 -12.44
CA ASP C 146 23.90 1.53 -11.36
C ASP C 146 23.16 2.84 -11.54
N ILE C 147 22.48 3.29 -10.50
CA ILE C 147 21.68 4.51 -10.61
C ILE C 147 22.51 5.73 -10.24
N ASN C 148 23.40 5.61 -9.26
CA ASN C 148 24.16 6.76 -8.80
C ASN C 148 25.22 7.11 -9.84
N PRO C 149 25.19 8.32 -10.42
CA PRO C 149 26.16 8.66 -11.47
C PRO C 149 27.47 9.25 -10.96
N GLY C 150 27.63 9.40 -9.64
CA GLY C 150 28.83 10.00 -9.09
C GLY C 150 29.58 9.07 -8.16
N HIS C 151 29.21 7.80 -8.13
CA HIS C 151 29.88 6.84 -7.27
C HIS C 151 31.37 6.80 -7.59
N ALA C 152 32.19 6.86 -6.55
CA ALA C 152 33.63 6.92 -6.70
C ALA C 152 34.28 5.54 -6.70
N ASP C 153 33.53 4.50 -7.06
CA ASP C 153 34.05 3.13 -7.09
C ASP C 153 34.33 2.63 -5.66
N LEU C 154 33.44 2.95 -4.73
CA LEU C 154 33.56 2.53 -3.34
C LEU C 154 32.26 1.89 -2.88
N SER C 155 32.38 0.91 -2.00
CA SER C 155 31.23 0.28 -1.38
C SER C 155 30.78 1.09 -0.17
N ALA C 156 29.74 0.60 0.51
CA ALA C 156 29.24 1.29 1.70
C ALA C 156 30.30 1.34 2.79
N LYS C 157 30.75 0.17 3.25
CA LYS C 157 31.77 0.13 4.29
C LYS C 157 33.06 0.75 3.80
N GLU C 158 33.42 0.51 2.54
CA GLU C 158 34.68 1.02 2.02
C GLU C 158 34.75 2.54 2.10
N ALA C 159 33.65 3.23 1.81
CA ALA C 159 33.61 4.68 1.87
C ALA C 159 33.20 5.21 3.23
N GLN C 160 32.70 4.34 4.12
CA GLN C 160 32.28 4.81 5.44
C GLN C 160 33.47 5.32 6.25
N ASP C 161 34.61 4.61 6.17
CA ASP C 161 35.82 5.09 6.85
C ASP C 161 36.28 6.42 6.27
N VAL C 162 36.22 6.55 4.95
CA VAL C 162 36.57 7.82 4.31
C VAL C 162 35.67 8.93 4.84
N ILE C 163 34.37 8.65 4.93
CA ILE C 163 33.43 9.67 5.39
C ILE C 163 33.73 10.07 6.83
N MET C 164 34.00 9.10 7.69
CA MET C 164 34.33 9.45 9.07
C MET C 164 35.59 10.31 9.12
N GLU C 165 36.66 9.87 8.46
CA GLU C 165 37.89 10.65 8.49
C GLU C 165 37.71 12.03 7.90
N VAL C 166 36.75 12.21 6.98
CA VAL C 166 36.49 13.53 6.42
C VAL C 166 35.71 14.39 7.41
N VAL C 167 34.74 13.81 8.10
CA VAL C 167 33.87 14.55 9.00
C VAL C 167 34.28 14.36 10.46
N PHE C 168 34.48 13.13 10.89
CA PHE C 168 34.84 12.82 12.27
C PHE C 168 36.26 12.27 12.31
N PRO C 169 37.29 13.12 12.17
CA PRO C 169 38.65 12.60 12.07
C PRO C 169 39.15 11.89 13.32
N ASN C 170 38.56 12.16 14.48
CA ASN C 170 39.07 11.62 15.74
C ASN C 170 38.48 10.27 16.10
N GLU C 171 37.28 9.94 15.61
CA GLU C 171 36.63 8.68 15.93
C GLU C 171 36.95 7.59 14.92
N VAL C 172 37.92 7.81 14.04
CA VAL C 172 38.27 6.80 13.04
C VAL C 172 38.73 5.51 13.71
N GLY C 173 39.50 5.61 14.79
CA GLY C 173 40.00 4.43 15.47
C GLY C 173 41.23 3.83 14.81
N ALA C 174 41.24 2.51 14.65
CA ALA C 174 42.40 1.84 14.09
C ALA C 174 42.60 2.22 12.62
N ARG C 175 41.51 2.35 11.88
CA ARG C 175 41.62 2.44 10.43
C ARG C 175 42.40 3.68 10.01
N ILE C 176 43.38 3.48 9.14
CA ILE C 176 44.01 4.54 8.39
C ILE C 176 44.00 4.13 6.93
N LEU C 177 43.34 4.92 6.09
CA LEU C 177 42.96 4.44 4.76
C LEU C 177 44.19 4.22 3.90
N THR C 178 44.26 3.06 3.25
CA THR C 178 45.45 2.70 2.48
C THR C 178 45.34 3.16 1.03
N SER C 179 44.21 2.88 0.38
CA SER C 179 44.07 3.22 -1.03
C SER C 179 44.26 4.71 -1.24
N GLU C 180 45.05 5.06 -2.26
CA GLU C 180 45.37 6.46 -2.53
C GLU C 180 44.19 7.22 -3.13
N SER C 181 43.29 6.53 -3.82
CA SER C 181 42.05 7.18 -4.26
C SER C 181 41.31 7.73 -3.06
N GLN C 182 41.22 6.94 -1.99
CA GLN C 182 40.60 7.42 -0.77
C GLN C 182 41.38 8.59 -0.19
N LEU C 183 42.71 8.57 -0.31
CA LEU C 183 43.51 9.70 0.16
C LEU C 183 43.11 10.99 -0.55
N THR C 184 43.05 10.95 -1.87
CA THR C 184 42.71 12.17 -2.61
C THR C 184 41.28 12.60 -2.34
N ILE C 185 40.35 11.65 -2.22
CA ILE C 185 38.97 12.01 -1.90
C ILE C 185 38.90 12.69 -0.53
N THR C 186 39.60 12.13 0.45
CA THR C 186 39.62 12.75 1.77
C THR C 186 40.19 14.17 1.70
N LYS C 187 41.31 14.34 0.99
CA LYS C 187 41.91 15.67 0.89
C LYS C 187 40.93 16.66 0.27
N GLU C 188 40.31 16.28 -0.85
CA GLU C 188 39.43 17.21 -1.56
C GLU C 188 38.21 17.56 -0.71
N LYS C 189 37.51 16.54 -0.19
CA LYS C 189 36.31 16.80 0.58
C LYS C 189 36.61 17.38 1.96
N LYS C 190 37.87 17.33 2.39
CA LYS C 190 38.25 17.99 3.63
C LYS C 190 38.48 19.48 3.41
N GLU C 191 39.28 19.81 2.40
CA GLU C 191 39.54 21.22 2.13
C GLU C 191 38.30 21.92 1.59
N GLU C 192 37.38 21.18 0.96
CA GLU C 192 36.19 21.81 0.39
C GLU C 192 35.17 22.15 1.47
N LEU C 193 34.99 21.27 2.45
CA LEU C 193 33.97 21.43 3.48
C LEU C 193 34.58 21.76 4.85
N GLN C 194 35.61 22.61 4.85
CA GLN C 194 36.42 22.76 6.05
C GLN C 194 35.65 23.50 7.15
N ASP C 195 34.80 24.46 6.78
CA ASP C 195 34.03 25.22 7.76
C ASP C 195 32.52 25.13 7.56
N CYS C 196 32.05 24.24 6.69
CA CYS C 196 30.61 24.12 6.49
C CYS C 196 29.92 23.70 7.78
N LYS C 197 28.83 24.39 8.11
CA LYS C 197 28.16 24.25 9.39
C LYS C 197 26.72 23.79 9.23
N ILE C 198 26.45 22.94 8.24
CA ILE C 198 25.09 22.46 8.02
C ILE C 198 24.75 21.46 9.12
N SER C 199 25.42 20.32 9.10
CA SER C 199 25.36 19.34 10.19
C SER C 199 26.36 18.23 9.89
N PRO C 200 27.05 17.69 10.88
CA PRO C 200 27.93 16.54 10.59
C PRO C 200 27.17 15.36 10.03
N LEU C 201 25.96 15.09 10.53
CA LEU C 201 25.22 13.91 10.11
C LEU C 201 24.78 14.01 8.65
N MET C 202 24.22 15.17 8.27
CA MET C 202 23.79 15.33 6.88
C MET C 202 24.98 15.33 5.92
N VAL C 203 26.08 15.95 6.33
CA VAL C 203 27.28 15.93 5.49
C VAL C 203 27.73 14.49 5.27
N ALA C 204 27.77 13.70 6.35
CA ALA C 204 28.17 12.30 6.23
C ALA C 204 27.19 11.54 5.33
N TYR C 205 25.89 11.78 5.49
CA TYR C 205 24.91 11.06 4.70
C TYR C 205 25.07 11.37 3.22
N MET C 206 25.25 12.65 2.89
CA MET C 206 25.38 13.01 1.48
C MET C 206 26.70 12.54 0.90
N LEU C 207 27.78 12.54 1.69
CA LEU C 207 29.03 11.96 1.20
C LEU C 207 28.85 10.47 0.94
N GLU C 208 28.14 9.77 1.81
CA GLU C 208 27.86 8.36 1.59
C GLU C 208 27.09 8.17 0.29
N ARG C 209 26.07 9.00 0.08
CA ARG C 209 25.27 8.87 -1.14
C ARG C 209 26.12 9.13 -2.38
N GLU C 210 26.98 10.15 -2.34
CA GLU C 210 27.75 10.52 -3.51
C GLU C 210 28.82 9.49 -3.83
N LEU C 211 29.59 9.05 -2.83
CA LEU C 211 30.74 8.19 -3.10
C LEU C 211 30.36 6.72 -3.22
N VAL C 212 29.40 6.26 -2.43
CA VAL C 212 29.07 4.83 -2.41
C VAL C 212 28.33 4.47 -3.69
N ARG C 213 28.74 3.36 -4.29
CA ARG C 213 28.05 2.83 -5.45
C ARG C 213 26.79 2.08 -5.03
N LYS C 214 25.71 2.29 -5.78
CA LYS C 214 24.45 1.62 -5.51
C LYS C 214 23.89 1.14 -6.84
N THR C 215 23.21 0.00 -6.80
CA THR C 215 22.76 -0.69 -8.01
C THR C 215 21.34 -1.19 -7.79
N ARG C 216 20.54 -1.16 -8.86
CA ARG C 216 19.17 -1.65 -8.80
C ARG C 216 18.80 -2.25 -10.14
N PHE C 217 17.78 -3.10 -10.11
CA PHE C 217 17.34 -3.84 -11.26
C PHE C 217 16.16 -3.09 -11.89
N LEU C 218 16.24 -2.78 -13.18
CA LEU C 218 15.25 -1.93 -13.83
C LEU C 218 15.00 -2.43 -15.24
N PRO C 219 13.81 -2.18 -15.80
CA PRO C 219 13.55 -2.48 -17.21
C PRO C 219 14.09 -1.37 -18.09
N VAL C 220 15.10 -1.69 -18.89
CA VAL C 220 15.78 -0.72 -19.74
C VAL C 220 15.69 -1.17 -21.19
N ALA C 221 15.83 -0.19 -22.09
CA ALA C 221 15.94 -0.44 -23.52
C ALA C 221 16.94 0.57 -24.08
N GLY C 222 18.16 0.11 -24.35
CA GLY C 222 19.22 1.01 -24.73
C GLY C 222 19.86 1.66 -23.51
N GLY C 223 20.50 2.80 -23.75
CA GLY C 223 21.11 3.54 -22.66
C GLY C 223 22.15 2.73 -21.92
N THR C 224 21.81 2.32 -20.70
CA THR C 224 22.62 1.51 -19.79
C THR C 224 23.71 2.34 -19.10
N SER C 225 23.87 3.60 -19.46
CA SER C 225 24.85 4.47 -18.81
C SER C 225 24.26 5.10 -17.56
N SER C 226 25.13 5.44 -16.62
CA SER C 226 24.67 6.01 -15.36
C SER C 226 23.92 7.32 -15.58
N VAL C 227 24.47 8.19 -16.44
CA VAL C 227 23.81 9.46 -16.72
C VAL C 227 22.51 9.26 -17.50
N TYR C 228 22.42 8.20 -18.30
CA TYR C 228 21.23 7.93 -19.10
C TYR C 228 20.16 7.16 -18.32
N ILE C 229 20.46 6.69 -17.11
CA ILE C 229 19.48 5.94 -16.34
C ILE C 229 18.67 6.85 -15.41
N GLU C 230 19.26 7.96 -14.95
CA GLU C 230 18.51 8.88 -14.10
C GLU C 230 17.35 9.51 -14.85
N VAL C 231 17.47 9.67 -16.17
CA VAL C 231 16.40 10.19 -17.01
C VAL C 231 15.69 9.07 -17.77
N LEU C 232 15.78 7.84 -17.27
CA LEU C 232 15.15 6.72 -17.95
C LEU C 232 13.64 6.91 -18.08
N HIS C 233 13.03 7.68 -17.18
CA HIS C 233 11.60 7.95 -17.27
C HIS C 233 11.27 8.88 -18.43
N LEU C 234 12.22 9.71 -18.86
CA LEU C 234 11.97 10.71 -19.89
C LEU C 234 12.41 10.26 -21.28
N THR C 235 13.34 9.31 -21.38
CA THR C 235 13.87 8.89 -22.67
C THR C 235 13.21 7.64 -23.22
N GLN C 236 12.71 6.75 -22.37
CA GLN C 236 12.15 5.48 -22.80
C GLN C 236 10.72 5.35 -22.30
N GLY C 237 9.84 4.86 -23.17
CA GLY C 237 8.45 4.64 -22.82
C GLY C 237 7.91 3.33 -23.36
N THR C 238 6.59 3.18 -23.37
CA THR C 238 5.99 1.94 -23.84
C THR C 238 6.05 1.84 -25.36
N CYS C 239 5.81 2.95 -26.07
CA CYS C 239 5.80 2.93 -27.53
C CYS C 239 6.49 4.15 -28.12
N TRP C 240 7.32 4.86 -27.34
CA TRP C 240 7.97 6.06 -27.82
C TRP C 240 9.37 6.14 -27.22
N GLU C 241 10.31 6.65 -28.02
CA GLU C 241 11.67 6.89 -27.59
C GLU C 241 12.01 8.36 -27.82
N GLN C 242 12.58 8.99 -26.79
CA GLN C 242 12.94 10.40 -26.83
C GLN C 242 14.45 10.50 -26.72
N MET C 243 15.11 10.80 -27.84
CA MET C 243 16.56 10.94 -27.85
C MET C 243 16.96 12.10 -26.95
N TYR C 244 17.96 11.86 -26.10
CA TYR C 244 18.40 12.84 -25.12
C TYR C 244 19.90 12.69 -24.91
N THR C 245 20.56 13.83 -24.66
CA THR C 245 22.00 13.86 -24.41
C THR C 245 22.25 14.80 -23.24
N PRO C 246 22.51 14.26 -22.04
CA PRO C 246 22.73 15.13 -20.88
C PRO C 246 23.82 16.16 -21.10
N GLY C 247 23.87 17.19 -20.25
CA GLY C 247 24.84 18.26 -20.44
C GLY C 247 26.27 17.81 -20.27
N GLY C 248 26.49 16.73 -19.51
CA GLY C 248 27.86 16.25 -19.30
C GLY C 248 28.56 15.89 -20.59
N GLU C 249 27.84 15.23 -21.50
CA GLU C 249 28.42 14.81 -22.77
C GLU C 249 28.27 15.92 -23.81
N GLN F 1 4.54 -14.82 -48.34
CA GLN F 1 4.00 -16.13 -47.84
C GLN F 1 2.51 -16.35 -47.97
N VAL F 2 1.66 -15.32 -47.73
CA VAL F 2 0.22 -15.47 -47.89
C VAL F 2 -0.16 -14.92 -49.24
N GLN F 3 -0.63 -15.83 -50.13
CA GLN F 3 -1.23 -15.53 -51.40
C GLN F 3 -2.73 -15.58 -51.20
N LEU F 4 -3.49 -14.84 -52.02
CA LEU F 4 -4.92 -14.67 -51.82
C LEU F 4 -5.55 -14.68 -53.20
N GLN F 5 -6.67 -15.41 -53.38
CA GLN F 5 -7.41 -15.41 -54.63
C GLN F 5 -8.87 -15.16 -54.34
N GLU F 6 -9.43 -14.05 -54.85
CA GLU F 6 -10.84 -13.79 -54.77
C GLU F 6 -11.66 -14.46 -55.87
N SER F 7 -12.88 -14.89 -55.51
CA SER F 7 -13.86 -15.50 -56.40
C SER F 7 -15.22 -14.88 -56.11
N GLY F 8 -16.21 -15.09 -57.01
CA GLY F 8 -17.62 -14.75 -56.73
C GLY F 8 -18.11 -13.41 -57.18
N GLY F 9 -17.26 -12.58 -57.81
CA GLY F 9 -17.69 -11.33 -58.44
C GLY F 9 -18.42 -11.53 -59.76
N GLY F 10 -18.92 -10.43 -60.35
CA GLY F 10 -19.57 -10.45 -61.65
C GLY F 10 -20.55 -9.31 -61.84
N LEU F 11 -21.37 -9.42 -62.91
CA LEU F 11 -22.46 -8.51 -63.21
C LEU F 11 -23.71 -8.95 -62.49
N VAL F 12 -24.37 -8.02 -61.76
CA VAL F 12 -25.59 -8.32 -61.04
C VAL F 12 -26.58 -7.19 -61.15
N GLN F 13 -27.86 -7.57 -61.03
CA GLN F 13 -28.98 -6.69 -60.85
C GLN F 13 -28.94 -5.90 -59.54
N ALA F 14 -29.40 -4.64 -59.59
CA ALA F 14 -29.72 -3.86 -58.42
C ALA F 14 -30.78 -4.53 -57.57
N GLY F 15 -30.54 -4.57 -56.24
CA GLY F 15 -31.32 -5.33 -55.28
C GLY F 15 -30.97 -6.80 -55.22
N GLY F 16 -30.04 -7.26 -56.07
CA GLY F 16 -29.55 -8.63 -56.10
C GLY F 16 -28.59 -8.97 -54.99
N SER F 17 -28.02 -10.17 -55.06
CA SER F 17 -27.15 -10.69 -54.01
C SER F 17 -25.94 -11.35 -54.62
N LEU F 18 -24.82 -11.37 -53.89
CA LEU F 18 -23.56 -11.85 -54.40
C LEU F 18 -22.72 -12.41 -53.27
N ARG F 19 -22.07 -13.57 -53.45
CA ARG F 19 -21.21 -14.13 -52.41
C ARG F 19 -19.78 -14.13 -52.89
N LEU F 20 -18.98 -13.21 -52.36
CA LEU F 20 -17.57 -13.17 -52.62
C LEU F 20 -16.90 -14.17 -51.69
N SER F 21 -15.80 -14.75 -52.16
CA SER F 21 -15.00 -15.64 -51.35
C SER F 21 -13.55 -15.41 -51.67
N CYS F 22 -12.69 -15.50 -50.66
CA CYS F 22 -11.26 -15.31 -50.80
C CYS F 22 -10.59 -16.51 -50.23
N ALA F 23 -9.95 -17.31 -51.10
CA ALA F 23 -9.12 -18.41 -50.68
C ALA F 23 -7.71 -17.93 -50.42
N ALA F 24 -7.00 -18.57 -49.49
CA ALA F 24 -5.70 -18.08 -49.08
C ALA F 24 -4.73 -19.24 -48.91
N SER F 25 -3.41 -18.96 -48.87
CA SER F 25 -2.33 -19.95 -48.69
C SER F 25 -2.39 -20.92 -47.51
N TYR F 32 -4.64 -15.45 -38.29
CA TYR F 32 -4.68 -14.15 -38.96
C TYR F 32 -6.08 -13.62 -39.18
N THR F 33 -6.19 -12.30 -39.05
CA THR F 33 -7.40 -11.52 -39.31
C THR F 33 -7.48 -11.18 -40.77
N MET F 34 -8.71 -11.09 -41.30
CA MET F 34 -8.97 -10.80 -42.70
C MET F 34 -9.83 -9.57 -42.84
N GLY F 35 -9.66 -8.85 -43.96
CA GLY F 35 -10.49 -7.71 -44.32
C GLY F 35 -10.92 -7.79 -45.75
N TRP F 36 -12.06 -7.15 -46.06
CA TRP F 36 -12.49 -6.93 -47.43
C TRP F 36 -12.53 -5.45 -47.67
N PHE F 37 -11.97 -5.04 -48.82
CA PHE F 37 -11.81 -3.66 -49.17
C PHE F 37 -12.28 -3.55 -50.59
N ARG F 38 -12.65 -2.34 -51.04
CA ARG F 38 -13.08 -2.17 -52.40
C ARG F 38 -12.47 -0.95 -53.01
N GLN F 39 -12.34 -0.94 -54.34
CA GLN F 39 -11.80 0.18 -55.07
C GLN F 39 -12.68 0.45 -56.27
N ALA F 40 -13.35 1.62 -56.30
CA ALA F 40 -14.13 2.04 -57.44
C ALA F 40 -13.22 2.65 -58.50
N PRO F 41 -13.56 2.72 -59.78
CA PRO F 41 -12.63 3.14 -60.83
C PRO F 41 -12.04 4.53 -60.65
N GLY F 42 -12.75 5.44 -59.95
CA GLY F 42 -12.31 6.81 -59.73
C GLY F 42 -11.75 7.12 -58.37
N LYS F 43 -11.25 6.13 -57.62
CA LYS F 43 -10.86 6.37 -56.23
C LYS F 43 -9.83 5.36 -55.74
N GLU F 44 -9.32 5.59 -54.51
CA GLU F 44 -8.44 4.68 -53.80
C GLU F 44 -9.22 3.65 -52.99
N ARG F 45 -8.59 3.01 -51.98
CA ARG F 45 -9.23 1.99 -51.18
C ARG F 45 -10.34 2.48 -50.25
N GLU F 46 -11.44 1.72 -50.19
CA GLU F 46 -12.54 1.93 -49.26
C GLU F 46 -12.67 0.69 -48.40
N PHE F 47 -12.73 0.87 -47.06
CA PHE F 47 -13.03 -0.19 -46.12
C PHE F 47 -14.44 -0.74 -46.34
N VAL F 48 -14.59 -2.08 -46.43
CA VAL F 48 -15.90 -2.70 -46.53
C VAL F 48 -16.16 -3.43 -45.24
N THR F 49 -15.32 -4.42 -44.91
CA THR F 49 -15.53 -5.26 -43.73
C THR F 49 -14.21 -5.78 -43.17
N ALA F 50 -14.20 -6.23 -41.89
CA ALA F 50 -13.08 -6.94 -41.31
C ALA F 50 -13.55 -7.93 -40.25
N ILE F 51 -12.77 -9.00 -40.04
CA ILE F 51 -13.14 -10.09 -39.16
C ILE F 51 -11.92 -10.60 -38.45
N ALA F 58 -16.58 -8.68 -35.78
CA ALA F 58 -16.69 -8.27 -37.15
C ALA F 58 -17.05 -6.80 -37.16
N ASN F 59 -16.76 -6.10 -38.28
CA ASN F 59 -17.07 -4.69 -38.41
C ASN F 59 -17.37 -4.43 -39.87
N TYR F 60 -18.29 -3.47 -40.13
CA TYR F 60 -18.77 -3.14 -41.45
C TYR F 60 -18.81 -1.63 -41.55
N ALA F 61 -18.39 -1.06 -42.70
CA ALA F 61 -18.56 0.35 -42.97
C ALA F 61 -20.02 0.81 -43.08
N ASP F 62 -20.29 2.11 -42.86
CA ASP F 62 -21.65 2.66 -42.87
C ASP F 62 -22.41 2.46 -44.18
N SER F 63 -21.71 2.57 -45.32
CA SER F 63 -22.31 2.43 -46.64
C SER F 63 -22.76 1.01 -46.98
N VAL F 64 -22.25 0.00 -46.24
CA VAL F 64 -22.55 -1.40 -46.48
C VAL F 64 -23.18 -2.15 -45.31
N LYS F 65 -23.26 -1.54 -44.10
CA LYS F 65 -23.82 -2.20 -42.92
C LYS F 65 -25.29 -2.62 -43.05
N GLY F 66 -25.59 -3.84 -42.54
CA GLY F 66 -26.90 -4.48 -42.64
C GLY F 66 -27.16 -5.19 -43.94
N ARG F 67 -26.62 -4.67 -45.05
CA ARG F 67 -26.63 -5.33 -46.35
C ARG F 67 -25.64 -6.47 -46.47
N PHE F 68 -24.42 -6.28 -45.94
CA PHE F 68 -23.33 -7.22 -46.18
C PHE F 68 -22.84 -7.90 -44.90
N THR F 69 -22.45 -9.18 -45.00
CA THR F 69 -22.00 -10.03 -43.89
C THR F 69 -20.65 -10.65 -44.21
N ILE F 70 -19.66 -10.56 -43.29
CA ILE F 70 -18.35 -11.18 -43.44
C ILE F 70 -18.31 -12.43 -42.58
N SER F 71 -17.69 -13.50 -43.08
CA SER F 71 -17.58 -14.74 -42.35
C SER F 71 -16.32 -15.42 -42.80
N ARG F 72 -15.90 -16.46 -42.07
CA ARG F 72 -14.68 -17.16 -42.42
C ARG F 72 -14.79 -18.60 -42.01
N ASP F 73 -14.12 -19.47 -42.77
CA ASP F 73 -13.94 -20.85 -42.40
C ASP F 73 -12.45 -21.02 -42.28
N ASN F 74 -12.00 -21.26 -41.03
CA ASN F 74 -10.60 -21.45 -40.76
C ASN F 74 -10.15 -22.86 -41.11
N ALA F 75 -11.07 -23.81 -41.34
CA ALA F 75 -10.75 -25.14 -41.77
C ALA F 75 -10.64 -25.25 -43.29
N LYS F 76 -11.35 -24.39 -44.03
CA LYS F 76 -11.21 -24.28 -45.47
C LYS F 76 -10.15 -23.28 -45.87
N ASN F 77 -9.70 -22.45 -44.90
CA ASN F 77 -8.84 -21.31 -45.12
C ASN F 77 -9.39 -20.25 -46.05
N THR F 78 -10.66 -19.86 -45.80
CA THR F 78 -11.40 -18.97 -46.70
C THR F 78 -12.15 -17.93 -45.92
N ALA F 79 -12.15 -16.67 -46.42
CA ALA F 79 -13.02 -15.63 -45.90
C ALA F 79 -14.09 -15.30 -46.93
N TYR F 80 -15.33 -15.08 -46.48
CA TYR F 80 -16.46 -14.85 -47.37
C TYR F 80 -17.06 -13.49 -47.11
N LEU F 81 -17.59 -12.86 -48.18
CA LEU F 81 -18.36 -11.64 -48.06
C LEU F 81 -19.70 -11.88 -48.73
N GLN F 82 -20.78 -11.93 -47.93
CA GLN F 82 -22.11 -12.16 -48.45
C GLN F 82 -22.76 -10.82 -48.63
N MET F 83 -22.95 -10.40 -49.88
CA MET F 83 -23.51 -9.14 -50.24
C MET F 83 -24.96 -9.33 -50.64
N ASN F 84 -25.88 -8.51 -50.10
CA ASN F 84 -27.30 -8.57 -50.42
C ASN F 84 -27.80 -7.17 -50.70
N SER F 85 -28.96 -7.06 -51.38
CA SER F 85 -29.64 -5.80 -51.72
C SER F 85 -28.74 -4.75 -52.31
N LEU F 86 -27.94 -5.19 -53.31
CA LEU F 86 -26.90 -4.43 -53.95
C LEU F 86 -27.36 -3.16 -54.66
N LYS F 87 -26.49 -2.14 -54.62
CA LYS F 87 -26.74 -0.85 -55.21
C LYS F 87 -25.74 -0.59 -56.32
N PRO F 88 -26.03 0.22 -57.35
CA PRO F 88 -25.07 0.64 -58.36
C PRO F 88 -23.78 1.25 -57.82
N GLU F 89 -23.82 1.76 -56.57
CA GLU F 89 -22.71 2.36 -55.87
C GLU F 89 -21.80 1.34 -55.19
N ASP F 90 -22.16 0.04 -55.26
CA ASP F 90 -21.29 -1.00 -54.80
C ASP F 90 -20.32 -1.47 -55.90
N THR F 91 -20.50 -1.00 -57.15
CA THR F 91 -19.64 -1.29 -58.31
C THR F 91 -18.19 -0.91 -58.12
N ALA F 92 -17.35 -1.94 -57.92
CA ALA F 92 -15.96 -1.77 -57.57
C ALA F 92 -15.23 -3.08 -57.76
N VAL F 93 -13.89 -3.02 -57.73
CA VAL F 93 -13.07 -4.21 -57.58
C VAL F 93 -12.96 -4.50 -56.09
N TYR F 94 -13.37 -5.70 -55.65
CA TYR F 94 -13.35 -6.05 -54.24
C TYR F 94 -12.11 -6.87 -53.96
N TYR F 95 -11.27 -6.37 -53.04
CA TYR F 95 -9.98 -6.96 -52.72
C TYR F 95 -10.07 -7.54 -51.34
N CYS F 96 -9.49 -8.72 -51.19
CA CYS F 96 -9.31 -9.40 -49.93
C CYS F 96 -7.94 -9.05 -49.38
N ALA F 97 -7.82 -8.96 -48.04
CA ALA F 97 -6.57 -8.60 -47.45
C ALA F 97 -6.32 -9.33 -46.14
N GLY F 98 -5.06 -9.74 -45.92
CA GLY F 98 -4.62 -10.41 -44.71
C GLY F 98 -3.53 -9.63 -44.01
N LYS F 99 -3.56 -9.64 -42.67
CA LYS F 99 -2.67 -8.86 -41.83
C LYS F 99 -2.04 -9.74 -40.77
N THR F 100 -0.90 -9.33 -40.19
CA THR F 100 -0.40 -9.97 -38.99
C THR F 100 -1.29 -9.71 -37.75
N ASP F 111 -0.86 -6.40 -44.81
CA ASP F 111 0.34 -6.58 -45.61
C ASP F 111 0.14 -7.41 -46.86
N TYR F 112 -0.82 -8.35 -46.84
CA TYR F 112 -1.05 -9.26 -47.94
C TYR F 112 -2.36 -8.90 -48.57
N TRP F 113 -2.35 -8.67 -49.89
CA TRP F 113 -3.49 -8.20 -50.64
C TRP F 113 -3.71 -9.10 -51.83
N GLY F 114 -4.98 -9.49 -52.06
CA GLY F 114 -5.37 -10.15 -53.29
C GLY F 114 -5.30 -9.27 -54.50
N GLN F 115 -5.67 -9.82 -55.66
CA GLN F 115 -5.63 -9.08 -56.91
C GLN F 115 -6.96 -8.41 -57.15
N GLY F 116 -8.00 -8.85 -56.42
CA GLY F 116 -9.33 -8.28 -56.46
C GLY F 116 -10.24 -8.93 -57.47
N THR F 117 -11.54 -8.98 -57.15
CA THR F 117 -12.58 -9.52 -58.04
C THR F 117 -13.58 -8.44 -58.39
N GLN F 118 -13.86 -8.26 -59.68
CA GLN F 118 -14.76 -7.24 -60.18
C GLN F 118 -16.21 -7.50 -59.84
N VAL F 119 -16.87 -6.52 -59.20
CA VAL F 119 -18.29 -6.55 -58.93
C VAL F 119 -18.92 -5.36 -59.61
N THR F 120 -19.95 -5.61 -60.45
CA THR F 120 -20.59 -4.56 -61.21
C THR F 120 -22.08 -4.68 -61.02
N VAL F 121 -22.70 -3.65 -60.43
CA VAL F 121 -24.09 -3.68 -60.04
C VAL F 121 -24.82 -2.65 -60.86
N SER F 122 -25.98 -3.02 -61.44
CA SER F 122 -26.63 -2.15 -62.40
C SER F 122 -28.12 -2.46 -62.47
#